data_5T73
#
_entry.id   5T73
#
_cell.length_a   95.692
_cell.length_b   111.456
_cell.length_c   128.063
_cell.angle_alpha   90.00
_cell.angle_beta   90.00
_cell.angle_gamma   90.00
#
_symmetry.space_group_name_H-M   'P 21 21 21'
#
loop_
_entity.id
_entity.type
_entity.pdbx_description
1 polymer 'Glyceraldehyde-3-phosphate dehydrogenase 1'
2 non-polymer 'SODIUM ION'
3 water water
#
_entity_poly.entity_id   1
_entity_poly.type   'polypeptide(L)'
_entity_poly.pdbx_seq_one_letter_code
;MAVKVAINGFGRIGRLAFRRIQEVEGLEVVAVNDLTDDDMLAHLLKYDTMQGRFTGEVEVVDGGFRVNGKEVKSFSEPDA
SKLPWKDLNIDVVLECTGFYTDKDKAQAHIEAGAKKVLISAPATGDLKTIVFNTNHQELDGSETVVSGAS(OCS)TTNSL
APVAKVLNDDFGLVEGLMTTIHAYTGDQNTQDAPHRKGDKRRARAAAENIIPNSTGAAKAIGKVIPEIDGKLDGGAQRVP
VATGSLTELTVVLEKQDVTVEQVNEAMKNASNESFGYTEDEIVSSDVVGMTYGSLFDATQTRVMSVGDRQLVKVAAWYDN
EMSYTAQLVRTLAYLAELSK
;
_entity_poly.pdbx_strand_id   A,B,C,D
#
# COMPACT_ATOMS: atom_id res chain seq x y z
N ALA A 2 30.92 13.93 28.48
CA ALA A 2 29.73 13.34 27.92
C ALA A 2 28.52 14.01 28.53
N VAL A 3 27.64 14.51 27.67
CA VAL A 3 26.37 15.08 28.08
C VAL A 3 25.40 13.98 28.47
N LYS A 4 24.85 14.05 29.67
CA LYS A 4 23.97 13.00 30.14
C LYS A 4 22.54 13.24 29.68
N VAL A 5 22.03 12.34 28.84
CA VAL A 5 20.73 12.54 28.23
C VAL A 5 19.72 11.52 28.70
N ALA A 6 18.55 12.02 29.04
CA ALA A 6 17.42 11.19 29.43
C ALA A 6 16.34 11.29 28.39
N ILE A 7 15.79 10.14 28.01
CA ILE A 7 14.63 10.10 27.14
C ILE A 7 13.35 9.73 27.90
N ASN A 8 12.35 10.60 27.85
CA ASN A 8 11.07 10.28 28.46
C ASN A 8 10.03 9.91 27.41
N GLY A 9 9.70 8.62 27.34
CA GLY A 9 8.82 8.10 26.32
C GLY A 9 9.59 7.53 25.16
N PHE A 10 9.37 6.25 24.88
CA PHE A 10 10.12 5.52 23.88
C PHE A 10 9.25 5.16 22.70
N GLY A 11 8.61 6.16 22.14
CA GLY A 11 7.82 5.98 20.94
C GLY A 11 8.69 6.16 19.72
N ARG A 12 8.07 6.48 18.59
CA ARG A 12 8.79 6.69 17.35
C ARG A 12 9.83 7.79 17.58
N ILE A 13 9.36 8.97 17.98
CA ILE A 13 10.23 10.08 18.29
C ILE A 13 11.34 9.67 19.25
N GLY A 14 10.96 9.04 20.35
CA GLY A 14 11.90 8.70 21.38
C GLY A 14 12.88 7.62 21.04
N ARG A 15 12.56 6.73 20.11
CA ARG A 15 13.50 5.67 19.75
C ARG A 15 14.45 6.11 18.65
N LEU A 16 13.98 7.00 17.78
CA LEU A 16 14.81 7.54 16.74
C LEU A 16 15.85 8.45 17.35
N ALA A 17 15.47 9.17 18.39
CA ALA A 17 16.41 10.00 19.13
C ALA A 17 17.54 9.16 19.67
N PHE A 18 17.20 8.05 20.28
CA PHE A 18 18.20 7.14 20.80
C PHE A 18 19.15 6.72 19.71
N ARG A 19 18.61 6.37 18.56
CA ARG A 19 19.41 5.89 17.45
C ARG A 19 20.31 6.98 16.90
N ARG A 20 19.77 8.18 16.79
CA ARG A 20 20.52 9.27 16.21
C ARG A 20 21.65 9.67 17.14
N ILE A 21 21.45 9.48 18.42
CA ILE A 21 22.43 9.92 19.39
C ILE A 21 23.64 9.01 19.35
N GLN A 22 23.48 7.79 18.86
CA GLN A 22 24.66 6.93 18.68
C GLN A 22 25.65 7.56 17.72
N GLU A 23 25.17 8.37 16.79
CA GLU A 23 26.00 8.91 15.73
C GLU A 23 26.50 10.28 16.05
N VAL A 24 26.20 10.76 17.25
CA VAL A 24 26.67 12.06 17.68
C VAL A 24 27.56 11.87 18.88
N GLU A 25 28.81 12.29 18.76
CA GLU A 25 29.74 12.11 19.88
C GLU A 25 29.61 13.27 20.84
N GLY A 26 29.76 12.97 22.12
CA GLY A 26 29.50 13.94 23.16
C GLY A 26 28.22 13.61 23.92
N LEU A 27 27.19 13.13 23.22
CA LEU A 27 25.88 12.85 23.82
C LEU A 27 25.70 11.39 24.19
N GLU A 28 25.13 11.12 25.34
CA GLU A 28 24.91 9.75 25.79
C GLU A 28 23.55 9.59 26.43
N VAL A 29 22.73 8.68 25.90
CA VAL A 29 21.48 8.36 26.58
C VAL A 29 21.80 7.49 27.77
N VAL A 30 21.46 7.96 28.97
CA VAL A 30 21.75 7.17 30.15
C VAL A 30 20.48 6.55 30.71
N ALA A 31 19.35 7.21 30.51
CA ALA A 31 18.11 6.67 31.04
C ALA A 31 16.94 6.79 30.08
N VAL A 32 16.10 5.77 30.06
CA VAL A 32 14.84 5.79 29.30
C VAL A 32 13.66 5.49 30.21
N ASN A 33 12.64 6.35 30.17
CA ASN A 33 11.42 6.09 30.91
C ASN A 33 10.27 5.76 29.94
N ASP A 34 9.67 4.59 30.13
CA ASP A 34 8.53 4.17 29.33
C ASP A 34 7.79 3.04 30.04
N LEU A 35 6.45 3.15 30.08
CA LEU A 35 5.62 2.25 30.88
C LEU A 35 5.59 0.84 30.31
N THR A 36 5.85 0.73 29.01
CA THR A 36 6.02 -0.54 28.32
C THR A 36 7.16 -1.33 28.92
N ASP A 37 7.01 -2.64 29.04
CA ASP A 37 8.09 -3.47 29.56
C ASP A 37 9.32 -3.43 28.65
N ASP A 38 10.47 -3.71 29.24
CA ASP A 38 11.74 -3.51 28.55
C ASP A 38 11.92 -4.45 27.39
N ASP A 39 11.31 -5.61 27.48
CA ASP A 39 11.51 -6.63 26.46
C ASP A 39 10.95 -6.21 25.12
N MET A 40 9.72 -5.72 25.14
CA MET A 40 9.09 -5.24 23.95
C MET A 40 9.80 -4.00 23.43
N LEU A 41 10.17 -3.09 24.31
CA LEU A 41 10.87 -1.87 23.88
C LEU A 41 12.15 -2.22 23.14
N ALA A 42 12.90 -3.16 23.69
CA ALA A 42 14.11 -3.62 23.07
C ALA A 42 13.80 -4.14 21.68
N HIS A 43 12.66 -4.78 21.51
CA HIS A 43 12.32 -5.39 20.24
C HIS A 43 12.01 -4.33 19.19
N LEU A 44 11.37 -3.24 19.59
CA LEU A 44 11.02 -2.18 18.67
C LEU A 44 12.23 -1.28 18.43
N LEU A 45 13.25 -1.44 19.24
CA LEU A 45 14.47 -0.70 19.01
C LEU A 45 15.26 -1.41 17.95
N LYS A 46 15.34 -2.71 18.14
CA LYS A 46 16.14 -3.57 17.31
C LYS A 46 15.58 -3.67 15.89
N TYR A 47 14.26 -3.53 15.76
CA TYR A 47 13.62 -3.68 14.45
C TYR A 47 12.74 -2.49 14.11
N ASP A 48 12.85 -2.03 12.88
CA ASP A 48 12.17 -0.82 12.49
C ASP A 48 11.74 -0.97 11.05
N THR A 49 10.45 -0.85 10.80
CA THR A 49 9.88 -1.14 9.49
C THR A 49 10.43 -0.19 8.45
N MET A 50 10.49 1.08 8.78
CA MET A 50 10.99 2.06 7.82
C MET A 50 12.44 2.49 8.02
N GLN A 51 12.97 2.39 9.23
CA GLN A 51 14.26 3.01 9.52
C GLN A 51 15.40 2.01 9.58
N GLY A 52 15.08 0.73 9.70
CA GLY A 52 16.06 -0.31 9.51
C GLY A 52 16.44 -1.01 10.78
N ARG A 53 17.26 -2.05 10.69
CA ARG A 53 17.76 -2.73 11.87
C ARG A 53 18.67 -1.77 12.64
N PHE A 54 18.79 -2.01 13.94
CA PHE A 54 19.62 -1.19 14.77
C PHE A 54 21.05 -1.53 14.53
N THR A 55 21.80 -0.55 14.08
CA THR A 55 23.21 -0.75 13.85
C THR A 55 23.92 -0.95 15.18
N GLY A 56 23.93 -2.18 15.66
CA GLY A 56 24.60 -2.50 16.90
C GLY A 56 23.97 -3.69 17.59
N GLU A 57 24.06 -3.71 18.91
CA GLU A 57 23.53 -4.82 19.68
C GLU A 57 22.76 -4.33 20.88
N VAL A 58 21.57 -4.88 21.07
CA VAL A 58 20.65 -4.50 22.13
C VAL A 58 20.30 -5.73 22.98
N GLU A 59 20.33 -5.58 24.30
CA GLU A 59 19.86 -6.67 25.15
C GLU A 59 19.38 -6.19 26.51
N VAL A 60 18.33 -6.82 27.00
CA VAL A 60 17.74 -6.47 28.28
C VAL A 60 18.56 -7.08 29.39
N VAL A 61 19.08 -6.20 30.25
CA VAL A 61 19.80 -6.65 31.43
C VAL A 61 18.97 -6.23 32.63
N ASP A 62 19.50 -6.40 33.83
CA ASP A 62 18.70 -6.23 35.03
C ASP A 62 17.99 -4.87 35.08
N GLY A 63 18.75 -3.79 35.24
CA GLY A 63 18.15 -2.48 35.42
C GLY A 63 17.82 -1.71 34.15
N GLY A 64 17.74 -2.42 33.04
CA GLY A 64 17.51 -1.75 31.77
C GLY A 64 18.15 -2.46 30.60
N PHE A 65 18.82 -1.72 29.74
CA PHE A 65 19.49 -2.31 28.58
C PHE A 65 20.99 -2.10 28.55
N ARG A 66 21.67 -2.97 27.81
CA ARG A 66 23.06 -2.79 27.46
C ARG A 66 23.14 -2.60 25.96
N VAL A 67 23.42 -1.37 25.56
CA VAL A 67 23.49 -1.02 24.14
C VAL A 67 24.90 -0.68 23.72
N ASN A 68 25.49 -1.50 22.86
CA ASN A 68 26.82 -1.28 22.36
C ASN A 68 27.83 -1.12 23.51
N GLY A 69 27.72 -2.03 24.48
CA GLY A 69 28.63 -2.06 25.60
C GLY A 69 28.42 -0.89 26.54
N LYS A 70 27.27 -0.24 26.42
CA LYS A 70 26.95 0.85 27.34
C LYS A 70 25.67 0.57 28.09
N GLU A 71 25.55 1.14 29.29
CA GLU A 71 24.41 0.91 30.16
CA GLU A 71 24.41 0.91 30.16
C GLU A 71 23.32 1.95 29.95
N VAL A 72 22.11 1.51 29.64
CA VAL A 72 20.99 2.44 29.60
C VAL A 72 20.02 2.08 30.71
N LYS A 73 19.84 2.99 31.66
CA LYS A 73 18.92 2.76 32.74
C LYS A 73 17.49 2.85 32.25
N SER A 74 16.62 2.01 32.80
CA SER A 74 15.22 1.96 32.37
C SER A 74 14.23 2.09 33.51
N PHE A 75 13.31 3.01 33.36
CA PHE A 75 12.28 3.24 34.37
C PHE A 75 10.88 3.07 33.78
N SER A 76 9.92 2.78 34.64
CA SER A 76 8.52 2.61 34.24
C SER A 76 7.63 3.46 35.11
N GLU A 77 7.79 4.77 35.00
CA GLU A 77 7.30 5.71 35.99
C GLU A 77 6.43 6.83 35.40
N PRO A 78 5.13 6.81 35.69
CA PRO A 78 4.16 7.76 35.15
C PRO A 78 4.39 9.20 35.59
N ASP A 79 5.06 9.39 36.72
CA ASP A 79 5.24 10.71 37.30
C ASP A 79 6.65 11.24 37.09
N ALA A 80 6.79 12.23 36.21
CA ALA A 80 8.10 12.75 35.85
C ALA A 80 8.87 13.25 37.08
N SER A 81 8.18 13.95 37.97
CA SER A 81 8.80 14.55 39.15
C SER A 81 9.35 13.54 40.13
N LYS A 82 9.19 12.26 39.82
CA LYS A 82 9.67 11.21 40.70
C LYS A 82 10.83 10.46 40.05
N LEU A 83 11.23 10.93 38.87
CA LEU A 83 12.33 10.29 38.17
C LEU A 83 13.68 10.74 38.73
N PRO A 84 14.64 9.80 38.82
CA PRO A 84 15.92 10.07 39.49
C PRO A 84 16.89 10.86 38.64
N TRP A 85 16.43 11.99 38.12
CA TRP A 85 17.27 12.79 37.26
C TRP A 85 18.44 13.45 37.97
N LYS A 86 18.28 13.81 39.23
CA LYS A 86 19.41 14.40 39.92
C LYS A 86 20.40 13.29 40.25
N ASP A 87 19.89 12.10 40.51
CA ASP A 87 20.76 10.97 40.83
C ASP A 87 21.76 10.69 39.72
N LEU A 88 21.39 11.06 38.50
CA LEU A 88 22.14 10.66 37.31
C LEU A 88 22.82 11.83 36.61
N ASN A 89 22.65 13.01 37.17
CA ASN A 89 23.22 14.22 36.59
C ASN A 89 22.77 14.44 35.18
N ILE A 90 21.47 14.37 34.96
CA ILE A 90 20.91 14.57 33.65
C ILE A 90 21.15 15.99 33.20
N ASP A 91 21.67 16.14 31.99
CA ASP A 91 21.93 17.47 31.50
C ASP A 91 20.74 17.99 30.77
N VAL A 92 20.11 17.14 29.96
CA VAL A 92 18.88 17.52 29.27
C VAL A 92 17.97 16.33 29.03
N VAL A 93 16.69 16.52 29.33
CA VAL A 93 15.67 15.51 29.08
C VAL A 93 15.04 15.76 27.74
N LEU A 94 14.96 14.71 26.93
CA LEU A 94 14.10 14.75 25.76
C LEU A 94 12.72 14.22 26.17
N GLU A 95 11.73 15.10 26.17
CA GLU A 95 10.40 14.76 26.64
C GLU A 95 9.48 14.42 25.47
N CYS A 96 9.21 13.13 25.28
CA CYS A 96 8.43 12.64 24.14
C CYS A 96 7.18 11.84 24.47
N THR A 97 6.46 12.16 25.52
CA THR A 97 5.35 11.30 25.89
C THR A 97 4.02 11.83 25.42
N GLY A 98 3.92 13.14 25.27
CA GLY A 98 2.66 13.77 24.93
C GLY A 98 1.97 14.39 26.12
N PHE A 99 2.38 13.97 27.31
CA PHE A 99 1.69 14.37 28.52
C PHE A 99 2.24 15.62 29.18
N TYR A 100 3.40 16.08 28.73
CA TYR A 100 4.02 17.25 29.35
C TYR A 100 4.24 18.39 28.37
N THR A 101 3.30 18.59 27.47
CA THR A 101 3.46 19.58 26.43
C THR A 101 2.99 20.96 26.85
N ASP A 102 3.41 21.35 28.04
CA ASP A 102 3.17 22.68 28.59
C ASP A 102 4.37 23.11 29.43
N LYS A 103 4.65 24.40 29.46
CA LYS A 103 5.75 24.97 30.23
C LYS A 103 5.79 24.53 31.68
N ASP A 104 4.66 24.68 32.36
CA ASP A 104 4.50 24.36 33.77
C ASP A 104 4.38 22.87 34.04
N LYS A 105 3.85 22.13 33.07
CA LYS A 105 3.80 20.67 33.21
C LYS A 105 5.20 20.08 33.11
N ALA A 106 5.91 20.48 32.06
CA ALA A 106 7.25 19.96 31.78
C ALA A 106 8.22 20.33 32.89
N GLN A 107 7.86 21.35 33.65
CA GLN A 107 8.65 21.77 34.79
C GLN A 107 8.89 20.66 35.80
N ALA A 108 8.11 19.58 35.70
CA ALA A 108 8.26 18.46 36.62
C ALA A 108 9.61 17.83 36.46
N HIS A 109 10.11 17.80 35.24
CA HIS A 109 11.41 17.22 34.95
C HIS A 109 12.53 17.95 35.66
N ILE A 110 12.39 19.26 35.77
CA ILE A 110 13.37 20.11 36.41
C ILE A 110 13.42 19.85 37.92
N GLU A 111 12.26 19.67 38.53
CA GLU A 111 12.18 19.37 39.94
C GLU A 111 12.79 18.00 40.23
N ALA A 112 12.79 17.13 39.24
CA ALA A 112 13.29 15.77 39.43
C ALA A 112 14.80 15.73 39.30
N GLY A 113 15.39 16.78 38.75
CA GLY A 113 16.84 16.86 38.73
C GLY A 113 17.50 17.29 37.44
N ALA A 114 16.81 17.13 36.33
CA ALA A 114 17.36 17.49 35.03
C ALA A 114 17.73 18.95 35.00
N LYS A 115 18.78 19.28 34.26
CA LYS A 115 19.17 20.67 34.13
C LYS A 115 18.22 21.35 33.17
N LYS A 116 17.93 20.69 32.05
CA LYS A 116 17.05 21.31 31.08
C LYS A 116 16.07 20.32 30.44
N VAL A 117 14.99 20.83 29.85
CA VAL A 117 14.04 19.97 29.15
C VAL A 117 13.74 20.46 27.75
N LEU A 118 13.90 19.58 26.75
CA LEU A 118 13.40 19.85 25.40
C LEU A 118 12.14 19.04 25.08
N ILE A 119 11.04 19.73 24.81
CA ILE A 119 9.79 19.04 24.48
C ILE A 119 9.71 18.74 23.01
N SER A 120 9.55 17.46 22.70
CA SER A 120 9.53 17.02 21.32
C SER A 120 8.14 17.19 20.74
N ALA A 121 7.64 18.42 20.75
CA ALA A 121 6.26 18.70 20.38
C ALA A 121 6.03 20.18 20.60
N PRO A 122 5.01 20.75 19.98
CA PRO A 122 4.66 22.12 20.35
C PRO A 122 4.28 22.17 21.82
N ALA A 123 4.27 23.35 22.44
CA ALA A 123 3.96 23.40 23.86
C ALA A 123 3.30 24.71 24.25
N THR A 124 2.35 24.63 25.16
CA THR A 124 1.73 25.82 25.70
C THR A 124 2.60 26.32 26.84
N GLY A 125 2.38 27.55 27.27
CA GLY A 125 3.11 28.10 28.38
C GLY A 125 4.04 29.21 27.95
N ASP A 126 4.86 29.69 28.87
CA ASP A 126 5.84 30.72 28.54
C ASP A 126 7.20 30.09 28.37
N LEU A 127 7.37 29.44 27.23
CA LEU A 127 8.64 28.87 26.81
C LEU A 127 8.94 29.27 25.39
N LYS A 128 10.20 29.13 25.00
CA LYS A 128 10.57 29.39 23.62
C LYS A 128 10.42 28.13 22.80
N THR A 129 9.99 28.29 21.56
CA THR A 129 9.89 27.20 20.60
C THR A 129 11.03 27.30 19.62
N ILE A 130 11.80 26.22 19.49
CA ILE A 130 13.04 26.34 18.73
C ILE A 130 13.20 25.39 17.54
N VAL A 131 13.42 25.98 16.36
CA VAL A 131 13.89 25.26 15.18
C VAL A 131 15.37 25.53 15.00
N PHE A 132 16.22 24.53 15.23
CA PHE A 132 17.66 24.71 15.08
C PHE A 132 18.04 25.24 13.71
N ASN A 133 19.06 26.10 13.70
CA ASN A 133 19.53 26.86 12.54
C ASN A 133 18.50 27.75 11.89
N THR A 134 17.43 28.03 12.61
CA THR A 134 16.49 29.02 12.14
C THR A 134 16.36 30.10 13.19
N ASN A 135 16.24 29.68 14.44
CA ASN A 135 16.05 30.64 15.51
C ASN A 135 16.61 30.18 16.85
N HIS A 136 17.56 29.27 16.87
CA HIS A 136 18.05 28.84 18.16
C HIS A 136 18.98 29.87 18.78
N GLN A 137 19.22 30.95 18.05
CA GLN A 137 20.07 32.02 18.55
C GLN A 137 19.33 32.81 19.62
N GLU A 138 18.03 32.58 19.72
CA GLU A 138 17.23 33.28 20.71
C GLU A 138 17.42 32.71 22.10
N LEU A 139 17.93 31.50 22.18
CA LEU A 139 18.22 30.90 23.46
C LEU A 139 19.33 31.67 24.18
N ASP A 140 19.03 32.20 25.37
CA ASP A 140 19.99 33.02 26.09
C ASP A 140 20.55 32.31 27.33
N GLY A 141 20.31 31.02 27.44
CA GLY A 141 20.90 30.23 28.50
C GLY A 141 20.05 30.15 29.76
N SER A 142 19.06 31.02 29.85
CA SER A 142 18.22 31.08 31.04
C SER A 142 17.01 30.17 30.96
N GLU A 143 16.91 29.38 29.89
CA GLU A 143 15.76 28.53 29.71
C GLU A 143 15.99 27.13 30.25
N THR A 144 15.07 26.68 31.09
CA THR A 144 15.10 25.31 31.58
C THR A 144 14.17 24.42 30.76
N VAL A 145 13.14 25.01 30.17
CA VAL A 145 12.13 24.26 29.44
C VAL A 145 11.91 24.86 28.06
N VAL A 146 12.07 24.04 27.02
CA VAL A 146 12.05 24.51 25.64
C VAL A 146 11.23 23.58 24.72
N SER A 147 10.56 24.14 23.72
CA SER A 147 9.83 23.34 22.73
C SER A 147 10.64 23.18 21.46
N GLY A 148 10.64 21.96 20.93
CA GLY A 148 11.35 21.69 19.70
C GLY A 148 10.47 21.86 18.49
N ALA A 149 9.32 22.49 18.69
CA ALA A 149 8.32 22.67 17.65
C ALA A 149 7.82 21.33 17.12
N SER A 150 7.14 21.35 15.98
CA SER A 150 6.66 20.10 15.40
C SER A 150 7.43 19.73 14.15
N THR A 152 6.46 19.43 11.20
CA THR A 152 6.15 20.20 10.01
C THR A 152 6.82 21.58 10.07
N THR A 153 6.78 22.20 11.24
CA THR A 153 7.41 23.50 11.46
C THR A 153 8.89 23.46 11.12
N ASN A 154 9.55 22.39 11.51
CA ASN A 154 10.97 22.26 11.23
C ASN A 154 11.31 22.17 9.74
N SER A 155 10.34 21.89 8.90
CA SER A 155 10.59 21.81 7.47
C SER A 155 10.09 23.05 6.76
N LEU A 156 9.31 23.85 7.48
CA LEU A 156 8.73 25.06 6.93
C LEU A 156 9.62 26.27 7.18
N ALA A 157 10.14 26.38 8.40
CA ALA A 157 10.84 27.57 8.87
C ALA A 157 12.02 28.04 8.01
N PRO A 158 12.93 27.13 7.63
CA PRO A 158 14.05 27.66 6.88
C PRO A 158 13.64 28.22 5.53
N VAL A 159 12.55 27.71 4.99
CA VAL A 159 12.06 28.16 3.69
C VAL A 159 11.35 29.50 3.80
N ALA A 160 10.51 29.65 4.82
CA ALA A 160 9.78 30.88 5.03
C ALA A 160 10.74 32.00 5.37
N LYS A 161 11.75 31.67 6.16
CA LYS A 161 12.75 32.66 6.56
C LYS A 161 13.40 33.30 5.37
N VAL A 162 13.86 32.46 4.46
CA VAL A 162 14.53 32.94 3.27
C VAL A 162 13.57 33.71 2.39
N LEU A 163 12.35 33.26 2.28
CA LEU A 163 11.42 33.93 1.39
C LEU A 163 11.09 35.29 1.96
N ASN A 164 11.05 35.38 3.28
CA ASN A 164 10.76 36.66 3.91
C ASN A 164 11.97 37.57 3.88
N ASP A 165 13.16 37.02 4.05
CA ASP A 165 14.37 37.84 4.10
C ASP A 165 14.75 38.41 2.75
N ASP A 166 14.82 37.55 1.75
CA ASP A 166 15.28 37.96 0.43
C ASP A 166 14.20 38.62 -0.41
N PHE A 167 12.94 38.26 -0.17
CA PHE A 167 11.81 38.90 -0.84
C PHE A 167 10.81 39.22 0.24
N GLY A 168 9.77 39.98 -0.06
CA GLY A 168 8.85 40.31 1.01
C GLY A 168 7.65 39.39 1.13
N LEU A 169 7.65 38.47 2.10
CA LEU A 169 6.51 37.58 2.31
C LEU A 169 5.24 38.30 2.75
N VAL A 170 4.27 38.40 1.85
CA VAL A 170 2.98 39.00 2.18
C VAL A 170 2.11 38.02 2.96
N GLU A 171 1.84 36.87 2.36
CA GLU A 171 1.01 35.83 2.94
C GLU A 171 1.25 34.53 2.23
N GLY A 172 0.87 33.42 2.84
CA GLY A 172 1.02 32.14 2.17
C GLY A 172 0.08 31.07 2.67
N LEU A 173 0.03 29.97 1.90
CA LEU A 173 -0.76 28.82 2.28
C LEU A 173 0.03 27.56 2.02
N MET A 174 -0.27 26.52 2.78
CA MET A 174 0.58 25.35 2.84
C MET A 174 -0.21 24.04 2.71
N THR A 175 0.35 23.07 2.00
CA THR A 175 -0.14 21.70 2.06
C THR A 175 1.03 20.76 2.23
N THR A 176 1.02 19.96 3.28
CA THR A 176 1.98 18.90 3.40
C THR A 176 1.40 17.59 2.92
N ILE A 177 1.97 17.01 1.88
CA ILE A 177 1.62 15.66 1.49
C ILE A 177 2.41 14.76 2.41
N HIS A 178 1.75 14.31 3.45
CA HIS A 178 2.42 13.76 4.61
C HIS A 178 2.20 12.27 4.71
N ALA A 179 3.22 11.54 5.13
CA ALA A 179 3.07 10.14 5.40
C ALA A 179 1.98 9.93 6.44
N TYR A 180 1.47 8.72 6.58
CA TYR A 180 0.47 8.50 7.59
C TYR A 180 1.17 8.20 8.90
N THR A 181 0.50 8.48 10.01
CA THR A 181 1.08 8.34 11.33
C THR A 181 0.30 7.38 12.22
N GLY A 182 0.81 7.11 13.40
CA GLY A 182 0.26 6.05 14.24
C GLY A 182 -0.98 6.40 15.02
N ASP A 183 -1.51 7.59 14.77
CA ASP A 183 -2.69 8.07 15.45
C ASP A 183 -3.83 8.03 14.46
N GLN A 184 -3.53 7.53 13.27
CA GLN A 184 -4.57 7.18 12.32
C GLN A 184 -4.94 5.74 12.57
N ASN A 185 -6.20 5.42 12.32
CA ASN A 185 -6.68 4.05 12.46
C ASN A 185 -6.22 3.11 11.37
N THR A 186 -5.94 1.87 11.74
CA THR A 186 -5.58 0.88 10.77
C THR A 186 -6.75 0.56 9.87
N GLN A 187 -7.87 0.16 10.46
CA GLN A 187 -9.12 -0.06 9.73
C GLN A 187 -10.13 0.99 10.17
N ASP A 188 -11.21 1.15 9.40
CA ASP A 188 -12.27 2.09 9.74
C ASP A 188 -12.88 1.74 11.09
N ALA A 189 -12.75 2.66 12.03
CA ALA A 189 -13.22 2.42 13.37
C ALA A 189 -13.41 3.75 14.04
N PRO A 190 -14.13 3.79 15.17
CA PRO A 190 -14.19 5.02 15.94
C PRO A 190 -12.81 5.60 16.26
N HIS A 191 -12.70 6.92 16.29
CA HIS A 191 -11.44 7.54 16.64
C HIS A 191 -11.45 8.09 18.06
N ARG A 192 -10.36 7.86 18.79
CA ARG A 192 -10.32 8.19 20.20
C ARG A 192 -10.33 9.69 20.44
N LYS A 193 -9.94 10.48 19.44
CA LYS A 193 -10.06 11.92 19.56
C LYS A 193 -11.29 12.41 18.80
N GLY A 194 -12.03 11.48 18.22
CA GLY A 194 -13.25 11.80 17.50
C GLY A 194 -13.10 12.30 16.08
N ASP A 195 -11.92 12.14 15.51
CA ASP A 195 -11.64 12.68 14.18
C ASP A 195 -12.17 11.76 13.11
N LYS A 196 -13.04 12.27 12.25
CA LYS A 196 -13.72 11.41 11.29
C LYS A 196 -12.82 10.98 10.17
N ARG A 197 -11.71 11.67 10.00
CA ARG A 197 -10.79 11.37 8.94
C ARG A 197 -9.63 10.53 9.46
N ARG A 198 -9.20 10.77 10.68
CA ARG A 198 -8.16 9.95 11.27
C ARG A 198 -8.72 8.61 11.67
N ALA A 199 -10.04 8.46 11.50
CA ALA A 199 -10.74 7.20 11.80
C ALA A 199 -10.67 6.20 10.63
N ARG A 200 -10.52 6.70 9.42
CA ARG A 200 -10.47 5.85 8.25
C ARG A 200 -9.17 5.07 8.16
N ALA A 201 -9.16 4.03 7.35
CA ALA A 201 -7.94 3.24 7.14
C ALA A 201 -6.82 4.12 6.59
N ALA A 202 -5.67 4.06 7.26
CA ALA A 202 -4.57 4.99 7.04
C ALA A 202 -3.83 4.75 5.74
N ALA A 203 -3.54 3.50 5.46
CA ALA A 203 -2.71 3.16 4.32
C ALA A 203 -3.52 2.87 3.09
N GLU A 204 -4.77 3.32 3.07
CA GLU A 204 -5.65 3.05 1.95
C GLU A 204 -6.28 4.32 1.40
N ASN A 205 -5.87 5.48 1.89
CA ASN A 205 -6.61 6.71 1.57
C ASN A 205 -5.79 7.97 1.46
N ILE A 206 -6.25 8.88 0.62
CA ILE A 206 -5.88 10.27 0.74
C ILE A 206 -6.80 10.90 1.78
N ILE A 207 -6.23 11.31 2.90
CA ILE A 207 -6.97 11.83 4.03
C ILE A 207 -6.59 13.27 4.37
N PRO A 208 -7.50 14.23 4.12
CA PRO A 208 -7.23 15.62 4.53
C PRO A 208 -7.09 15.75 6.03
N ASN A 209 -6.16 16.58 6.48
CA ASN A 209 -6.11 16.84 7.91
C ASN A 209 -5.64 18.22 8.31
N SER A 210 -5.92 18.55 9.55
CA SER A 210 -5.60 19.85 10.12
C SER A 210 -4.20 19.86 10.64
N THR A 211 -3.50 20.92 10.33
CA THR A 211 -2.11 20.96 10.72
C THR A 211 -1.95 22.17 11.63
N GLY A 212 -1.05 22.08 12.59
CA GLY A 212 -0.86 23.20 13.48
C GLY A 212 0.18 24.17 12.99
N ALA A 213 1.23 23.62 12.41
CA ALA A 213 2.47 24.33 12.14
C ALA A 213 2.34 25.70 11.52
N ALA A 214 1.67 25.79 10.37
CA ALA A 214 1.67 27.03 9.63
C ALA A 214 0.98 28.16 10.41
N LYS A 215 -0.06 27.83 11.16
CA LYS A 215 -0.79 28.82 11.93
C LYS A 215 0.05 29.38 13.07
N ALA A 216 1.03 28.60 13.51
CA ALA A 216 1.86 28.94 14.65
C ALA A 216 3.33 29.14 14.28
N ILE A 217 3.62 29.53 13.05
CA ILE A 217 5.01 29.68 12.59
C ILE A 217 5.70 30.81 13.34
N GLY A 218 4.94 31.78 13.81
CA GLY A 218 5.47 32.96 14.47
C GLY A 218 6.06 32.84 15.85
N LYS A 219 6.04 31.64 16.44
CA LYS A 219 6.77 31.40 17.67
C LYS A 219 8.25 31.22 17.34
N VAL A 220 8.49 30.87 16.08
CA VAL A 220 9.84 30.64 15.57
C VAL A 220 10.33 31.85 14.78
N ILE A 221 9.45 32.41 13.95
CA ILE A 221 9.72 33.58 13.15
C ILE A 221 8.67 34.63 13.39
N PRO A 222 8.87 35.46 14.41
CA PRO A 222 7.86 36.41 14.85
C PRO A 222 7.45 37.44 13.79
N GLU A 223 8.28 37.66 12.79
CA GLU A 223 8.00 38.75 11.87
C GLU A 223 7.09 38.33 10.73
N ILE A 224 6.73 37.05 10.65
CA ILE A 224 5.70 36.61 9.71
C ILE A 224 4.50 35.98 10.41
N ASP A 225 4.32 36.30 11.69
CA ASP A 225 3.22 35.75 12.48
C ASP A 225 1.87 36.05 11.85
N GLY A 226 1.11 35.01 11.57
CA GLY A 226 -0.23 35.17 11.02
C GLY A 226 -0.34 35.23 9.50
N LYS A 227 0.74 34.95 8.80
CA LYS A 227 0.75 35.11 7.38
C LYS A 227 0.70 33.78 6.67
N LEU A 228 0.89 32.71 7.43
CA LEU A 228 0.77 31.36 6.88
C LEU A 228 -0.35 30.58 7.55
N ASP A 229 -1.02 29.75 6.75
CA ASP A 229 -1.97 28.79 7.26
C ASP A 229 -1.91 27.62 6.31
N GLY A 230 -2.62 26.55 6.61
CA GLY A 230 -2.65 25.40 5.73
C GLY A 230 -2.95 24.11 6.45
N GLY A 231 -2.77 23.00 5.75
CA GLY A 231 -3.13 21.70 6.29
C GLY A 231 -2.35 20.55 5.67
N ALA A 232 -2.74 19.33 5.99
CA ALA A 232 -2.05 18.16 5.48
C ALA A 232 -2.95 17.27 4.62
N GLN A 233 -2.35 16.51 3.73
CA GLN A 233 -2.99 15.36 3.09
C GLN A 233 -2.19 14.14 3.47
N ARG A 234 -2.76 13.30 4.33
CA ARG A 234 -2.07 12.09 4.76
C ARG A 234 -2.26 11.03 3.68
N VAL A 235 -1.18 10.36 3.26
CA VAL A 235 -1.24 9.42 2.15
C VAL A 235 -0.49 8.11 2.46
N PRO A 236 -0.72 7.05 1.66
CA PRO A 236 -0.18 5.76 2.10
C PRO A 236 1.31 5.50 1.84
N VAL A 237 2.16 6.33 2.44
CA VAL A 237 3.56 5.99 2.65
C VAL A 237 3.78 6.01 4.16
N ALA A 238 4.68 5.20 4.67
CA ALA A 238 4.83 5.09 6.10
C ALA A 238 5.69 6.22 6.68
N THR A 239 6.70 6.66 5.95
CA THR A 239 7.36 7.90 6.30
C THR A 239 7.98 8.57 5.08
N GLY A 240 8.13 9.89 5.17
CA GLY A 240 8.59 10.71 4.07
C GLY A 240 7.52 11.67 3.67
N SER A 241 7.82 12.96 3.69
CA SER A 241 6.77 13.94 3.48
C SER A 241 7.24 15.06 2.58
N LEU A 242 6.36 15.98 2.26
CA LEU A 242 6.69 17.08 1.39
C LEU A 242 5.82 18.27 1.70
N THR A 243 6.39 19.46 1.76
CA THR A 243 5.64 20.65 2.14
C THR A 243 5.53 21.60 0.98
N GLU A 244 4.33 21.82 0.47
CA GLU A 244 4.17 22.77 -0.62
C GLU A 244 3.78 24.11 -0.05
N LEU A 245 4.40 25.17 -0.55
CA LEU A 245 4.09 26.47 -0.06
C LEU A 245 3.76 27.38 -1.21
N THR A 246 2.58 27.98 -1.19
CA THR A 246 2.19 28.90 -2.23
C THR A 246 2.10 30.26 -1.60
N VAL A 247 2.83 31.24 -2.11
CA VAL A 247 2.98 32.50 -1.39
C VAL A 247 2.86 33.75 -2.26
N VAL A 248 2.55 34.87 -1.63
CA VAL A 248 2.61 36.15 -2.31
C VAL A 248 3.77 36.96 -1.73
N LEU A 249 4.63 37.44 -2.60
CA LEU A 249 5.78 38.16 -2.12
C LEU A 249 5.64 39.66 -2.40
N GLU A 250 6.45 40.47 -1.74
CA GLU A 250 6.36 41.91 -1.97
C GLU A 250 7.28 42.34 -3.10
N LYS A 251 8.38 41.63 -3.32
CA LYS A 251 9.16 41.85 -4.54
C LYS A 251 8.42 41.24 -5.72
N GLN A 252 8.08 42.05 -6.72
CA GLN A 252 7.12 41.61 -7.72
C GLN A 252 7.70 41.17 -9.07
N ASP A 253 9.02 41.19 -9.22
CA ASP A 253 9.62 40.66 -10.45
C ASP A 253 10.60 39.54 -10.14
N VAL A 254 10.10 38.53 -9.43
CA VAL A 254 10.91 37.43 -8.97
C VAL A 254 10.98 36.31 -10.00
N THR A 255 12.09 35.57 -10.03
CA THR A 255 12.23 34.44 -10.93
C THR A 255 12.49 33.19 -10.14
N VAL A 256 12.37 32.05 -10.82
CA VAL A 256 12.61 30.76 -10.22
C VAL A 256 14.07 30.63 -9.85
N GLU A 257 14.92 31.15 -10.72
CA GLU A 257 16.34 31.19 -10.46
C GLU A 257 16.59 31.96 -9.17
N GLN A 258 15.96 33.13 -9.03
CA GLN A 258 16.19 33.96 -7.86
C GLN A 258 15.80 33.25 -6.58
N VAL A 259 14.70 32.52 -6.64
CA VAL A 259 14.22 31.76 -5.50
C VAL A 259 15.17 30.62 -5.16
N ASN A 260 15.58 29.86 -6.16
CA ASN A 260 16.40 28.70 -5.89
C ASN A 260 17.78 29.08 -5.39
N GLU A 261 18.36 30.09 -6.00
CA GLU A 261 19.68 30.56 -5.61
C GLU A 261 19.64 31.03 -4.16
N ALA A 262 18.59 31.75 -3.82
CA ALA A 262 18.41 32.23 -2.46
C ALA A 262 18.31 31.10 -1.45
N MET A 263 17.79 29.95 -1.89
CA MET A 263 17.62 28.81 -1.00
C MET A 263 18.91 28.05 -0.88
N LYS A 264 19.70 28.07 -1.93
CA LYS A 264 20.97 27.39 -1.90
C LYS A 264 21.94 28.20 -1.06
N ASN A 265 21.82 29.52 -1.14
CA ASN A 265 22.66 30.40 -0.34
C ASN A 265 22.39 30.20 1.14
N ALA A 266 21.23 29.67 1.49
CA ALA A 266 20.88 29.42 2.89
C ALA A 266 21.17 28.00 3.31
N SER A 267 21.84 27.25 2.46
CA SER A 267 22.11 25.84 2.69
C SER A 267 22.94 25.60 3.94
N ASN A 268 22.62 24.56 4.69
CA ASN A 268 23.44 24.13 5.80
C ASN A 268 23.10 22.71 6.19
N GLU A 269 23.36 22.35 7.44
CA GLU A 269 23.20 20.97 7.86
C GLU A 269 21.81 20.71 8.38
N SER A 270 21.00 21.76 8.44
CA SER A 270 19.58 21.66 8.74
C SER A 270 18.76 21.82 7.48
N PHE A 271 19.20 22.71 6.61
CA PHE A 271 18.48 23.07 5.40
C PHE A 271 19.20 22.57 4.17
N GLY A 272 18.87 21.37 3.71
CA GLY A 272 19.48 20.81 2.51
C GLY A 272 19.04 21.49 1.22
N TYR A 273 19.75 21.21 0.13
CA TYR A 273 19.37 21.73 -1.19
C TYR A 273 19.63 20.66 -2.25
N THR A 274 18.73 20.55 -3.20
CA THR A 274 18.91 19.57 -4.26
C THR A 274 18.22 19.95 -5.55
N GLU A 275 18.67 19.33 -6.64
CA GLU A 275 18.09 19.56 -7.95
C GLU A 275 17.94 18.21 -8.63
N ASP A 276 18.15 17.15 -7.86
CA ASP A 276 17.82 15.82 -8.32
C ASP A 276 16.31 15.63 -8.25
N GLU A 277 15.76 15.02 -9.30
CA GLU A 277 14.36 14.67 -9.29
C GLU A 277 14.11 13.49 -8.36
N ILE A 278 13.96 13.75 -7.08
CA ILE A 278 13.78 12.67 -6.13
C ILE A 278 12.31 12.44 -5.74
N VAL A 279 12.07 11.38 -4.99
CA VAL A 279 10.75 11.07 -4.45
C VAL A 279 10.83 10.76 -2.96
N SER A 280 9.68 10.58 -2.32
CA SER A 280 9.61 10.56 -0.86
C SER A 280 10.52 9.54 -0.17
N SER A 281 10.74 8.37 -0.76
CA SER A 281 11.52 7.33 -0.09
C SER A 281 13.01 7.58 -0.18
N ASP A 282 13.38 8.68 -0.83
CA ASP A 282 14.77 9.03 -0.96
C ASP A 282 15.25 9.87 0.21
N VAL A 283 14.29 10.44 0.95
CA VAL A 283 14.59 11.26 2.11
C VAL A 283 14.32 10.51 3.39
N VAL A 284 13.86 9.28 3.30
CA VAL A 284 13.68 8.46 4.47
C VAL A 284 14.98 8.30 5.22
N GLY A 285 15.04 8.89 6.40
CA GLY A 285 16.14 8.65 7.31
C GLY A 285 17.24 9.67 7.19
N MET A 286 16.95 10.73 6.45
CA MET A 286 17.92 11.79 6.31
C MET A 286 17.91 12.66 7.54
N THR A 287 18.96 13.45 7.71
CA THR A 287 19.12 14.25 8.91
C THR A 287 19.03 15.72 8.63
N TYR A 288 18.73 16.09 7.39
CA TYR A 288 18.27 17.43 7.11
C TYR A 288 16.94 17.62 7.81
N GLY A 289 16.73 18.75 8.44
CA GLY A 289 15.43 19.04 9.01
C GLY A 289 14.47 19.43 7.90
N SER A 290 15.03 19.72 6.74
CA SER A 290 14.26 20.17 5.59
C SER A 290 15.15 20.16 4.35
N LEU A 291 14.65 19.56 3.26
CA LEU A 291 15.40 19.46 2.02
C LEU A 291 14.65 20.13 0.89
N PHE A 292 15.05 21.35 0.56
CA PHE A 292 14.42 22.12 -0.48
C PHE A 292 14.60 21.45 -1.85
N ASP A 293 13.57 21.56 -2.68
CA ASP A 293 13.58 20.94 -3.98
C ASP A 293 13.35 22.00 -5.03
N ALA A 294 14.42 22.34 -5.73
CA ALA A 294 14.40 23.43 -6.69
C ALA A 294 13.64 23.03 -7.93
N THR A 295 13.55 21.73 -8.18
CA THR A 295 12.86 21.23 -9.37
C THR A 295 11.37 21.50 -9.31
N GLN A 296 10.88 21.86 -8.12
CA GLN A 296 9.46 22.09 -7.91
C GLN A 296 9.11 23.57 -7.78
N THR A 297 10.11 24.44 -7.82
CA THR A 297 9.83 25.86 -7.72
C THR A 297 9.06 26.37 -8.95
N ARG A 298 8.06 27.19 -8.71
CA ARG A 298 7.27 27.77 -9.79
C ARG A 298 6.94 29.21 -9.46
N VAL A 299 6.99 30.07 -10.47
CA VAL A 299 6.57 31.45 -10.31
C VAL A 299 5.51 31.71 -11.36
N MET A 300 4.38 32.26 -10.95
CA MET A 300 3.30 32.45 -11.87
C MET A 300 3.08 33.93 -12.09
N SER A 301 3.20 34.39 -13.32
CA SER A 301 3.04 35.80 -13.59
C SER A 301 1.87 36.08 -14.51
N VAL A 302 0.92 36.87 -14.03
CA VAL A 302 -0.14 37.40 -14.88
C VAL A 302 -0.15 38.90 -14.71
N GLY A 303 0.16 39.62 -15.77
CA GLY A 303 0.35 41.05 -15.67
C GLY A 303 1.55 41.29 -14.78
N ASP A 304 1.35 42.01 -13.70
CA ASP A 304 2.44 42.28 -12.78
C ASP A 304 2.12 41.78 -11.38
N ARG A 305 1.29 40.77 -11.29
CA ARG A 305 1.05 40.10 -10.03
C ARG A 305 1.61 38.69 -10.09
N GLN A 306 2.31 38.26 -9.06
CA GLN A 306 2.91 36.94 -9.09
C GLN A 306 2.46 36.06 -7.94
N LEU A 307 2.50 34.76 -8.19
CA LEU A 307 2.35 33.75 -7.16
C LEU A 307 3.55 32.86 -7.27
N VAL A 308 4.07 32.40 -6.15
CA VAL A 308 5.26 31.56 -6.15
C VAL A 308 4.97 30.29 -5.40
N LYS A 309 5.41 29.17 -5.90
CA LYS A 309 5.26 27.90 -5.19
C LYS A 309 6.57 27.19 -5.07
N VAL A 310 6.88 26.73 -3.87
CA VAL A 310 8.09 25.99 -3.60
C VAL A 310 7.76 24.73 -2.83
N ALA A 311 8.72 23.85 -2.65
CA ALA A 311 8.45 22.62 -1.92
C ALA A 311 9.69 22.12 -1.26
N ALA A 312 9.54 21.40 -0.16
CA ALA A 312 10.71 20.87 0.51
C ALA A 312 10.37 19.55 1.15
N TRP A 313 11.34 18.63 1.13
CA TRP A 313 11.15 17.28 1.62
C TRP A 313 11.56 17.19 3.07
N TYR A 314 11.12 16.13 3.74
CA TYR A 314 11.61 15.77 5.03
C TYR A 314 11.12 14.41 5.43
N ASP A 315 11.91 13.71 6.23
CA ASP A 315 11.43 12.55 6.93
C ASP A 315 10.69 13.08 8.16
N ASN A 316 9.37 12.92 8.20
CA ASN A 316 8.62 13.49 9.31
C ASN A 316 9.06 12.86 10.62
N GLU A 317 9.86 11.80 10.51
CA GLU A 317 10.51 11.18 11.64
C GLU A 317 11.93 11.68 11.84
N MET A 318 12.85 11.28 10.98
CA MET A 318 14.27 11.40 11.26
C MET A 318 14.76 12.82 11.07
N SER A 319 14.11 13.57 10.19
CA SER A 319 14.43 14.97 10.05
C SER A 319 14.19 15.70 11.36
N TYR A 320 12.95 15.64 11.81
CA TYR A 320 12.55 16.17 13.09
C TYR A 320 13.51 15.69 14.16
N THR A 321 13.90 14.42 14.08
CA THR A 321 14.79 13.83 15.08
C THR A 321 16.19 14.43 15.04
N ALA A 322 16.68 14.78 13.86
CA ALA A 322 18.00 15.35 13.79
C ALA A 322 17.99 16.73 14.41
N GLN A 323 16.94 17.48 14.15
CA GLN A 323 16.80 18.81 14.68
C GLN A 323 16.66 18.81 16.19
N LEU A 324 16.03 17.79 16.75
CA LEU A 324 15.80 17.75 18.18
C LEU A 324 17.09 17.44 18.90
N VAL A 325 17.93 16.61 18.30
CA VAL A 325 19.21 16.28 18.92
C VAL A 325 20.19 17.45 18.81
N ARG A 326 20.11 18.20 17.73
CA ARG A 326 20.91 19.39 17.56
C ARG A 326 20.59 20.42 18.62
N THR A 327 19.31 20.55 18.95
CA THR A 327 18.90 21.53 19.94
C THR A 327 19.15 20.97 21.33
N LEU A 328 19.12 19.66 21.44
CA LEU A 328 19.53 18.99 22.66
C LEU A 328 20.95 19.38 23.02
N ALA A 329 21.85 19.22 22.07
CA ALA A 329 23.27 19.43 22.31
C ALA A 329 23.55 20.88 22.61
N TYR A 330 22.89 21.77 21.89
CA TYR A 330 23.10 23.19 22.09
C TYR A 330 22.61 23.62 23.47
N LEU A 331 21.60 22.94 24.00
CA LEU A 331 21.04 23.29 25.32
C LEU A 331 21.96 22.87 26.45
N ALA A 332 22.69 21.79 26.22
CA ALA A 332 23.65 21.29 27.17
C ALA A 332 24.97 22.04 26.99
N GLU A 333 25.01 22.87 25.97
CA GLU A 333 26.21 23.59 25.62
C GLU A 333 26.23 24.89 26.37
N LEU A 334 25.07 25.32 26.84
CA LEU A 334 25.00 26.60 27.53
C LEU A 334 25.29 26.43 29.03
N SER A 335 26.35 25.67 29.33
CA SER A 335 26.94 25.61 30.66
C SER A 335 27.98 26.72 30.77
N LYS A 336 28.79 26.82 29.73
CA LYS A 336 29.40 28.08 29.34
C LYS A 336 28.40 29.22 29.48
N ALA B 2 -31.58 3.15 -30.13
CA ALA B 2 -30.67 3.76 -29.18
C ALA B 2 -29.53 4.41 -29.95
N VAL B 3 -28.63 5.07 -29.23
CA VAL B 3 -27.45 5.63 -29.85
C VAL B 3 -26.40 4.54 -29.95
N LYS B 4 -25.93 4.32 -31.16
CA LYS B 4 -25.00 3.23 -31.41
CA LYS B 4 -25.00 3.23 -31.41
C LYS B 4 -23.55 3.70 -31.28
N VAL B 5 -22.92 3.25 -30.21
CA VAL B 5 -21.60 3.68 -29.83
C VAL B 5 -20.60 2.57 -30.11
N ALA B 6 -19.43 2.95 -30.60
CA ALA B 6 -18.32 2.02 -30.73
C ALA B 6 -17.21 2.48 -29.82
N ILE B 7 -16.52 1.55 -29.19
CA ILE B 7 -15.36 1.90 -28.37
C ILE B 7 -14.05 1.52 -29.07
N ASN B 8 -13.18 2.50 -29.28
CA ASN B 8 -11.87 2.17 -29.82
C ASN B 8 -10.81 2.19 -28.71
N GLY B 9 -10.41 1.01 -28.26
CA GLY B 9 -9.46 0.89 -27.18
C GLY B 9 -10.14 0.38 -25.93
N PHE B 10 -9.64 -0.72 -25.40
CA PHE B 10 -10.27 -1.30 -24.24
C PHE B 10 -9.36 -1.22 -23.02
N GLY B 11 -8.86 -0.02 -22.76
CA GLY B 11 -8.05 0.24 -21.59
C GLY B 11 -8.95 0.55 -20.43
N ARG B 12 -8.39 1.12 -19.36
CA ARG B 12 -9.19 1.53 -18.21
C ARG B 12 -10.38 2.35 -18.66
N ILE B 13 -10.13 3.34 -19.51
CA ILE B 13 -11.18 4.25 -19.90
C ILE B 13 -12.31 3.60 -20.71
N GLY B 14 -11.97 2.84 -21.75
CA GLY B 14 -12.97 2.16 -22.54
C GLY B 14 -13.76 1.14 -21.77
N ARG B 15 -13.09 0.37 -20.93
CA ARG B 15 -13.78 -0.62 -20.13
C ARG B 15 -14.74 0.01 -19.13
N LEU B 16 -14.38 1.17 -18.61
CA LEU B 16 -15.26 1.84 -17.66
C LEU B 16 -16.36 2.57 -18.39
N ALA B 17 -16.08 2.97 -19.61
CA ALA B 17 -17.10 3.61 -20.42
C ALA B 17 -18.13 2.59 -20.82
N PHE B 18 -17.70 1.36 -20.97
CA PHE B 18 -18.62 0.30 -21.30
C PHE B 18 -19.51 0.02 -20.10
N ARG B 19 -18.92 -0.13 -18.93
CA ARG B 19 -19.68 -0.33 -17.70
C ARG B 19 -20.68 0.79 -17.49
N ARG B 20 -20.21 2.02 -17.60
CA ARG B 20 -21.05 3.19 -17.36
C ARG B 20 -22.24 3.22 -18.30
N ILE B 21 -22.00 2.88 -19.57
CA ILE B 21 -23.03 2.94 -20.59
C ILE B 21 -24.11 1.88 -20.35
N GLN B 22 -23.77 0.85 -19.59
CA GLN B 22 -24.79 -0.13 -19.24
C GLN B 22 -25.78 0.51 -18.27
N GLU B 23 -25.37 1.57 -17.61
CA GLU B 23 -26.22 2.25 -16.65
C GLU B 23 -26.99 3.39 -17.29
N VAL B 24 -26.68 3.73 -18.53
CA VAL B 24 -27.31 4.87 -19.15
C VAL B 24 -28.24 4.41 -20.24
N GLU B 25 -29.52 4.70 -20.08
CA GLU B 25 -30.51 4.28 -21.05
C GLU B 25 -30.34 5.09 -22.32
N GLY B 26 -30.45 4.42 -23.45
CA GLY B 26 -30.44 5.12 -24.72
C GLY B 26 -29.11 5.05 -25.43
N LEU B 27 -28.14 4.44 -24.79
CA LEU B 27 -26.81 4.25 -25.35
C LEU B 27 -26.52 2.78 -25.32
N GLU B 28 -26.03 2.25 -26.43
CA GLU B 28 -25.60 0.86 -26.48
C GLU B 28 -24.24 0.78 -27.15
N VAL B 29 -23.27 0.14 -26.51
CA VAL B 29 -22.02 -0.14 -27.18
C VAL B 29 -22.19 -1.32 -28.14
N VAL B 30 -22.19 -1.06 -29.44
CA VAL B 30 -22.36 -2.16 -30.36
C VAL B 30 -21.02 -2.74 -30.77
N ALA B 31 -19.93 -2.00 -30.58
CA ALA B 31 -18.64 -2.46 -31.07
C ALA B 31 -17.45 -2.07 -30.21
N VAL B 32 -16.55 -3.02 -30.02
CA VAL B 32 -15.32 -2.77 -29.28
C VAL B 32 -14.08 -3.19 -30.07
N ASN B 33 -13.26 -2.22 -30.41
CA ASN B 33 -12.04 -2.47 -31.14
C ASN B 33 -10.79 -2.37 -30.27
N ASP B 34 -10.04 -3.46 -30.17
CA ASP B 34 -8.79 -3.48 -29.40
C ASP B 34 -7.87 -4.62 -29.85
N LEU B 35 -6.56 -4.40 -29.76
CA LEU B 35 -5.57 -5.38 -30.18
C LEU B 35 -5.50 -6.62 -29.32
N THR B 36 -5.99 -6.53 -28.09
CA THR B 36 -5.92 -7.65 -27.17
C THR B 36 -6.90 -8.73 -27.57
N ASP B 37 -6.54 -9.97 -27.28
CA ASP B 37 -7.43 -11.09 -27.48
C ASP B 37 -8.68 -10.98 -26.60
N ASP B 38 -9.82 -11.31 -27.17
CA ASP B 38 -11.09 -11.19 -26.48
C ASP B 38 -11.17 -11.97 -25.19
N ASP B 39 -10.36 -13.00 -25.03
CA ASP B 39 -10.39 -13.74 -23.80
C ASP B 39 -9.95 -12.85 -22.64
N MET B 40 -8.78 -12.23 -22.81
CA MET B 40 -8.20 -11.35 -21.82
C MET B 40 -9.05 -10.10 -21.62
N LEU B 41 -9.73 -9.67 -22.67
CA LEU B 41 -10.54 -8.47 -22.61
C LEU B 41 -11.76 -8.70 -21.74
N ALA B 42 -12.31 -9.89 -21.84
CA ALA B 42 -13.47 -10.22 -21.07
C ALA B 42 -13.08 -10.25 -19.59
N HIS B 43 -11.93 -10.83 -19.32
CA HIS B 43 -11.43 -11.02 -17.97
C HIS B 43 -11.12 -9.70 -17.28
N LEU B 44 -10.75 -8.70 -18.06
CA LEU B 44 -10.48 -7.41 -17.49
C LEU B 44 -11.77 -6.64 -17.36
N LEU B 45 -12.79 -7.05 -18.11
CA LEU B 45 -14.12 -6.47 -17.98
C LEU B 45 -14.87 -7.11 -16.81
N LYS B 46 -14.80 -8.44 -16.72
CA LYS B 46 -15.44 -9.13 -15.61
C LYS B 46 -14.89 -8.67 -14.26
N TYR B 47 -13.58 -8.48 -14.19
CA TYR B 47 -12.90 -8.23 -12.92
C TYR B 47 -12.15 -6.91 -12.89
N ASP B 48 -12.32 -6.16 -11.81
CA ASP B 48 -11.68 -4.86 -11.69
C ASP B 48 -11.29 -4.60 -10.26
N THR B 49 -10.03 -4.25 -10.07
CA THR B 49 -9.46 -4.13 -8.75
C THR B 49 -10.13 -3.03 -7.93
N MET B 50 -10.38 -1.89 -8.56
CA MET B 50 -10.92 -0.78 -7.82
C MET B 50 -12.37 -0.51 -8.15
N GLN B 51 -12.79 -0.82 -9.37
CA GLN B 51 -14.17 -0.53 -9.72
C GLN B 51 -15.11 -1.73 -9.50
N GLY B 52 -14.55 -2.83 -9.02
CA GLY B 52 -15.33 -3.99 -8.64
C GLY B 52 -15.73 -4.93 -9.76
N ARG B 53 -16.27 -6.08 -9.37
CA ARG B 53 -16.84 -7.06 -10.29
C ARG B 53 -17.85 -6.40 -11.23
N PHE B 54 -17.99 -6.96 -12.42
CA PHE B 54 -18.91 -6.44 -13.40
C PHE B 54 -20.36 -6.81 -13.05
N THR B 55 -21.30 -5.92 -13.31
CA THR B 55 -22.70 -6.17 -12.99
C THR B 55 -23.37 -6.96 -14.10
N GLY B 56 -23.30 -8.29 -14.03
CA GLY B 56 -23.87 -9.10 -15.09
C GLY B 56 -23.05 -10.29 -15.50
N GLU B 57 -23.27 -10.76 -16.71
CA GLU B 57 -22.55 -11.90 -17.25
C GLU B 57 -21.81 -11.50 -18.51
N VAL B 58 -20.54 -11.87 -18.62
CA VAL B 58 -19.80 -11.66 -19.84
C VAL B 58 -19.31 -12.99 -20.37
N GLU B 59 -19.47 -13.22 -21.67
CA GLU B 59 -18.85 -14.39 -22.26
C GLU B 59 -18.35 -14.08 -23.66
N VAL B 60 -17.20 -14.67 -23.99
CA VAL B 60 -16.62 -14.57 -25.31
C VAL B 60 -17.39 -15.44 -26.25
N VAL B 61 -17.95 -14.84 -27.29
CA VAL B 61 -18.58 -15.61 -28.35
C VAL B 61 -17.86 -15.32 -29.63
N ASP B 62 -18.17 -16.11 -30.65
CA ASP B 62 -17.49 -15.93 -31.90
C ASP B 62 -17.80 -14.57 -32.50
N GLY B 63 -16.76 -13.77 -32.71
CA GLY B 63 -16.94 -12.46 -33.29
C GLY B 63 -17.07 -11.35 -32.27
N GLY B 64 -17.13 -11.72 -30.99
CA GLY B 64 -17.24 -10.72 -29.96
C GLY B 64 -17.60 -11.25 -28.60
N PHE B 65 -18.48 -10.54 -27.91
CA PHE B 65 -18.90 -10.93 -26.57
C PHE B 65 -20.39 -10.95 -26.44
N ARG B 66 -20.86 -11.76 -25.51
CA ARG B 66 -22.26 -11.69 -25.12
CA ARG B 66 -22.26 -11.71 -25.11
C ARG B 66 -22.35 -11.09 -23.72
N VAL B 67 -22.89 -9.88 -23.64
CA VAL B 67 -22.90 -9.17 -22.38
C VAL B 67 -24.29 -8.72 -21.94
N ASN B 68 -24.73 -9.19 -20.78
CA ASN B 68 -26.10 -8.99 -20.31
C ASN B 68 -27.13 -9.23 -21.41
N GLY B 69 -26.89 -10.26 -22.21
CA GLY B 69 -27.79 -10.63 -23.29
C GLY B 69 -27.79 -9.70 -24.49
N LYS B 70 -26.68 -9.06 -24.77
CA LYS B 70 -26.57 -8.28 -26.00
C LYS B 70 -25.31 -8.67 -26.74
N GLU B 71 -25.26 -8.37 -28.03
CA GLU B 71 -24.06 -8.69 -28.78
C GLU B 71 -23.14 -7.47 -28.91
N VAL B 72 -21.89 -7.68 -28.55
CA VAL B 72 -20.86 -6.68 -28.79
C VAL B 72 -19.87 -7.28 -29.76
N LYS B 73 -19.75 -6.67 -30.93
CA LYS B 73 -18.80 -7.15 -31.92
C LYS B 73 -17.40 -6.62 -31.68
N SER B 74 -16.41 -7.50 -31.72
CA SER B 74 -15.02 -7.12 -31.47
C SER B 74 -14.19 -7.06 -32.74
N PHE B 75 -13.14 -6.25 -32.71
CA PHE B 75 -12.20 -6.16 -33.81
C PHE B 75 -10.79 -5.94 -33.29
N SER B 76 -9.80 -6.50 -33.97
CA SER B 76 -8.41 -6.29 -33.62
C SER B 76 -7.69 -5.56 -34.73
N GLU B 77 -8.14 -4.35 -35.03
CA GLU B 77 -7.72 -3.68 -36.24
C GLU B 77 -7.02 -2.35 -35.96
N PRO B 78 -5.70 -2.29 -36.19
CA PRO B 78 -4.88 -1.11 -35.92
C PRO B 78 -5.20 0.10 -36.81
N ASP B 79 -5.57 -0.11 -38.07
CA ASP B 79 -6.02 1.00 -38.91
C ASP B 79 -7.50 1.23 -38.70
N ALA B 80 -7.85 2.34 -38.05
CA ALA B 80 -9.23 2.58 -37.70
C ALA B 80 -10.05 2.97 -38.90
N SER B 81 -9.40 3.29 -40.02
CA SER B 81 -10.13 3.69 -41.20
C SER B 81 -10.75 2.47 -41.86
N LYS B 82 -10.39 1.30 -41.36
CA LYS B 82 -10.78 0.07 -42.00
C LYS B 82 -11.78 -0.71 -41.15
N LEU B 83 -12.25 -0.06 -40.09
CA LEU B 83 -13.30 -0.63 -39.26
C LEU B 83 -14.65 -0.36 -39.90
N PRO B 84 -15.58 -1.32 -39.79
CA PRO B 84 -16.85 -1.23 -40.51
C PRO B 84 -17.86 -0.33 -39.84
N TRP B 85 -17.53 0.94 -39.65
CA TRP B 85 -18.47 1.83 -38.96
C TRP B 85 -19.61 2.21 -39.88
N LYS B 86 -19.41 2.01 -41.17
CA LYS B 86 -20.43 2.33 -42.15
C LYS B 86 -21.64 1.44 -41.94
N ASP B 87 -21.40 0.13 -41.91
CA ASP B 87 -22.49 -0.85 -41.88
C ASP B 87 -22.96 -1.18 -40.47
N LEU B 88 -22.33 -0.58 -39.47
CA LEU B 88 -22.82 -0.73 -38.11
C LEU B 88 -23.65 0.47 -37.70
N ASN B 89 -23.74 1.45 -38.58
CA ASN B 89 -24.46 2.69 -38.33
C ASN B 89 -23.99 3.39 -37.09
N ILE B 90 -22.69 3.52 -36.96
CA ILE B 90 -22.11 4.03 -35.74
C ILE B 90 -22.40 5.51 -35.59
N ASP B 91 -23.00 5.87 -34.46
CA ASP B 91 -23.33 7.24 -34.14
C ASP B 91 -22.10 7.98 -33.57
N VAL B 92 -21.53 7.46 -32.51
CA VAL B 92 -20.34 8.06 -31.94
C VAL B 92 -19.26 7.04 -31.64
N VAL B 93 -18.03 7.41 -31.95
CA VAL B 93 -16.89 6.63 -31.52
C VAL B 93 -16.27 7.24 -30.27
N LEU B 94 -16.13 6.43 -29.24
CA LEU B 94 -15.35 6.84 -28.10
C LEU B 94 -13.91 6.37 -28.34
N GLU B 95 -13.03 7.33 -28.55
CA GLU B 95 -11.65 7.05 -28.92
C GLU B 95 -10.74 7.01 -27.69
N CYS B 96 -10.32 5.81 -27.30
CA CYS B 96 -9.62 5.57 -26.03
C CYS B 96 -8.29 4.86 -26.18
N THR B 97 -7.62 5.03 -27.30
CA THR B 97 -6.42 4.25 -27.55
C THR B 97 -5.14 4.98 -27.20
N GLY B 98 -5.16 6.30 -27.32
CA GLY B 98 -3.96 7.09 -27.10
C GLY B 98 -3.17 7.33 -28.37
N PHE B 99 -3.53 6.65 -29.44
CA PHE B 99 -2.82 6.80 -30.70
C PHE B 99 -3.61 7.65 -31.66
N TYR B 100 -4.63 8.33 -31.17
CA TYR B 100 -5.49 9.09 -32.07
C TYR B 100 -5.90 10.45 -31.51
N THR B 101 -5.05 11.06 -30.69
CA THR B 101 -5.37 12.35 -30.10
C THR B 101 -5.11 13.55 -31.03
N ASP B 102 -4.80 13.30 -32.28
CA ASP B 102 -4.73 14.40 -33.23
C ASP B 102 -5.95 14.35 -34.13
N LYS B 103 -6.61 15.50 -34.31
CA LYS B 103 -7.87 15.55 -35.04
C LYS B 103 -7.76 15.02 -36.46
N ASP B 104 -6.68 15.33 -37.13
CA ASP B 104 -6.49 14.85 -38.49
C ASP B 104 -6.35 13.35 -38.48
N LYS B 105 -5.89 12.79 -37.36
CA LYS B 105 -5.66 11.36 -37.26
C LYS B 105 -6.94 10.64 -36.83
N ALA B 106 -7.83 11.37 -36.16
CA ALA B 106 -9.09 10.80 -35.69
C ALA B 106 -10.17 10.85 -36.75
N GLN B 107 -9.86 11.44 -37.90
CA GLN B 107 -10.83 11.53 -38.98
C GLN B 107 -10.96 10.20 -39.70
N ALA B 108 -10.17 9.21 -39.28
CA ALA B 108 -10.24 7.87 -39.85
C ALA B 108 -11.56 7.20 -39.48
N HIS B 109 -11.98 7.40 -38.24
CA HIS B 109 -13.25 6.88 -37.80
C HIS B 109 -14.39 7.48 -38.63
N ILE B 110 -14.22 8.73 -39.05
CA ILE B 110 -15.22 9.41 -39.85
C ILE B 110 -15.22 8.86 -41.26
N GLU B 111 -14.04 8.54 -41.75
CA GLU B 111 -13.91 7.99 -43.08
C GLU B 111 -14.38 6.54 -43.10
N ALA B 112 -14.24 5.86 -41.96
CA ALA B 112 -14.79 4.52 -41.82
C ALA B 112 -16.30 4.56 -41.62
N GLY B 113 -16.86 5.77 -41.59
CA GLY B 113 -18.29 5.92 -41.62
C GLY B 113 -19.04 6.16 -40.32
N ALA B 114 -18.34 6.32 -39.21
CA ALA B 114 -18.99 6.82 -38.01
C ALA B 114 -19.32 8.28 -38.24
N LYS B 115 -20.33 8.81 -37.56
CA LYS B 115 -20.69 10.20 -37.80
C LYS B 115 -19.94 11.21 -36.92
N LYS B 116 -19.51 10.79 -35.74
CA LYS B 116 -18.88 11.70 -34.78
C LYS B 116 -17.91 10.94 -33.90
N VAL B 117 -16.79 11.57 -33.57
CA VAL B 117 -15.81 10.96 -32.67
C VAL B 117 -15.49 11.82 -31.46
N LEU B 118 -15.48 11.21 -30.30
CA LEU B 118 -15.08 11.89 -29.09
C LEU B 118 -13.79 11.33 -28.55
N ILE B 119 -12.73 12.14 -28.57
CA ILE B 119 -11.43 11.68 -28.11
C ILE B 119 -11.35 11.76 -26.60
N SER B 120 -11.06 10.62 -25.98
CA SER B 120 -11.01 10.53 -24.53
C SER B 120 -9.64 10.95 -24.00
N ALA B 121 -9.19 12.11 -24.44
CA ALA B 121 -7.94 12.67 -24.01
C ALA B 121 -7.89 14.11 -24.47
N PRO B 122 -6.93 14.88 -23.99
CA PRO B 122 -6.70 16.16 -24.66
C PRO B 122 -6.25 15.91 -26.08
N ALA B 123 -6.64 16.80 -26.98
CA ALA B 123 -6.42 16.57 -28.40
C ALA B 123 -5.88 17.79 -29.12
N THR B 124 -5.08 17.53 -30.13
CA THR B 124 -4.54 18.59 -30.95
C THR B 124 -5.26 18.66 -32.29
N GLY B 125 -5.23 19.83 -32.91
CA GLY B 125 -5.89 20.03 -34.18
C GLY B 125 -6.95 21.08 -34.00
N ASP B 126 -7.65 21.43 -35.07
CA ASP B 126 -8.76 22.37 -34.99
C ASP B 126 -10.02 21.65 -34.58
N LEU B 127 -10.15 21.38 -33.30
CA LEU B 127 -11.37 20.79 -32.74
C LEU B 127 -11.80 21.55 -31.49
N LYS B 128 -12.95 21.17 -30.92
CA LYS B 128 -13.37 21.78 -29.66
C LYS B 128 -13.04 20.88 -28.49
N THR B 129 -12.73 21.49 -27.36
CA THR B 129 -12.47 20.74 -26.15
C THR B 129 -13.65 20.99 -25.24
N ILE B 130 -14.28 19.92 -24.77
CA ILE B 130 -15.55 20.05 -24.07
C ILE B 130 -15.57 19.37 -22.72
N VAL B 131 -15.88 20.14 -21.69
CA VAL B 131 -16.16 19.60 -20.37
C VAL B 131 -17.66 19.69 -20.18
N PHE B 132 -18.32 18.55 -19.98
CA PHE B 132 -19.78 18.56 -19.93
C PHE B 132 -20.29 19.35 -18.74
N ASN B 133 -21.34 20.11 -19.00
CA ASN B 133 -21.99 21.00 -18.04
C ASN B 133 -21.16 22.19 -17.65
N THR B 134 -20.06 22.39 -18.35
CA THR B 134 -19.25 23.58 -18.16
C THR B 134 -19.23 24.38 -19.45
N ASN B 135 -19.03 23.71 -20.59
CA ASN B 135 -19.06 24.42 -21.86
C ASN B 135 -19.54 23.63 -23.07
N HIS B 136 -20.38 22.62 -22.89
CA HIS B 136 -20.84 21.84 -24.03
C HIS B 136 -21.80 22.68 -24.83
N GLN B 137 -22.29 23.75 -24.20
CA GLN B 137 -23.18 24.69 -24.89
C GLN B 137 -22.39 25.54 -25.90
N GLU B 138 -21.15 25.14 -26.17
CA GLU B 138 -20.35 25.74 -27.23
C GLU B 138 -20.37 24.86 -28.46
N LEU B 139 -20.98 23.69 -28.32
CA LEU B 139 -21.12 22.78 -29.45
C LEU B 139 -22.34 23.15 -30.27
N ASP B 140 -22.16 23.35 -31.57
CA ASP B 140 -23.31 23.63 -32.43
C ASP B 140 -23.68 22.51 -33.38
N GLY B 141 -23.02 21.36 -33.25
CA GLY B 141 -23.37 20.21 -34.06
C GLY B 141 -22.65 20.08 -35.38
N SER B 142 -21.90 21.12 -35.76
CA SER B 142 -21.10 21.09 -36.99
C SER B 142 -19.78 20.36 -36.80
N GLU B 143 -19.50 19.94 -35.57
CA GLU B 143 -18.26 19.28 -35.25
C GLU B 143 -18.34 17.78 -35.47
N THR B 144 -17.25 17.19 -35.93
CA THR B 144 -17.21 15.75 -36.18
C THR B 144 -16.18 15.07 -35.30
N VAL B 145 -15.26 15.86 -34.77
CA VAL B 145 -14.24 15.36 -33.86
C VAL B 145 -14.13 16.29 -32.67
N VAL B 146 -14.19 15.73 -31.47
CA VAL B 146 -14.28 16.53 -30.26
C VAL B 146 -13.33 15.95 -29.22
N SER B 147 -12.61 16.82 -28.51
CA SER B 147 -11.80 16.39 -27.37
C SER B 147 -12.64 16.33 -26.11
N GLY B 148 -12.44 15.30 -25.30
CA GLY B 148 -13.15 15.20 -24.04
C GLY B 148 -12.38 15.77 -22.87
N ALA B 149 -11.31 16.50 -23.18
CA ALA B 149 -10.37 17.05 -22.20
C ALA B 149 -9.80 15.97 -21.33
N SER B 150 -9.20 16.35 -20.22
CA SER B 150 -8.52 15.38 -19.37
C SER B 150 -9.33 15.07 -18.12
N THR B 152 -8.30 15.61 -15.19
CA THR B 152 -8.04 16.70 -14.24
C THR B 152 -8.79 17.97 -14.65
N THR B 153 -8.92 18.22 -15.95
CA THR B 153 -9.69 19.37 -16.42
C THR B 153 -11.15 19.31 -15.95
N ASN B 154 -11.74 18.12 -15.97
CA ASN B 154 -13.12 17.98 -15.57
C ASN B 154 -13.33 18.17 -14.07
N SER B 155 -12.27 17.96 -13.29
CA SER B 155 -12.36 18.24 -11.87
C SER B 155 -12.17 19.72 -11.63
N LEU B 156 -11.42 20.38 -12.50
CA LEU B 156 -11.05 21.76 -12.31
C LEU B 156 -12.10 22.73 -12.81
N ALA B 157 -12.49 22.56 -14.07
CA ALA B 157 -13.24 23.59 -14.80
C ALA B 157 -14.45 24.18 -14.06
N PRO B 158 -15.30 23.33 -13.48
CA PRO B 158 -16.48 23.92 -12.84
C PRO B 158 -16.14 24.70 -11.60
N VAL B 159 -15.04 24.35 -10.94
CA VAL B 159 -14.61 25.10 -9.78
C VAL B 159 -14.03 26.44 -10.20
N ALA B 160 -13.29 26.45 -11.30
CA ALA B 160 -12.67 27.67 -11.77
C ALA B 160 -13.70 28.61 -12.36
N LYS B 161 -14.74 28.07 -12.96
CA LYS B 161 -15.76 28.90 -13.55
C LYS B 161 -16.58 29.63 -12.49
N VAL B 162 -16.80 29.03 -11.34
CA VAL B 162 -17.53 29.71 -10.28
C VAL B 162 -16.65 30.77 -9.62
N LEU B 163 -15.42 30.39 -9.28
CA LEU B 163 -14.42 31.31 -8.76
C LEU B 163 -14.38 32.54 -9.61
N ASN B 164 -14.09 32.37 -10.89
CA ASN B 164 -14.00 33.49 -11.80
C ASN B 164 -15.29 34.26 -12.02
N ASP B 165 -16.43 33.57 -12.02
CA ASP B 165 -17.69 34.23 -12.34
C ASP B 165 -18.26 35.08 -11.21
N ASP B 166 -18.12 34.62 -9.98
CA ASP B 166 -18.70 35.34 -8.86
C ASP B 166 -17.67 36.22 -8.16
N PHE B 167 -16.39 35.90 -8.36
CA PHE B 167 -15.29 36.74 -7.92
C PHE B 167 -14.37 36.87 -9.12
N GLY B 168 -13.69 37.99 -9.31
CA GLY B 168 -12.79 38.03 -10.44
C GLY B 168 -11.63 37.06 -10.23
N LEU B 169 -11.18 36.40 -11.28
CA LEU B 169 -9.97 35.61 -11.11
C LEU B 169 -8.80 36.38 -11.63
N VAL B 170 -7.76 36.50 -10.80
CA VAL B 170 -6.53 37.13 -11.23
C VAL B 170 -5.56 36.08 -11.70
N GLU B 171 -5.26 35.14 -10.81
CA GLU B 171 -4.32 34.08 -11.11
C GLU B 171 -4.42 33.05 -10.02
N GLY B 172 -3.84 31.88 -10.25
CA GLY B 172 -3.94 30.81 -9.29
C GLY B 172 -3.05 29.63 -9.65
N LEU B 173 -2.85 28.75 -8.69
CA LEU B 173 -2.01 27.59 -8.90
C LEU B 173 -2.69 26.35 -8.38
N MET B 174 -2.24 25.20 -8.85
CA MET B 174 -2.94 23.96 -8.61
C MET B 174 -2.02 22.88 -8.13
N THR B 175 -2.53 22.01 -7.28
CA THR B 175 -1.89 20.75 -7.01
C THR B 175 -2.97 19.68 -7.03
N THR B 176 -2.81 18.69 -7.87
CA THR B 176 -3.71 17.58 -7.78
C THR B 176 -2.97 16.45 -7.10
N ILE B 177 -3.37 16.14 -5.87
CA ILE B 177 -2.88 14.95 -5.21
C ILE B 177 -3.61 13.83 -5.91
N HIS B 178 -2.87 13.06 -6.68
CA HIS B 178 -3.44 12.22 -7.71
C HIS B 178 -3.13 10.76 -7.46
N ALA B 179 -4.05 9.89 -7.84
CA ALA B 179 -3.83 8.46 -7.76
C ALA B 179 -2.80 8.11 -8.78
N TYR B 180 -2.05 7.04 -8.53
CA TYR B 180 -1.05 6.60 -9.49
C TYR B 180 -1.69 5.89 -10.64
N THR B 181 -1.05 5.96 -11.78
CA THR B 181 -1.59 5.42 -13.00
C THR B 181 -0.63 4.40 -13.57
N GLY B 182 -1.08 3.72 -14.62
CA GLY B 182 -0.38 2.56 -15.15
C GLY B 182 0.81 2.90 -16.01
N ASP B 183 1.01 4.19 -16.25
CA ASP B 183 2.20 4.66 -16.95
C ASP B 183 3.33 4.93 -15.98
N GLN B 184 3.11 4.65 -14.69
CA GLN B 184 4.14 4.68 -13.67
C GLN B 184 4.69 3.28 -13.53
N ASN B 185 5.96 3.14 -13.19
CA ASN B 185 6.56 1.83 -13.08
C ASN B 185 6.23 1.15 -11.76
N THR B 186 6.24 -0.17 -11.80
CA THR B 186 5.93 -0.97 -10.64
C THR B 186 7.11 -1.01 -9.69
N GLN B 187 8.30 -1.21 -10.22
CA GLN B 187 9.50 -1.14 -9.43
C GLN B 187 10.41 -0.12 -10.07
N ASP B 188 11.42 0.34 -9.33
CA ASP B 188 12.39 1.29 -9.86
C ASP B 188 13.04 0.71 -11.10
N ALA B 189 12.85 1.37 -12.24
CA ALA B 189 13.33 0.86 -13.51
C ALA B 189 13.31 1.96 -14.56
N PRO B 190 14.01 1.74 -15.69
CA PRO B 190 14.00 2.76 -16.73
C PRO B 190 12.62 3.05 -17.27
N HIS B 191 12.26 4.30 -17.42
CA HIS B 191 10.93 4.68 -17.86
C HIS B 191 10.91 5.06 -19.33
N ARG B 192 9.84 4.65 -20.01
CA ARG B 192 9.78 4.69 -21.46
C ARG B 192 9.75 6.08 -22.07
N LYS B 193 9.55 7.12 -21.26
CA LYS B 193 9.59 8.47 -21.81
C LYS B 193 10.66 9.35 -21.15
N GLY B 194 11.56 8.71 -20.42
CA GLY B 194 12.65 9.41 -19.78
C GLY B 194 12.32 10.03 -18.45
N ASP B 195 11.04 10.02 -18.06
CA ASP B 195 10.59 10.63 -16.81
C ASP B 195 11.22 9.96 -15.59
N LYS B 196 12.18 10.64 -14.97
CA LYS B 196 12.90 10.12 -13.82
C LYS B 196 12.07 9.89 -12.56
N ARG B 197 10.92 10.54 -12.48
CA ARG B 197 10.08 10.38 -11.31
C ARG B 197 9.05 9.28 -11.51
N ARG B 198 8.41 9.25 -12.68
CA ARG B 198 7.55 8.12 -13.03
C ARG B 198 8.30 6.81 -13.18
N ALA B 199 9.62 6.88 -13.15
CA ALA B 199 10.44 5.69 -13.22
C ALA B 199 10.38 4.91 -11.93
N ARG B 200 9.78 5.49 -10.91
CA ARG B 200 9.92 4.92 -9.58
C ARG B 200 8.72 4.10 -9.17
N ALA B 201 8.96 3.12 -8.30
CA ALA B 201 7.92 2.27 -7.77
C ALA B 201 6.71 3.11 -7.40
N ALA B 202 5.60 2.85 -8.07
CA ALA B 202 4.43 3.73 -8.05
C ALA B 202 3.64 3.70 -6.74
N ALA B 203 3.62 2.59 -6.04
CA ALA B 203 2.79 2.48 -4.85
C ALA B 203 3.56 2.63 -3.53
N GLU B 204 4.79 3.12 -3.61
CA GLU B 204 5.65 3.25 -2.45
C GLU B 204 6.14 4.66 -2.27
N ASN B 205 5.69 5.56 -3.12
CA ASN B 205 6.28 6.88 -3.16
C ASN B 205 5.29 8.01 -3.38
N ILE B 206 5.62 9.16 -2.81
CA ILE B 206 5.04 10.43 -3.24
C ILE B 206 5.86 10.95 -4.40
N ILE B 207 5.23 11.07 -5.55
CA ILE B 207 5.97 11.36 -6.75
C ILE B 207 5.46 12.60 -7.42
N PRO B 208 6.28 13.65 -7.45
CA PRO B 208 5.87 14.82 -8.21
C PRO B 208 5.74 14.50 -9.69
N ASN B 209 4.87 15.22 -10.38
CA ASN B 209 4.86 15.12 -11.82
C ASN B 209 4.15 16.30 -12.43
N SER B 210 4.08 16.34 -13.74
CA SER B 210 3.52 17.47 -14.43
C SER B 210 2.09 17.21 -14.85
N THR B 211 1.36 18.28 -15.09
CA THR B 211 -0.03 18.17 -15.52
C THR B 211 -0.32 19.34 -16.44
N GLY B 212 -0.98 19.07 -17.55
CA GLY B 212 -1.24 20.12 -18.52
C GLY B 212 -2.54 20.85 -18.25
N ALA B 213 -3.31 20.32 -17.32
CA ALA B 213 -4.70 20.72 -17.17
C ALA B 213 -4.89 22.18 -16.82
N ALA B 214 -4.11 22.70 -15.88
CA ALA B 214 -4.27 24.08 -15.47
C ALA B 214 -3.82 25.02 -16.57
N LYS B 215 -2.78 24.63 -17.29
CA LYS B 215 -2.25 25.49 -18.32
C LYS B 215 -3.19 25.50 -19.51
N ALA B 216 -3.91 24.41 -19.71
CA ALA B 216 -4.80 24.28 -20.87
C ALA B 216 -6.22 24.76 -20.63
N ILE B 217 -6.57 25.06 -19.39
CA ILE B 217 -7.96 25.38 -19.03
C ILE B 217 -8.60 26.37 -19.99
N GLY B 218 -7.81 27.29 -20.54
CA GLY B 218 -8.33 28.31 -21.42
C GLY B 218 -9.12 27.78 -22.60
N LYS B 219 -8.89 26.53 -22.94
CA LYS B 219 -9.62 25.89 -24.02
C LYS B 219 -11.08 25.65 -23.65
N VAL B 220 -11.37 25.67 -22.36
CA VAL B 220 -12.72 25.40 -21.88
C VAL B 220 -13.37 26.66 -21.31
N ILE B 221 -12.54 27.49 -20.68
CA ILE B 221 -12.95 28.78 -20.16
C ILE B 221 -12.01 29.82 -20.70
N PRO B 222 -12.31 30.37 -21.87
CA PRO B 222 -11.41 31.31 -22.55
C PRO B 222 -11.07 32.53 -21.74
N GLU B 223 -12.01 33.02 -20.93
CA GLU B 223 -11.82 34.29 -20.25
C GLU B 223 -10.81 34.18 -19.10
N ILE B 224 -10.33 32.98 -18.81
CA ILE B 224 -9.27 32.84 -17.81
C ILE B 224 -8.02 32.18 -18.41
N ASP B 225 -7.97 32.11 -19.73
CA ASP B 225 -6.85 31.51 -20.44
C ASP B 225 -5.54 32.15 -20.05
N GLY B 226 -4.63 31.35 -19.49
CA GLY B 226 -3.34 31.85 -19.11
C GLY B 226 -3.20 32.06 -17.61
N LYS B 227 -4.33 32.19 -16.92
CA LYS B 227 -4.31 32.62 -15.53
C LYS B 227 -4.04 31.49 -14.55
N LEU B 228 -3.92 30.26 -15.04
CA LEU B 228 -3.69 29.12 -14.17
C LEU B 228 -2.53 28.24 -14.60
N ASP B 229 -1.92 27.58 -13.63
CA ASP B 229 -0.83 26.65 -13.88
C ASP B 229 -0.74 25.77 -12.65
N GLY B 230 0.03 24.70 -12.70
CA GLY B 230 0.11 23.85 -11.54
C GLY B 230 0.71 22.49 -11.80
N GLY B 231 0.67 21.63 -10.79
CA GLY B 231 1.31 20.32 -10.86
C GLY B 231 0.52 19.18 -10.26
N ALA B 232 1.20 18.07 -9.99
CA ALA B 232 0.59 16.89 -9.42
C ALA B 232 1.51 16.24 -8.41
N GLN B 233 0.95 15.47 -7.50
CA GLN B 233 1.78 14.60 -6.70
C GLN B 233 1.09 13.26 -6.69
N ARG B 234 1.69 12.27 -7.32
CA ARG B 234 1.08 10.98 -7.38
C ARG B 234 1.40 10.18 -6.14
N VAL B 235 0.37 9.66 -5.48
CA VAL B 235 0.50 8.94 -4.21
C VAL B 235 -0.10 7.52 -4.27
N PRO B 236 0.28 6.64 -3.35
CA PRO B 236 -0.16 5.24 -3.42
C PRO B 236 -1.63 4.92 -3.09
N VAL B 237 -2.60 5.52 -3.80
CA VAL B 237 -3.95 4.93 -3.91
C VAL B 237 -4.25 4.64 -5.37
N ALA B 238 -4.90 3.52 -5.64
CA ALA B 238 -4.98 3.03 -7.00
C ALA B 238 -5.95 3.82 -7.85
N THR B 239 -6.96 4.41 -7.21
CA THR B 239 -7.75 5.43 -7.87
C THR B 239 -8.39 6.34 -6.83
N GLY B 240 -8.71 7.56 -7.22
CA GLY B 240 -9.25 8.55 -6.30
C GLY B 240 -8.32 9.75 -6.24
N SER B 241 -8.85 10.94 -6.47
CA SER B 241 -7.99 12.10 -6.57
C SER B 241 -8.55 13.34 -5.90
N LEU B 242 -7.67 14.32 -5.73
CA LEU B 242 -7.99 15.55 -5.05
C LEU B 242 -7.23 16.70 -5.67
N THR B 243 -7.96 17.69 -6.15
CA THR B 243 -7.39 18.86 -6.77
C THR B 243 -7.47 20.03 -5.83
N GLU B 244 -6.32 20.53 -5.38
CA GLU B 244 -6.30 21.73 -4.57
C GLU B 244 -6.07 22.90 -5.48
N LEU B 245 -6.73 24.01 -5.23
CA LEU B 245 -6.56 25.19 -6.03
C LEU B 245 -6.38 26.40 -5.12
N THR B 246 -5.29 27.15 -5.34
CA THR B 246 -5.06 28.36 -4.56
C THR B 246 -5.07 29.56 -5.50
N VAL B 247 -5.90 30.55 -5.20
CA VAL B 247 -6.11 31.66 -6.13
C VAL B 247 -6.05 33.02 -5.48
N VAL B 248 -5.89 34.03 -6.32
CA VAL B 248 -6.06 35.41 -5.94
C VAL B 248 -7.27 35.93 -6.67
N LEU B 249 -8.22 36.53 -5.95
CA LEU B 249 -9.46 36.98 -6.55
C LEU B 249 -9.57 38.50 -6.56
N GLU B 250 -10.26 39.04 -7.55
CA GLU B 250 -10.38 40.47 -7.68
C GLU B 250 -11.32 41.03 -6.63
N LYS B 251 -12.40 40.31 -6.34
CA LYS B 251 -13.30 40.74 -5.29
C LYS B 251 -12.61 40.69 -3.94
N GLN B 252 -12.79 41.73 -3.14
CA GLN B 252 -12.10 41.83 -1.88
C GLN B 252 -12.99 41.36 -0.74
N ASP B 253 -12.39 41.24 0.44
CA ASP B 253 -13.06 40.73 1.63
C ASP B 253 -13.92 39.54 1.29
N VAL B 254 -13.30 38.40 1.00
CA VAL B 254 -14.04 37.23 0.63
C VAL B 254 -14.07 36.22 1.76
N THR B 255 -15.20 35.57 1.97
CA THR B 255 -15.33 34.64 3.07
C THR B 255 -15.35 33.21 2.58
N VAL B 256 -14.84 32.31 3.41
CA VAL B 256 -15.08 30.89 3.28
C VAL B 256 -16.53 30.63 2.89
N GLU B 257 -17.45 31.21 3.65
CA GLU B 257 -18.88 30.99 3.44
C GLU B 257 -19.40 31.47 2.11
N GLN B 258 -18.81 32.51 1.53
CA GLN B 258 -19.25 32.97 0.22
C GLN B 258 -18.76 32.02 -0.83
N VAL B 259 -17.54 31.52 -0.67
CA VAL B 259 -16.99 30.60 -1.64
C VAL B 259 -17.85 29.35 -1.67
N ASN B 260 -18.00 28.73 -0.50
CA ASN B 260 -18.79 27.51 -0.37
C ASN B 260 -20.21 27.68 -0.88
N GLU B 261 -20.78 28.85 -0.68
CA GLU B 261 -22.15 29.09 -1.11
C GLU B 261 -22.25 29.23 -2.64
N ALA B 262 -21.24 29.81 -3.26
CA ALA B 262 -21.22 29.98 -4.70
C ALA B 262 -21.02 28.66 -5.44
N MET B 263 -20.34 27.72 -4.78
CA MET B 263 -20.14 26.40 -5.36
C MET B 263 -21.41 25.58 -5.25
N LYS B 264 -21.98 25.55 -4.06
CA LYS B 264 -23.27 24.87 -3.84
C LYS B 264 -24.34 25.33 -4.82
N ASN B 265 -24.40 26.63 -5.07
CA ASN B 265 -25.35 27.17 -6.03
C ASN B 265 -25.16 26.64 -7.44
N ALA B 266 -24.02 26.08 -7.76
CA ALA B 266 -23.84 25.54 -9.10
C ALA B 266 -23.71 24.03 -9.11
N SER B 267 -24.24 23.37 -8.09
CA SER B 267 -24.29 21.92 -8.09
C SER B 267 -25.18 21.45 -9.23
N ASN B 268 -24.83 20.31 -9.78
CA ASN B 268 -25.65 19.61 -10.75
C ASN B 268 -25.14 18.19 -10.83
N GLU B 269 -25.44 17.50 -11.91
CA GLU B 269 -25.05 16.10 -12.03
C GLU B 269 -23.56 15.98 -12.26
N SER B 270 -22.95 16.99 -12.88
CA SER B 270 -21.53 16.97 -13.15
C SER B 270 -20.73 17.49 -11.98
N PHE B 271 -21.22 18.56 -11.37
CA PHE B 271 -20.55 19.23 -10.25
C PHE B 271 -21.24 19.00 -8.92
N GLY B 272 -20.67 18.13 -8.09
CA GLY B 272 -21.22 17.88 -6.77
C GLY B 272 -20.83 18.87 -5.69
N TYR B 273 -21.24 18.58 -4.47
CA TYR B 273 -20.99 19.44 -3.32
C TYR B 273 -21.22 18.69 -2.04
N THR B 274 -20.24 18.68 -1.15
CA THR B 274 -20.37 17.98 0.10
C THR B 274 -19.74 18.76 1.24
N GLU B 275 -20.12 18.41 2.46
CA GLU B 275 -19.59 19.05 3.64
C GLU B 275 -19.21 17.96 4.60
N ASP B 276 -19.28 16.74 4.12
CA ASP B 276 -18.91 15.56 4.88
C ASP B 276 -17.42 15.33 4.85
N GLU B 277 -16.90 14.74 5.91
CA GLU B 277 -15.46 14.57 6.04
C GLU B 277 -14.98 13.31 5.39
N ILE B 278 -14.98 13.30 4.06
CA ILE B 278 -14.68 12.10 3.30
C ILE B 278 -13.22 11.97 2.90
N VAL B 279 -12.85 10.78 2.49
CA VAL B 279 -11.51 10.51 2.03
C VAL B 279 -11.61 10.00 0.60
N SER B 280 -10.49 9.70 -0.04
CA SER B 280 -10.51 9.39 -1.46
C SER B 280 -11.32 8.15 -1.82
N SER B 281 -11.24 7.10 -1.02
CA SER B 281 -11.89 5.87 -1.42
C SER B 281 -13.41 6.00 -1.42
N ASP B 282 -13.92 7.04 -0.75
CA ASP B 282 -15.34 7.32 -0.78
C ASP B 282 -15.79 7.87 -2.12
N VAL B 283 -14.87 8.27 -2.99
CA VAL B 283 -15.31 8.79 -4.27
C VAL B 283 -15.00 7.83 -5.41
N VAL B 284 -14.54 6.64 -5.08
CA VAL B 284 -14.28 5.66 -6.12
C VAL B 284 -15.57 5.14 -6.72
N GLY B 285 -15.85 5.52 -7.95
CA GLY B 285 -16.94 4.92 -8.67
C GLY B 285 -18.00 5.96 -8.84
N MET B 286 -17.76 7.14 -8.31
CA MET B 286 -18.79 8.13 -8.30
C MET B 286 -18.98 8.58 -9.73
N THR B 287 -20.00 9.37 -10.01
CA THR B 287 -20.20 9.74 -11.40
C THR B 287 -20.25 11.25 -11.55
N TYR B 288 -19.94 11.97 -10.46
CA TYR B 288 -19.69 13.40 -10.56
C TYR B 288 -18.38 13.66 -11.30
N GLY B 289 -18.28 14.76 -12.02
CA GLY B 289 -17.05 15.13 -12.68
C GLY B 289 -16.09 15.77 -11.70
N SER B 290 -16.67 16.45 -10.72
CA SER B 290 -15.94 17.05 -9.63
C SER B 290 -16.86 17.12 -8.41
N LEU B 291 -16.31 16.81 -7.24
CA LEU B 291 -17.06 16.85 -6.00
C LEU B 291 -16.43 17.86 -5.08
N PHE B 292 -16.95 19.08 -5.10
CA PHE B 292 -16.40 20.18 -4.32
C PHE B 292 -16.50 19.92 -2.83
N ASP B 293 -15.38 20.07 -2.14
CA ASP B 293 -15.31 19.70 -0.75
C ASP B 293 -15.27 20.95 0.11
N ALA B 294 -16.34 21.18 0.84
CA ALA B 294 -16.49 22.44 1.55
C ALA B 294 -15.82 22.36 2.89
N THR B 295 -15.30 21.20 3.24
CA THR B 295 -14.55 21.09 4.49
C THR B 295 -13.14 21.61 4.35
N GLN B 296 -12.76 22.00 3.14
CA GLN B 296 -11.39 22.39 2.90
C GLN B 296 -11.26 23.80 2.37
N THR B 297 -12.36 24.51 2.22
CA THR B 297 -12.27 25.89 1.80
C THR B 297 -11.49 26.67 2.83
N ARG B 298 -10.74 27.66 2.39
CA ARG B 298 -9.80 28.36 3.26
C ARG B 298 -9.50 29.75 2.73
N VAL B 299 -9.66 30.76 3.58
CA VAL B 299 -9.27 32.10 3.17
C VAL B 299 -8.19 32.65 4.08
N MET B 300 -7.04 32.91 3.49
CA MET B 300 -5.95 33.56 4.19
C MET B 300 -6.04 35.03 3.87
N SER B 301 -6.15 35.85 4.92
CA SER B 301 -6.22 37.30 4.76
C SER B 301 -5.17 38.01 5.61
N VAL B 302 -4.43 38.89 4.95
CA VAL B 302 -3.45 39.73 5.60
C VAL B 302 -3.67 41.11 5.05
N GLY B 303 -4.36 41.95 5.80
CA GLY B 303 -4.78 43.25 5.30
C GLY B 303 -5.82 43.10 4.20
N ASP B 304 -5.71 43.93 3.17
CA ASP B 304 -6.62 43.88 2.04
C ASP B 304 -6.31 42.73 1.11
N ARG B 305 -5.40 41.84 1.50
CA ARG B 305 -4.88 40.92 0.52
C ARG B 305 -5.14 39.49 0.90
N GLN B 306 -5.87 38.79 0.02
CA GLN B 306 -6.35 37.44 0.32
C GLN B 306 -5.82 36.37 -0.61
N LEU B 307 -5.53 35.21 -0.04
CA LEU B 307 -5.32 33.99 -0.80
C LEU B 307 -6.50 33.07 -0.53
N VAL B 308 -7.12 32.55 -1.57
CA VAL B 308 -8.27 31.68 -1.39
C VAL B 308 -7.94 30.26 -1.85
N LYS B 309 -8.29 29.27 -1.05
CA LYS B 309 -7.94 27.90 -1.39
C LYS B 309 -9.12 26.96 -1.27
N VAL B 310 -9.32 26.17 -2.32
CA VAL B 310 -10.44 25.24 -2.41
C VAL B 310 -9.96 23.88 -2.91
N ALA B 311 -10.75 22.83 -2.67
CA ALA B 311 -10.37 21.49 -3.10
C ALA B 311 -11.56 20.67 -3.58
N ALA B 312 -11.42 20.02 -4.72
CA ALA B 312 -12.50 19.20 -5.27
C ALA B 312 -12.06 17.78 -5.55
N TRP B 313 -12.87 16.80 -5.14
CA TRP B 313 -12.56 15.38 -5.33
C TRP B 313 -12.92 14.91 -6.72
N TYR B 314 -12.30 13.82 -7.17
CA TYR B 314 -12.71 13.16 -8.41
C TYR B 314 -12.07 11.80 -8.56
N ASP B 315 -12.86 10.78 -8.87
CA ASP B 315 -12.29 9.51 -9.34
C ASP B 315 -11.73 9.69 -10.74
N ASN B 316 -10.40 9.74 -10.86
CA ASN B 316 -9.74 9.98 -12.13
C ASN B 316 -10.07 8.92 -13.17
N GLU B 317 -10.56 7.78 -12.71
CA GLU B 317 -11.25 6.84 -13.60
C GLU B 317 -12.70 7.25 -13.83
N MET B 318 -13.62 6.86 -12.95
CA MET B 318 -15.07 6.96 -13.26
C MET B 318 -15.67 8.37 -13.28
N SER B 319 -15.10 9.32 -12.58
CA SER B 319 -15.55 10.70 -12.68
C SER B 319 -15.38 11.22 -14.09
N TYR B 320 -14.31 10.77 -14.73
CA TYR B 320 -13.99 11.25 -16.05
C TYR B 320 -14.77 10.45 -17.10
N THR B 321 -15.08 9.21 -16.75
CA THR B 321 -15.81 8.35 -17.64
C THR B 321 -17.25 8.84 -17.80
N ALA B 322 -17.88 9.14 -16.67
CA ALA B 322 -19.25 9.60 -16.64
C ALA B 322 -19.40 10.94 -17.35
N GLN B 323 -18.37 11.75 -17.32
CA GLN B 323 -18.42 13.01 -18.06
C GLN B 323 -18.25 12.77 -19.55
N LEU B 324 -17.47 11.76 -19.90
CA LEU B 324 -17.31 11.37 -21.29
C LEU B 324 -18.63 10.88 -21.85
N VAL B 325 -19.28 10.00 -21.11
CA VAL B 325 -20.55 9.44 -21.53
C VAL B 325 -21.64 10.51 -21.64
N ARG B 326 -21.62 11.50 -20.76
CA ARG B 326 -22.53 12.61 -20.92
C ARG B 326 -22.31 13.34 -22.24
N THR B 327 -21.05 13.61 -22.56
CA THR B 327 -20.70 14.38 -23.76
C THR B 327 -20.94 13.56 -25.01
N LEU B 328 -20.57 12.29 -24.91
CA LEU B 328 -20.83 11.30 -25.94
C LEU B 328 -22.29 11.32 -26.40
N ALA B 329 -23.19 11.39 -25.43
CA ALA B 329 -24.63 11.32 -25.70
C ALA B 329 -25.16 12.61 -26.29
N TYR B 330 -24.66 13.73 -25.79
CA TYR B 330 -25.04 15.04 -26.28
C TYR B 330 -24.64 15.25 -27.73
N LEU B 331 -23.50 14.68 -28.11
CA LEU B 331 -23.04 14.74 -29.49
C LEU B 331 -24.02 14.04 -30.38
N ALA B 332 -24.49 12.89 -29.92
CA ALA B 332 -25.52 12.16 -30.62
C ALA B 332 -26.79 12.99 -30.74
N GLU B 333 -27.26 13.54 -29.63
CA GLU B 333 -28.50 14.29 -29.66
C GLU B 333 -28.43 15.55 -30.54
N LEU B 334 -27.23 16.00 -30.88
CA LEU B 334 -27.10 17.12 -31.80
C LEU B 334 -27.37 16.69 -33.22
N SER B 335 -27.67 15.41 -33.40
CA SER B 335 -28.13 14.91 -34.69
C SER B 335 -29.67 14.73 -34.69
N LYS B 336 -30.36 15.66 -35.33
CA LYS B 336 -31.82 15.67 -35.33
C LYS B 336 -32.40 15.44 -36.73
N ALA C 2 42.87 -8.43 -8.59
CA ALA C 2 41.60 -7.71 -8.67
C ALA C 2 40.69 -8.32 -9.74
N VAL C 3 39.61 -8.95 -9.32
CA VAL C 3 38.72 -9.59 -10.29
C VAL C 3 37.88 -8.55 -11.02
N LYS C 4 38.05 -8.49 -12.34
CA LYS C 4 37.39 -7.47 -13.13
C LYS C 4 36.05 -8.00 -13.63
N VAL C 5 34.99 -7.28 -13.29
CA VAL C 5 33.64 -7.78 -13.45
C VAL C 5 32.87 -6.93 -14.44
N ALA C 6 32.14 -7.57 -15.34
CA ALA C 6 31.27 -6.86 -16.28
C ALA C 6 29.83 -7.18 -16.00
N ILE C 7 28.97 -6.17 -16.03
CA ILE C 7 27.57 -6.37 -15.73
C ILE C 7 26.72 -6.11 -16.96
N ASN C 8 26.03 -7.13 -17.42
CA ASN C 8 25.19 -6.99 -18.59
C ASN C 8 23.72 -6.84 -18.20
N GLY C 9 23.20 -5.64 -18.34
CA GLY C 9 21.86 -5.30 -17.88
C GLY C 9 21.88 -4.67 -16.50
N PHE C 10 21.47 -3.41 -16.40
CA PHE C 10 21.54 -2.73 -15.13
C PHE C 10 20.14 -2.55 -14.53
N GLY C 11 19.43 -3.67 -14.39
CA GLY C 11 18.13 -3.69 -13.78
C GLY C 11 18.25 -3.74 -12.27
N ARG C 12 17.24 -4.27 -11.58
CA ARG C 12 17.30 -4.42 -10.15
C ARG C 12 18.47 -5.31 -9.80
N ILE C 13 18.52 -6.47 -10.42
CA ILE C 13 19.62 -7.41 -10.21
C ILE C 13 20.97 -6.79 -10.53
N GLY C 14 21.04 -6.03 -11.60
CA GLY C 14 22.28 -5.39 -11.98
C GLY C 14 22.73 -4.35 -10.99
N ARG C 15 21.86 -3.39 -10.69
CA ARG C 15 22.27 -2.30 -9.84
C ARG C 15 22.56 -2.77 -8.45
N LEU C 16 21.88 -3.81 -7.99
CA LEU C 16 22.14 -4.26 -6.63
C LEU C 16 23.42 -5.07 -6.59
N ALA C 17 23.78 -5.70 -7.69
CA ALA C 17 25.02 -6.47 -7.74
C ALA C 17 26.21 -5.52 -7.69
N PHE C 18 26.09 -4.41 -8.38
CA PHE C 18 27.03 -3.33 -8.34
C PHE C 18 27.23 -2.84 -6.92
N ARG C 19 26.12 -2.52 -6.25
CA ARG C 19 26.12 -2.05 -4.88
C ARG C 19 26.72 -3.06 -3.92
N ARG C 20 26.45 -4.32 -4.15
CA ARG C 20 26.99 -5.35 -3.30
C ARG C 20 28.50 -5.47 -3.52
N ILE C 21 28.94 -5.18 -4.73
CA ILE C 21 30.34 -5.38 -5.07
C ILE C 21 31.21 -4.29 -4.44
N GLN C 22 30.64 -3.12 -4.20
CA GLN C 22 31.39 -2.06 -3.53
C GLN C 22 31.88 -2.48 -2.17
N GLU C 23 31.11 -3.29 -1.46
CA GLU C 23 31.46 -3.63 -0.09
C GLU C 23 32.19 -4.96 -0.04
N VAL C 24 32.60 -5.47 -1.20
CA VAL C 24 33.38 -6.69 -1.23
C VAL C 24 34.80 -6.41 -1.72
N GLU C 25 35.74 -6.62 -0.82
CA GLU C 25 37.14 -6.42 -1.15
C GLU C 25 37.59 -7.51 -2.11
N GLY C 26 38.12 -7.09 -3.25
CA GLY C 26 38.63 -8.02 -4.23
C GLY C 26 37.95 -7.97 -5.59
N LEU C 27 36.74 -7.44 -5.62
CA LEU C 27 35.99 -7.36 -6.86
C LEU C 27 35.76 -5.92 -7.25
N GLU C 28 35.73 -5.67 -8.54
CA GLU C 28 35.39 -4.36 -9.06
C GLU C 28 34.63 -4.53 -10.36
N VAL C 29 33.62 -3.69 -10.55
CA VAL C 29 32.90 -3.66 -11.81
C VAL C 29 33.56 -2.69 -12.77
N VAL C 30 34.22 -3.18 -13.81
CA VAL C 30 34.90 -2.24 -14.70
C VAL C 30 33.96 -1.76 -15.80
N ALA C 31 32.93 -2.54 -16.08
CA ALA C 31 32.06 -2.22 -17.20
C ALA C 31 30.61 -2.57 -16.95
N VAL C 32 29.72 -1.79 -17.56
CA VAL C 32 28.29 -2.03 -17.50
C VAL C 32 27.65 -1.84 -18.87
N ASN C 33 26.93 -2.84 -19.34
CA ASN C 33 26.20 -2.69 -20.60
C ASN C 33 24.68 -2.81 -20.44
N ASP C 34 23.96 -1.85 -21.02
CA ASP C 34 22.55 -1.68 -20.83
C ASP C 34 22.18 -0.62 -21.82
N LEU C 35 21.02 -0.75 -22.46
CA LEU C 35 20.71 0.08 -23.61
C LEU C 35 20.11 1.42 -23.20
N THR C 36 19.85 1.57 -21.91
CA THR C 36 19.28 2.80 -21.40
C THR C 36 20.38 3.85 -21.19
N ASP C 37 20.07 5.11 -21.48
CA ASP C 37 21.06 6.17 -21.39
C ASP C 37 21.65 6.30 -19.99
N ASP C 38 22.96 6.60 -19.93
CA ASP C 38 23.73 6.66 -18.68
C ASP C 38 23.15 7.60 -17.64
N ASP C 39 22.60 8.71 -18.10
CA ASP C 39 21.99 9.67 -17.21
C ASP C 39 20.85 9.05 -16.38
N MET C 40 20.02 8.24 -17.01
CA MET C 40 18.93 7.59 -16.29
C MET C 40 19.47 6.48 -15.42
N LEU C 41 20.44 5.73 -15.91
CA LEU C 41 20.95 4.61 -15.17
C LEU C 41 21.65 5.06 -13.90
N ALA C 42 22.33 6.20 -13.98
CA ALA C 42 23.06 6.72 -12.85
C ALA C 42 22.10 7.23 -11.79
N HIS C 43 20.98 7.80 -12.23
CA HIS C 43 19.94 8.25 -11.33
C HIS C 43 19.33 7.10 -10.55
N LEU C 44 19.18 5.95 -11.20
CA LEU C 44 18.52 4.82 -10.59
C LEU C 44 19.47 4.03 -9.73
N LEU C 45 20.71 4.45 -9.69
CA LEU C 45 21.67 3.78 -8.85
C LEU C 45 21.84 4.57 -7.58
N LYS C 46 21.76 5.89 -7.69
CA LYS C 46 21.89 6.75 -6.54
C LYS C 46 20.67 6.65 -5.65
N TYR C 47 19.51 6.48 -6.26
CA TYR C 47 18.25 6.45 -5.54
C TYR C 47 17.52 5.12 -5.73
N ASP C 48 17.28 4.42 -4.64
CA ASP C 48 16.65 3.12 -4.63
C ASP C 48 15.54 3.14 -3.60
N THR C 49 14.34 2.68 -3.97
CA THR C 49 13.14 2.84 -3.14
C THR C 49 13.15 1.94 -1.91
N MET C 50 13.51 0.68 -2.07
CA MET C 50 13.55 -0.21 -0.93
C MET C 50 14.94 -0.38 -0.33
N GLN C 51 15.97 0.00 -1.06
CA GLN C 51 17.33 -0.36 -0.65
C GLN C 51 18.15 0.83 -0.19
N GLY C 52 17.61 2.03 -0.35
CA GLY C 52 18.29 3.22 0.13
C GLY C 52 19.18 3.95 -0.85
N ARG C 53 19.56 5.17 -0.50
CA ARG C 53 20.50 5.93 -1.29
C ARG C 53 21.80 5.17 -1.39
N PHE C 54 22.50 5.38 -2.50
CA PHE C 54 23.81 4.80 -2.72
C PHE C 54 24.79 5.36 -1.71
N THR C 55 25.46 4.49 -0.97
CA THR C 55 26.51 4.96 -0.10
C THR C 55 27.74 5.25 -0.94
N GLY C 56 28.00 6.52 -1.19
CA GLY C 56 29.11 6.90 -2.05
C GLY C 56 28.75 8.00 -3.02
N GLU C 57 29.63 8.24 -3.98
CA GLU C 57 29.40 9.29 -4.95
C GLU C 57 29.30 8.67 -6.34
N VAL C 58 28.27 9.06 -7.09
CA VAL C 58 28.09 8.59 -8.46
C VAL C 58 27.94 9.75 -9.43
N GLU C 59 28.80 9.83 -10.43
CA GLU C 59 28.65 10.85 -11.46
C GLU C 59 28.83 10.26 -12.84
N VAL C 60 28.20 10.90 -13.81
CA VAL C 60 28.35 10.55 -15.21
C VAL C 60 29.55 11.28 -15.83
N VAL C 61 30.42 10.55 -16.49
CA VAL C 61 31.58 11.15 -17.09
C VAL C 61 31.67 10.71 -18.53
N ASP C 62 32.55 11.35 -19.30
CA ASP C 62 32.80 10.95 -20.68
C ASP C 62 33.19 9.47 -20.73
N GLY C 63 32.33 8.67 -21.35
CA GLY C 63 32.59 7.25 -21.52
C GLY C 63 32.02 6.35 -20.45
N GLY C 64 31.30 6.93 -19.48
CA GLY C 64 30.68 6.10 -18.47
C GLY C 64 30.40 6.75 -17.14
N PHE C 65 30.77 6.07 -16.06
CA PHE C 65 30.50 6.55 -14.72
C PHE C 65 31.75 6.68 -13.88
N ARG C 66 31.71 7.61 -12.95
CA ARG C 66 32.68 7.64 -11.87
C ARG C 66 31.99 7.36 -10.55
N VAL C 67 32.40 6.30 -9.89
CA VAL C 67 31.76 5.87 -8.66
C VAL C 67 32.82 5.60 -7.61
N ASN C 68 32.78 6.39 -6.53
CA ASN C 68 33.74 6.28 -5.44
C ASN C 68 35.19 6.34 -5.95
N GLY C 69 35.47 7.29 -6.84
CA GLY C 69 36.79 7.45 -7.40
C GLY C 69 37.26 6.29 -8.26
N LYS C 70 36.35 5.62 -8.94
CA LYS C 70 36.75 4.60 -9.88
C LYS C 70 36.06 4.86 -11.19
N GLU C 71 36.70 4.48 -12.27
CA GLU C 71 36.10 4.62 -13.57
C GLU C 71 35.32 3.36 -13.87
N VAL C 72 34.11 3.52 -14.38
CA VAL C 72 33.31 2.39 -14.85
C VAL C 72 32.87 2.66 -16.27
N LYS C 73 33.30 1.84 -17.20
CA LYS C 73 33.02 2.09 -18.60
C LYS C 73 31.62 1.70 -18.96
N SER C 74 30.95 2.56 -19.72
CA SER C 74 29.56 2.33 -20.08
C SER C 74 29.38 2.13 -21.56
N PHE C 75 28.79 1.00 -21.92
CA PHE C 75 28.36 0.77 -23.29
C PHE C 75 26.86 0.55 -23.31
N SER C 76 26.30 0.47 -24.51
CA SER C 76 24.88 0.20 -24.68
C SER C 76 24.66 -0.61 -25.94
N GLU C 77 25.17 -1.82 -25.94
CA GLU C 77 25.25 -2.66 -27.13
C GLU C 77 24.34 -3.89 -27.08
N PRO C 78 23.36 -3.97 -27.98
CA PRO C 78 22.46 -5.11 -28.14
C PRO C 78 23.19 -6.41 -28.43
N ASP C 79 24.30 -6.31 -29.15
CA ASP C 79 25.04 -7.49 -29.58
C ASP C 79 26.14 -7.80 -28.59
N ALA C 80 26.00 -8.89 -27.86
CA ALA C 80 26.96 -9.25 -26.83
C ALA C 80 28.30 -9.61 -27.40
N SER C 81 28.29 -10.23 -28.57
CA SER C 81 29.52 -10.63 -29.25
C SER C 81 30.40 -9.44 -29.58
N LYS C 82 29.79 -8.28 -29.78
CA LYS C 82 30.51 -7.07 -30.15
C LYS C 82 31.09 -6.30 -28.96
N LEU C 83 30.86 -6.78 -27.74
CA LEU C 83 31.34 -6.07 -26.56
C LEU C 83 32.82 -6.34 -26.30
N PRO C 84 33.57 -5.29 -25.94
CA PRO C 84 35.03 -5.38 -25.82
C PRO C 84 35.53 -6.06 -24.57
N TRP C 85 35.01 -7.24 -24.25
CA TRP C 85 35.47 -7.92 -23.05
C TRP C 85 36.93 -8.34 -23.15
N LYS C 86 37.43 -8.50 -24.36
CA LYS C 86 38.81 -8.92 -24.53
C LYS C 86 39.72 -7.83 -24.03
N ASP C 87 39.56 -6.65 -24.62
CA ASP C 87 40.38 -5.51 -24.31
C ASP C 87 40.33 -5.10 -22.86
N LEU C 88 39.25 -5.42 -22.16
CA LEU C 88 39.08 -5.01 -20.77
C LEU C 88 39.42 -6.14 -19.81
N ASN C 89 39.84 -7.26 -20.36
CA ASN C 89 40.23 -8.42 -19.57
C ASN C 89 39.20 -8.78 -18.53
N ILE C 90 37.96 -8.96 -18.98
CA ILE C 90 36.85 -9.32 -18.10
C ILE C 90 37.02 -10.71 -17.55
N ASP C 91 37.11 -10.84 -16.23
CA ASP C 91 37.27 -12.14 -15.65
C ASP C 91 35.92 -12.86 -15.56
N VAL C 92 34.88 -12.15 -15.15
CA VAL C 92 33.53 -12.71 -15.16
C VAL C 92 32.50 -11.66 -15.55
N VAL C 93 31.48 -12.11 -16.30
CA VAL C 93 30.33 -11.29 -16.63
C VAL C 93 29.07 -11.72 -15.88
N LEU C 94 28.39 -10.75 -15.31
CA LEU C 94 27.10 -10.97 -14.71
C LEU C 94 26.04 -10.72 -15.77
N GLU C 95 25.31 -11.77 -16.10
CA GLU C 95 24.32 -11.74 -17.15
C GLU C 95 22.94 -11.43 -16.58
N CYS C 96 22.54 -10.16 -16.62
CA CYS C 96 21.37 -9.69 -15.87
C CYS C 96 20.26 -9.10 -16.74
N THR C 97 20.23 -9.46 -18.01
CA THR C 97 19.27 -8.87 -18.93
C THR C 97 18.05 -9.75 -19.11
N GLY C 98 18.20 -11.04 -18.84
CA GLY C 98 17.10 -11.97 -19.03
C GLY C 98 17.02 -12.59 -20.42
N PHE C 99 17.79 -12.07 -21.36
CA PHE C 99 17.69 -12.52 -22.73
C PHE C 99 18.78 -13.50 -23.15
N TYR C 100 19.60 -13.90 -22.19
CA TYR C 100 20.69 -14.83 -22.46
C TYR C 100 20.57 -16.00 -21.52
N THR C 101 19.35 -16.44 -21.25
CA THR C 101 19.18 -17.46 -20.23
C THR C 101 19.26 -18.88 -20.80
N ASP C 102 20.31 -19.10 -21.57
CA ASP C 102 20.62 -20.40 -22.14
C ASP C 102 22.09 -20.36 -22.54
N LYS C 103 22.76 -21.49 -22.33
CA LYS C 103 24.22 -21.56 -22.36
C LYS C 103 24.79 -21.17 -23.72
N ASP C 104 24.09 -21.50 -24.81
CA ASP C 104 24.55 -21.14 -26.14
C ASP C 104 24.15 -19.73 -26.50
N LYS C 105 23.38 -19.11 -25.63
CA LYS C 105 23.09 -17.71 -25.77
C LYS C 105 24.17 -16.92 -25.06
N ALA C 106 24.55 -17.37 -23.87
CA ALA C 106 25.52 -16.67 -23.04
C ALA C 106 26.94 -16.74 -23.61
N GLN C 107 27.21 -17.77 -24.40
CA GLN C 107 28.52 -17.92 -25.02
C GLN C 107 28.97 -16.67 -25.73
N ALA C 108 28.02 -15.86 -26.20
CA ALA C 108 28.32 -14.64 -26.91
C ALA C 108 29.25 -13.75 -26.12
N HIS C 109 29.27 -13.91 -24.81
CA HIS C 109 30.19 -13.17 -23.96
C HIS C 109 31.60 -13.77 -24.00
N ILE C 110 31.68 -15.08 -24.07
CA ILE C 110 32.96 -15.75 -24.06
C ILE C 110 33.73 -15.47 -25.34
N GLU C 111 33.04 -15.53 -26.47
CA GLU C 111 33.62 -15.21 -27.75
C GLU C 111 34.09 -13.78 -27.78
N ALA C 112 33.40 -12.94 -27.02
CA ALA C 112 33.77 -11.55 -26.90
C ALA C 112 34.97 -11.42 -26.00
N GLY C 113 35.36 -12.52 -25.36
CA GLY C 113 36.59 -12.55 -24.59
C GLY C 113 36.43 -12.37 -23.10
N ALA C 114 35.27 -12.71 -22.58
CA ALA C 114 35.09 -12.81 -21.14
C ALA C 114 35.48 -14.22 -20.75
N LYS C 115 36.19 -14.37 -19.65
CA LYS C 115 36.65 -15.70 -19.28
C LYS C 115 35.51 -16.58 -18.80
N LYS C 116 34.57 -16.00 -18.04
CA LYS C 116 33.47 -16.78 -17.47
C LYS C 116 32.15 -15.99 -17.42
N VAL C 117 31.03 -16.69 -17.41
CA VAL C 117 29.73 -16.02 -17.35
C VAL C 117 28.81 -16.58 -16.28
N LEU C 118 28.25 -15.71 -15.46
CA LEU C 118 27.25 -16.12 -14.49
C LEU C 118 25.92 -15.52 -14.91
N ILE C 119 24.98 -16.39 -15.23
CA ILE C 119 23.63 -15.97 -15.57
C ILE C 119 22.84 -15.80 -14.28
N SER C 120 22.20 -14.65 -14.14
CA SER C 120 21.49 -14.34 -12.90
C SER C 120 20.03 -14.78 -12.91
N ALA C 121 19.79 -15.99 -13.38
CA ALA C 121 18.45 -16.54 -13.43
C ALA C 121 18.55 -18.03 -13.71
N PRO C 122 17.46 -18.78 -13.57
CA PRO C 122 17.59 -20.13 -14.08
C PRO C 122 17.81 -20.14 -15.58
N ALA C 123 18.70 -21.01 -16.06
CA ALA C 123 18.99 -21.05 -17.48
C ALA C 123 19.10 -22.48 -17.92
N THR C 124 18.77 -22.71 -19.18
CA THR C 124 18.78 -24.06 -19.72
C THR C 124 20.08 -24.36 -20.44
N GLY C 125 20.31 -25.63 -20.69
CA GLY C 125 21.52 -26.03 -21.36
C GLY C 125 22.34 -27.04 -20.59
N ASP C 126 23.48 -27.40 -21.18
CA ASP C 126 24.48 -28.30 -20.60
C ASP C 126 25.35 -27.59 -19.56
N LEU C 127 24.69 -26.82 -18.70
CA LEU C 127 25.43 -26.09 -17.68
C LEU C 127 25.06 -26.55 -16.29
N LYS C 128 25.64 -25.89 -15.29
CA LYS C 128 25.37 -26.19 -13.91
C LYS C 128 24.60 -25.06 -13.25
N THR C 129 23.74 -25.41 -12.30
CA THR C 129 22.94 -24.43 -11.58
C THR C 129 23.38 -24.37 -10.12
N ILE C 130 23.80 -23.21 -9.67
CA ILE C 130 24.53 -23.15 -8.40
C ILE C 130 23.93 -22.26 -7.32
N VAL C 131 23.73 -22.83 -6.15
CA VAL C 131 23.35 -22.07 -4.97
C VAL C 131 24.54 -22.09 -4.03
N PHE C 132 25.20 -20.94 -3.90
CA PHE C 132 26.44 -20.90 -3.15
C PHE C 132 26.24 -21.46 -1.77
N ASN C 133 27.27 -22.10 -1.25
CA ASN C 133 27.23 -22.77 0.03
C ASN C 133 26.17 -23.84 0.13
N THR C 134 25.59 -24.22 -1.00
CA THR C 134 24.73 -25.39 -1.02
C THR C 134 25.26 -26.48 -1.93
N ASN C 135 25.48 -26.17 -3.20
CA ASN C 135 26.02 -27.17 -4.12
C ASN C 135 27.16 -26.67 -4.95
N HIS C 136 27.75 -25.54 -4.58
CA HIS C 136 28.83 -24.97 -5.36
C HIS C 136 30.08 -25.81 -5.22
N GLN C 137 30.05 -26.79 -4.34
CA GLN C 137 31.17 -27.72 -4.24
C GLN C 137 31.37 -28.46 -5.55
N GLU C 138 30.32 -28.51 -6.36
CA GLU C 138 30.32 -29.25 -7.61
C GLU C 138 31.14 -28.60 -8.73
N LEU C 139 31.37 -27.30 -8.65
CA LEU C 139 32.20 -26.64 -9.65
C LEU C 139 33.63 -27.20 -9.64
N ASP C 140 34.22 -27.44 -10.80
CA ASP C 140 35.59 -27.95 -10.84
C ASP C 140 36.58 -26.98 -11.46
N GLY C 141 36.07 -26.02 -12.22
CA GLY C 141 36.90 -25.03 -12.88
C GLY C 141 36.79 -25.10 -14.39
N SER C 142 36.01 -26.05 -14.90
CA SER C 142 35.88 -26.25 -16.34
C SER C 142 34.77 -25.44 -16.98
N GLU C 143 33.86 -24.96 -16.15
CA GLU C 143 32.68 -24.28 -16.65
C GLU C 143 33.02 -22.89 -17.15
N THR C 144 32.44 -22.47 -18.26
CA THR C 144 32.59 -21.09 -18.70
C THR C 144 31.27 -20.32 -18.57
N VAL C 145 30.16 -21.04 -18.61
CA VAL C 145 28.86 -20.46 -18.34
C VAL C 145 28.18 -21.22 -17.22
N VAL C 146 27.57 -20.49 -16.30
CA VAL C 146 26.95 -21.09 -15.14
C VAL C 146 25.71 -20.30 -14.78
N SER C 147 24.66 -20.99 -14.39
CA SER C 147 23.45 -20.33 -13.93
C SER C 147 23.48 -20.20 -12.42
N GLY C 148 22.90 -19.12 -11.92
CA GLY C 148 22.87 -18.88 -10.49
C GLY C 148 21.56 -19.29 -9.85
N ALA C 149 20.74 -20.01 -10.60
CA ALA C 149 19.39 -20.38 -10.17
C ALA C 149 18.53 -19.16 -9.95
N SER C 150 17.53 -19.29 -9.07
CA SER C 150 16.54 -18.23 -8.86
C SER C 150 16.51 -17.74 -7.42
N THR C 152 14.22 -17.70 -5.39
CA THR C 152 13.52 -18.62 -4.50
C THR C 152 14.29 -19.93 -4.31
N THR C 153 14.96 -20.40 -5.36
CA THR C 153 15.78 -21.59 -5.23
C THR C 153 16.85 -21.38 -4.15
N ASN C 154 17.47 -20.21 -4.15
CA ASN C 154 18.42 -19.86 -3.13
C ASN C 154 17.83 -19.83 -1.74
N SER C 155 16.58 -19.38 -1.67
CA SER C 155 15.75 -19.43 -0.48
C SER C 155 15.47 -20.84 0.04
N LEU C 156 15.11 -21.73 -0.88
CA LEU C 156 14.60 -23.04 -0.55
C LEU C 156 15.69 -24.06 -0.27
N ALA C 157 16.78 -23.98 -1.02
CA ALA C 157 17.77 -25.05 -1.07
C ALA C 157 18.47 -25.36 0.26
N PRO C 158 18.83 -24.34 1.04
CA PRO C 158 19.46 -24.79 2.28
C PRO C 158 18.50 -25.39 3.31
N VAL C 159 17.20 -25.16 3.19
CA VAL C 159 16.24 -25.77 4.11
C VAL C 159 15.91 -27.19 3.66
N ALA C 160 15.70 -27.37 2.37
CA ALA C 160 15.48 -28.69 1.81
C ALA C 160 16.58 -29.65 2.23
N LYS C 161 17.83 -29.27 1.98
CA LYS C 161 18.98 -30.12 2.22
C LYS C 161 19.02 -30.65 3.64
N VAL C 162 18.86 -29.78 4.62
CA VAL C 162 18.86 -30.21 6.01
C VAL C 162 17.73 -31.22 6.23
N LEU C 163 16.57 -30.90 5.72
CA LEU C 163 15.43 -31.78 5.87
C LEU C 163 15.75 -33.14 5.27
N ASN C 164 16.32 -33.14 4.07
CA ASN C 164 16.62 -34.40 3.42
C ASN C 164 17.70 -35.17 4.15
N ASP C 165 18.84 -34.56 4.40
CA ASP C 165 19.93 -35.28 5.03
C ASP C 165 19.53 -35.81 6.39
N ASP C 166 18.86 -34.99 7.17
CA ASP C 166 18.70 -35.30 8.59
C ASP C 166 17.46 -36.11 8.92
N PHE C 167 16.45 -36.08 8.06
CA PHE C 167 15.23 -36.81 8.36
C PHE C 167 14.81 -37.66 7.19
N GLY C 168 15.27 -37.29 6.01
CA GLY C 168 14.91 -38.01 4.80
C GLY C 168 13.61 -37.51 4.24
N LEU C 169 13.68 -36.71 3.18
CA LEU C 169 12.50 -36.07 2.63
C LEU C 169 11.72 -37.03 1.74
N VAL C 170 10.49 -37.33 2.14
CA VAL C 170 9.61 -38.19 1.36
C VAL C 170 9.01 -37.41 0.21
N GLU C 171 8.28 -36.35 0.54
CA GLU C 171 7.77 -35.38 -0.43
C GLU C 171 7.36 -34.13 0.31
N GLY C 172 6.92 -33.12 -0.43
CA GLY C 172 6.51 -31.88 0.20
C GLY C 172 6.04 -30.84 -0.78
N LEU C 173 5.31 -29.86 -0.27
CA LEU C 173 4.83 -28.77 -1.10
C LEU C 173 5.20 -27.43 -0.50
N MET C 174 5.15 -26.41 -1.34
CA MET C 174 5.76 -25.14 -1.02
C MET C 174 4.85 -24.02 -1.40
N THR C 175 4.77 -23.01 -0.56
CA THR C 175 4.13 -21.76 -0.93
C THR C 175 5.07 -20.67 -0.53
N THR C 176 5.37 -19.76 -1.45
CA THR C 176 6.18 -18.63 -1.07
C THR C 176 5.35 -17.36 -1.14
N ILE C 177 5.32 -16.62 -0.03
CA ILE C 177 4.64 -15.34 0.03
C ILE C 177 5.66 -14.30 -0.38
N HIS C 178 5.44 -13.70 -1.53
CA HIS C 178 6.52 -13.08 -2.26
C HIS C 178 6.20 -11.65 -2.55
N ALA C 179 7.18 -10.76 -2.40
CA ALA C 179 6.97 -9.36 -2.74
C ALA C 179 6.57 -9.25 -4.18
N TYR C 180 5.84 -8.22 -4.55
CA TYR C 180 5.48 -8.02 -5.94
C TYR C 180 6.62 -7.49 -6.76
N THR C 181 6.74 -7.96 -8.00
CA THR C 181 7.88 -7.61 -8.81
C THR C 181 7.49 -6.82 -10.05
N GLY C 182 8.50 -6.40 -10.80
CA GLY C 182 8.34 -5.39 -11.83
C GLY C 182 7.64 -5.84 -13.07
N ASP C 183 7.52 -7.15 -13.22
CA ASP C 183 6.84 -7.75 -14.35
C ASP C 183 5.34 -7.77 -14.12
N GLN C 184 4.92 -7.49 -12.90
CA GLN C 184 3.50 -7.36 -12.61
C GLN C 184 3.05 -5.99 -13.00
N ASN C 185 1.79 -5.86 -13.41
CA ASN C 185 1.31 -4.58 -13.86
C ASN C 185 1.03 -3.66 -12.70
N THR C 186 1.01 -2.37 -12.97
CA THR C 186 0.73 -1.37 -11.96
C THR C 186 -0.77 -1.24 -11.79
N GLN C 187 -1.44 -1.20 -12.95
CA GLN C 187 -2.89 -1.22 -13.01
C GLN C 187 -3.37 -2.41 -13.82
N ASP C 188 -4.66 -2.74 -13.68
CA ASP C 188 -5.28 -3.79 -14.48
C ASP C 188 -5.10 -3.53 -15.95
N ALA C 189 -4.41 -4.42 -16.63
CA ALA C 189 -4.14 -4.25 -18.06
C ALA C 189 -3.68 -5.55 -18.66
N PRO C 190 -3.69 -5.66 -20.00
CA PRO C 190 -3.13 -6.83 -20.68
C PRO C 190 -1.68 -7.07 -20.31
N HIS C 191 -1.30 -8.33 -20.18
CA HIS C 191 0.05 -8.62 -19.77
C HIS C 191 0.97 -9.14 -20.88
N ARG C 192 2.24 -8.79 -20.77
CA ARG C 192 3.28 -9.09 -21.74
C ARG C 192 3.39 -10.58 -22.05
N LYS C 193 3.15 -11.42 -21.07
CA LYS C 193 3.17 -12.86 -21.27
C LYS C 193 1.79 -13.48 -21.18
N GLY C 194 0.76 -12.65 -21.27
CA GLY C 194 -0.61 -13.15 -21.21
C GLY C 194 -1.12 -13.58 -19.85
N ASP C 195 -0.23 -13.68 -18.86
CA ASP C 195 -0.61 -14.06 -17.50
C ASP C 195 -1.72 -13.19 -16.96
N LYS C 196 -2.87 -13.80 -16.69
CA LYS C 196 -4.03 -13.05 -16.27
C LYS C 196 -3.93 -12.60 -14.82
N ARG C 197 -3.01 -13.21 -14.08
CA ARG C 197 -2.85 -12.82 -12.69
C ARG C 197 -1.74 -11.78 -12.52
N ARG C 198 -0.79 -11.76 -13.45
CA ARG C 198 0.21 -10.72 -13.44
C ARG C 198 -0.32 -9.53 -14.23
N ALA C 199 -1.55 -9.65 -14.70
CA ALA C 199 -2.19 -8.56 -15.40
C ALA C 199 -2.83 -7.55 -14.45
N ARG C 200 -2.84 -7.85 -13.16
CA ARG C 200 -3.57 -7.06 -12.18
C ARG C 200 -2.68 -6.18 -11.32
N ALA C 201 -3.25 -5.08 -10.83
CA ALA C 201 -2.58 -4.16 -9.93
C ALA C 201 -1.79 -4.89 -8.87
N ALA C 202 -0.47 -4.77 -8.93
CA ALA C 202 0.43 -5.59 -8.15
C ALA C 202 0.41 -5.25 -6.68
N ALA C 203 0.07 -4.01 -6.36
CA ALA C 203 0.19 -3.51 -5.00
C ALA C 203 -1.14 -3.47 -4.27
N GLU C 204 -2.19 -4.00 -4.89
CA GLU C 204 -3.51 -3.93 -4.33
C GLU C 204 -4.15 -5.30 -4.24
N ASN C 205 -3.35 -6.35 -4.37
CA ASN C 205 -3.90 -7.70 -4.48
C ASN C 205 -3.04 -8.78 -3.87
N ILE C 206 -3.69 -9.84 -3.40
CA ILE C 206 -3.03 -11.11 -3.20
C ILE C 206 -3.09 -11.83 -4.54
N ILE C 207 -1.95 -12.18 -5.09
CA ILE C 207 -1.92 -12.72 -6.44
C ILE C 207 -1.23 -14.07 -6.50
N PRO C 208 -1.98 -15.12 -6.83
CA PRO C 208 -1.30 -16.39 -7.04
C PRO C 208 -0.44 -16.35 -8.29
N ASN C 209 0.70 -17.03 -8.26
CA ASN C 209 1.49 -17.21 -9.47
C ASN C 209 2.39 -18.42 -9.37
N SER C 210 2.66 -19.05 -10.49
CA SER C 210 3.45 -20.26 -10.52
C SER C 210 4.92 -19.94 -10.41
N THR C 211 5.64 -20.83 -9.75
CA THR C 211 7.10 -20.72 -9.67
C THR C 211 7.74 -22.07 -9.98
N GLY C 212 8.80 -22.06 -10.77
CA GLY C 212 9.47 -23.28 -11.13
C GLY C 212 10.43 -23.74 -10.05
N ALA C 213 10.75 -22.84 -9.13
CA ALA C 213 11.80 -23.05 -8.14
C ALA C 213 11.74 -24.42 -7.49
N ALA C 214 10.60 -24.76 -6.93
CA ALA C 214 10.44 -26.02 -6.23
C ALA C 214 10.54 -27.21 -7.17
N LYS C 215 9.92 -27.11 -8.34
CA LYS C 215 9.93 -28.21 -9.29
C LYS C 215 11.33 -28.55 -9.75
N ALA C 216 12.14 -27.51 -9.95
CA ALA C 216 13.47 -27.67 -10.50
C ALA C 216 14.55 -27.73 -9.44
N ILE C 217 14.18 -28.07 -8.22
CA ILE C 217 15.14 -28.13 -7.13
C ILE C 217 16.19 -29.19 -7.39
N GLY C 218 15.91 -30.11 -8.32
CA GLY C 218 16.81 -31.20 -8.61
C GLY C 218 18.13 -30.76 -9.21
N LYS C 219 18.11 -29.59 -9.85
CA LYS C 219 19.30 -29.03 -10.45
C LYS C 219 20.31 -28.61 -9.41
N VAL C 220 19.91 -28.61 -8.14
CA VAL C 220 20.81 -28.18 -7.08
C VAL C 220 21.01 -29.28 -6.06
N ILE C 221 19.91 -29.94 -5.69
CA ILE C 221 19.97 -31.14 -4.86
C ILE C 221 19.36 -32.30 -5.61
N PRO C 222 20.14 -32.99 -6.43
CA PRO C 222 19.58 -34.00 -7.32
C PRO C 222 18.89 -35.14 -6.58
N GLU C 223 19.23 -35.38 -5.33
CA GLU C 223 18.70 -36.54 -4.64
C GLU C 223 17.32 -36.31 -4.05
N ILE C 224 16.65 -35.23 -4.46
CA ILE C 224 15.25 -35.00 -4.11
C ILE C 224 14.55 -34.39 -5.31
N ASP C 225 14.98 -34.79 -6.49
CA ASP C 225 14.39 -34.27 -7.70
C ASP C 225 12.99 -34.78 -7.88
N GLY C 226 12.08 -33.89 -8.21
CA GLY C 226 10.69 -34.26 -8.40
C GLY C 226 9.89 -34.37 -7.12
N LYS C 227 10.58 -34.35 -5.98
CA LYS C 227 9.93 -34.52 -4.68
C LYS C 227 9.24 -33.25 -4.16
N LEU C 228 9.48 -32.12 -4.83
CA LEU C 228 8.85 -30.88 -4.43
C LEU C 228 8.06 -30.25 -5.54
N ASP C 229 7.04 -29.50 -5.15
CA ASP C 229 6.26 -28.74 -6.08
C ASP C 229 5.77 -27.55 -5.28
N GLY C 230 5.31 -26.49 -5.94
CA GLY C 230 4.86 -25.33 -5.20
C GLY C 230 4.38 -24.17 -6.02
N GLY C 231 4.13 -23.06 -5.34
CA GLY C 231 3.64 -21.86 -5.99
C GLY C 231 3.90 -20.63 -5.17
N ALA C 232 3.40 -19.49 -5.64
CA ALA C 232 3.62 -18.25 -4.92
C ALA C 232 2.35 -17.46 -4.69
N GLN C 233 2.37 -16.64 -3.67
CA GLN C 233 1.37 -15.61 -3.45
C GLN C 233 2.09 -14.28 -3.37
N ARG C 234 1.90 -13.43 -4.35
CA ARG C 234 2.63 -12.18 -4.37
C ARG C 234 1.80 -11.03 -3.87
N VAL C 235 2.26 -10.44 -2.78
CA VAL C 235 1.46 -9.53 -1.99
C VAL C 235 2.04 -8.13 -2.04
N PRO C 236 1.28 -7.13 -1.55
CA PRO C 236 1.81 -5.77 -1.63
C PRO C 236 2.89 -5.36 -0.63
N VAL C 237 4.02 -6.07 -0.61
CA VAL C 237 5.28 -5.53 -0.09
C VAL C 237 6.24 -5.40 -1.27
N ALA C 238 7.12 -4.41 -1.25
CA ALA C 238 7.92 -4.12 -2.44
C ALA C 238 9.21 -4.93 -2.51
N THR C 239 9.73 -5.39 -1.38
CA THR C 239 10.75 -6.43 -1.36
C THR C 239 10.71 -7.17 -0.03
N GLY C 240 11.22 -8.39 -0.01
CA GLY C 240 11.13 -9.22 1.17
C GLY C 240 10.07 -10.29 1.00
N SER C 241 10.45 -11.54 1.19
CA SER C 241 9.60 -12.67 0.88
C SER C 241 9.81 -13.78 1.88
N LEU C 242 8.99 -14.81 1.78
CA LEU C 242 8.98 -15.87 2.78
C LEU C 242 8.61 -17.16 2.09
N THR C 243 9.39 -18.21 2.31
CA THR C 243 9.09 -19.49 1.68
C THR C 243 8.62 -20.47 2.72
N GLU C 244 7.38 -20.91 2.60
CA GLU C 244 6.80 -21.84 3.56
C GLU C 244 6.79 -23.24 2.98
N LEU C 245 7.46 -24.17 3.67
CA LEU C 245 7.55 -25.53 3.20
C LEU C 245 6.79 -26.50 4.10
N THR C 246 6.03 -27.40 3.49
CA THR C 246 5.29 -28.43 4.22
C THR C 246 5.68 -29.80 3.70
N VAL C 247 6.31 -30.61 4.55
CA VAL C 247 6.91 -31.85 4.07
C VAL C 247 6.44 -33.08 4.83
N VAL C 248 6.70 -34.25 4.24
CA VAL C 248 6.58 -35.52 4.92
C VAL C 248 7.97 -36.15 5.01
N LEU C 249 8.29 -36.74 6.15
CA LEU C 249 9.63 -37.27 6.35
C LEU C 249 9.62 -38.77 6.62
N GLU C 250 10.72 -39.43 6.28
CA GLU C 250 10.89 -40.86 6.58
C GLU C 250 10.97 -41.04 8.07
N LYS C 251 11.96 -40.40 8.67
CA LYS C 251 12.14 -40.44 10.11
C LYS C 251 10.91 -39.89 10.77
N GLN C 252 10.37 -40.62 11.73
CA GLN C 252 9.18 -40.17 12.44
C GLN C 252 9.51 -39.87 13.89
N ASP C 253 8.47 -39.64 14.69
CA ASP C 253 8.59 -39.08 16.03
C ASP C 253 9.62 -37.97 16.03
N VAL C 254 9.44 -37.03 15.11
CA VAL C 254 10.30 -35.87 15.01
C VAL C 254 9.69 -34.72 15.78
N THR C 255 10.52 -34.04 16.56
CA THR C 255 10.04 -32.89 17.32
C THR C 255 10.45 -31.60 16.66
N VAL C 256 9.77 -30.52 17.06
CA VAL C 256 10.13 -29.19 16.62
C VAL C 256 11.57 -28.89 17.01
N GLU C 257 11.93 -29.24 18.24
CA GLU C 257 13.25 -28.93 18.75
C GLU C 257 14.36 -29.65 18.00
N GLN C 258 14.01 -30.73 17.31
CA GLN C 258 14.97 -31.42 16.48
C GLN C 258 15.20 -30.64 15.20
N VAL C 259 14.11 -30.39 14.48
CA VAL C 259 14.17 -29.66 13.24
C VAL C 259 14.93 -28.36 13.40
N ASN C 260 14.69 -27.69 14.51
CA ASN C 260 15.26 -26.37 14.73
C ASN C 260 16.74 -26.41 15.03
N GLU C 261 17.19 -27.43 15.75
CA GLU C 261 18.62 -27.55 16.06
C GLU C 261 19.37 -28.04 14.83
N ALA C 262 18.66 -28.78 13.98
CA ALA C 262 19.23 -29.26 12.74
C ALA C 262 19.59 -28.09 11.85
N MET C 263 18.69 -27.12 11.77
CA MET C 263 18.89 -25.94 10.94
C MET C 263 19.86 -24.97 11.59
N LYS C 264 19.92 -24.97 12.92
CA LYS C 264 20.86 -24.13 13.63
C LYS C 264 22.30 -24.55 13.31
N ASN C 265 22.53 -25.86 13.28
CA ASN C 265 23.86 -26.39 13.05
C ASN C 265 24.35 -26.21 11.62
N ALA C 266 23.43 -26.18 10.66
CA ALA C 266 23.86 -26.04 9.28
C ALA C 266 23.87 -24.59 8.84
N SER C 267 24.02 -23.68 9.78
CA SER C 267 23.91 -22.27 9.47
C SER C 267 25.25 -21.60 9.17
N ASN C 268 25.29 -20.85 8.08
CA ASN C 268 26.49 -20.17 7.68
C ASN C 268 26.20 -18.77 7.17
N GLU C 269 27.04 -18.30 6.26
CA GLU C 269 26.94 -16.94 5.76
C GLU C 269 25.91 -16.82 4.66
N SER C 270 25.45 -17.96 4.16
CA SER C 270 24.35 -18.01 3.22
C SER C 270 23.04 -18.25 3.96
N PHE C 271 23.08 -19.23 4.86
CA PHE C 271 21.92 -19.75 5.56
C PHE C 271 21.86 -19.26 7.01
N GLY C 272 20.97 -18.33 7.30
CA GLY C 272 20.89 -17.79 8.64
C GLY C 272 19.95 -18.55 9.55
N TYR C 273 19.85 -18.09 10.79
CA TYR C 273 18.96 -18.73 11.73
C TYR C 273 18.58 -17.76 12.83
N THR C 274 17.29 -17.52 13.00
CA THR C 274 16.87 -16.60 14.02
C THR C 274 15.66 -17.14 14.78
N GLU C 275 15.54 -16.75 16.03
CA GLU C 275 14.42 -17.14 16.87
C GLU C 275 13.67 -15.90 17.32
N ASP C 276 13.83 -14.82 16.57
CA ASP C 276 13.16 -13.56 16.86
C ASP C 276 11.86 -13.42 16.05
N GLU C 277 10.90 -12.69 16.59
CA GLU C 277 9.63 -12.52 15.92
C GLU C 277 9.66 -11.35 14.94
N ILE C 278 10.34 -11.59 13.82
CA ILE C 278 10.58 -10.60 12.79
C ILE C 278 9.53 -10.63 11.70
N VAL C 279 9.63 -9.65 10.81
CA VAL C 279 8.71 -9.54 9.69
C VAL C 279 9.50 -9.10 8.45
N SER C 280 8.84 -9.08 7.29
CA SER C 280 9.55 -8.93 6.03
C SER C 280 10.48 -7.72 5.99
N SER C 281 10.00 -6.54 6.32
CA SER C 281 10.83 -5.34 6.31
C SER C 281 12.15 -5.53 7.05
N ASP C 282 12.14 -6.37 8.07
CA ASP C 282 13.34 -6.59 8.84
C ASP C 282 14.41 -7.31 8.03
N VAL C 283 14.05 -7.95 6.92
CA VAL C 283 15.05 -8.68 6.18
C VAL C 283 15.37 -8.03 4.87
N VAL C 284 14.89 -6.81 4.67
CA VAL C 284 15.25 -6.05 3.49
C VAL C 284 16.72 -5.64 3.54
N GLY C 285 17.44 -5.95 2.47
CA GLY C 285 18.84 -5.62 2.38
C GLY C 285 19.73 -6.55 3.16
N MET C 286 19.25 -7.74 3.48
CA MET C 286 20.09 -8.70 4.15
C MET C 286 20.90 -9.50 3.13
N THR C 287 21.99 -10.12 3.57
CA THR C 287 22.89 -10.76 2.64
C THR C 287 23.02 -12.24 2.92
N TYR C 288 22.16 -12.76 3.77
CA TYR C 288 21.96 -14.20 3.81
C TYR C 288 21.22 -14.57 2.54
N GLY C 289 21.49 -15.76 1.99
CA GLY C 289 20.70 -16.21 0.87
C GLY C 289 19.33 -16.56 1.38
N SER C 290 19.30 -17.05 2.60
CA SER C 290 18.09 -17.51 3.25
C SER C 290 18.22 -17.43 4.76
N LEU C 291 17.14 -17.05 5.43
CA LEU C 291 17.17 -16.92 6.88
C LEU C 291 16.12 -17.82 7.49
N PHE C 292 16.52 -18.83 8.25
CA PHE C 292 15.54 -19.75 8.80
C PHE C 292 14.80 -19.14 9.98
N ASP C 293 13.48 -19.27 9.97
CA ASP C 293 12.65 -18.76 11.04
C ASP C 293 12.15 -19.86 11.97
N ALA C 294 12.83 -20.03 13.10
CA ALA C 294 12.55 -21.13 14.00
C ALA C 294 11.29 -20.91 14.81
N THR C 295 10.68 -19.75 14.68
CA THR C 295 9.44 -19.49 15.39
C THR C 295 8.27 -20.00 14.59
N GLN C 296 8.51 -20.44 13.36
CA GLN C 296 7.43 -20.86 12.49
C GLN C 296 7.49 -22.34 12.18
N THR C 297 8.26 -23.08 12.96
CA THR C 297 8.37 -24.52 12.79
C THR C 297 7.18 -25.23 13.42
N ARG C 298 6.54 -26.13 12.67
CA ARG C 298 5.38 -26.88 13.16
C ARG C 298 5.47 -28.37 12.86
N VAL C 299 5.14 -29.20 13.84
CA VAL C 299 5.13 -30.63 13.64
C VAL C 299 3.78 -31.21 14.02
N MET C 300 2.93 -31.41 13.02
CA MET C 300 1.59 -31.96 13.21
C MET C 300 1.64 -33.46 13.40
N SER C 301 1.31 -33.92 14.60
CA SER C 301 1.35 -35.34 14.87
C SER C 301 -0.03 -35.92 15.13
N VAL C 302 -0.65 -36.47 14.09
CA VAL C 302 -1.89 -37.23 14.26
C VAL C 302 -1.56 -38.71 14.36
N GLY C 303 -1.67 -39.25 15.56
CA GLY C 303 -1.35 -40.63 15.80
C GLY C 303 0.09 -40.89 15.39
N ASP C 304 0.28 -41.78 14.42
CA ASP C 304 1.61 -42.21 14.02
C ASP C 304 2.23 -41.29 12.97
N ARG C 305 1.41 -40.76 12.08
CA ARG C 305 1.92 -40.02 10.93
C ARG C 305 2.10 -38.52 11.18
N GLN C 306 3.19 -37.96 10.66
CA GLN C 306 3.53 -36.57 10.91
C GLN C 306 3.57 -35.70 9.66
N LEU C 307 3.14 -34.45 9.81
CA LEU C 307 3.38 -33.41 8.82
C LEU C 307 4.25 -32.33 9.44
N VAL C 308 5.31 -31.95 8.74
CA VAL C 308 6.19 -30.91 9.23
C VAL C 308 6.17 -29.70 8.32
N LYS C 309 6.10 -28.52 8.93
CA LYS C 309 6.13 -27.26 8.21
C LYS C 309 7.28 -26.44 8.71
N VAL C 310 7.93 -25.71 7.82
CA VAL C 310 8.92 -24.73 8.25
C VAL C 310 8.81 -23.49 7.39
N ALA C 311 9.61 -22.49 7.69
CA ALA C 311 9.61 -21.27 6.90
C ALA C 311 10.94 -20.54 7.00
N ALA C 312 11.30 -19.84 5.94
CA ALA C 312 12.52 -19.09 5.90
C ALA C 312 12.31 -17.81 5.11
N TRP C 313 12.84 -16.71 5.62
CA TRP C 313 12.72 -15.43 4.93
C TRP C 313 13.84 -15.24 3.94
N TYR C 314 13.63 -14.32 3.02
CA TYR C 314 14.69 -13.84 2.15
C TYR C 314 14.28 -12.54 1.50
N ASP C 315 15.26 -11.70 1.17
CA ASP C 315 14.99 -10.55 0.35
C ASP C 315 15.19 -10.94 -1.10
N ASN C 316 14.11 -11.17 -1.83
CA ASN C 316 14.23 -11.61 -3.21
C ASN C 316 15.16 -10.74 -4.04
N GLU C 317 15.48 -9.56 -3.54
CA GLU C 317 16.49 -8.73 -4.20
C GLU C 317 17.91 -8.98 -3.68
N MET C 318 18.24 -8.47 -2.50
CA MET C 318 19.62 -8.50 -2.04
C MET C 318 20.06 -9.87 -1.56
N SER C 319 19.12 -10.74 -1.18
CA SER C 319 19.52 -12.08 -0.74
C SER C 319 20.06 -12.87 -1.91
N TYR C 320 19.35 -12.79 -3.02
CA TYR C 320 19.77 -13.42 -4.24
C TYR C 320 21.07 -12.84 -4.70
N THR C 321 21.08 -11.52 -4.79
CA THR C 321 22.23 -10.76 -5.22
C THR C 321 23.46 -11.08 -4.38
N ALA C 322 23.29 -11.20 -3.07
CA ALA C 322 24.41 -11.57 -2.23
C ALA C 322 24.92 -12.94 -2.63
N GLN C 323 24.01 -13.84 -2.97
CA GLN C 323 24.39 -15.19 -3.38
C GLN C 323 25.13 -15.19 -4.69
N LEU C 324 24.64 -14.44 -5.66
CA LEU C 324 25.32 -14.30 -6.94
C LEU C 324 26.77 -13.87 -6.73
N VAL C 325 26.96 -12.72 -6.11
CA VAL C 325 28.27 -12.16 -5.85
C VAL C 325 29.16 -13.13 -5.07
N ARG C 326 28.59 -14.07 -4.33
CA ARG C 326 29.41 -15.13 -3.78
C ARG C 326 29.86 -16.12 -4.84
N THR C 327 28.94 -16.56 -5.69
CA THR C 327 29.27 -17.56 -6.70
C THR C 327 30.20 -16.99 -7.74
N LEU C 328 29.84 -15.81 -8.22
CA LEU C 328 30.69 -15.04 -9.10
C LEU C 328 32.12 -14.94 -8.59
N ALA C 329 32.31 -14.48 -7.36
CA ALA C 329 33.65 -14.41 -6.79
C ALA C 329 34.37 -15.76 -6.83
N TYR C 330 33.62 -16.81 -6.56
CA TYR C 330 34.19 -18.16 -6.51
C TYR C 330 34.56 -18.65 -7.90
N LEU C 331 33.89 -18.15 -8.92
CA LEU C 331 34.20 -18.55 -10.28
C LEU C 331 35.48 -17.88 -10.76
N ALA C 332 35.72 -16.68 -10.27
CA ALA C 332 36.88 -15.93 -10.67
C ALA C 332 38.16 -16.48 -10.07
N GLU C 333 38.08 -16.95 -8.82
CA GLU C 333 39.25 -17.45 -8.14
C GLU C 333 39.54 -18.88 -8.56
N LEU C 334 38.66 -19.43 -9.39
CA LEU C 334 38.91 -20.71 -10.03
C LEU C 334 39.68 -20.46 -11.33
N SER C 335 40.30 -19.29 -11.39
CA SER C 335 41.31 -18.97 -12.38
C SER C 335 42.50 -18.53 -11.56
N LYS C 336 43.34 -19.49 -11.16
CA LYS C 336 44.33 -19.25 -10.12
C LYS C 336 45.39 -18.20 -10.48
N ALA D 2 -41.43 -9.54 9.64
CA ALA D 2 -39.99 -9.72 9.50
C ALA D 2 -39.36 -10.06 10.84
N VAL D 3 -38.19 -10.67 10.81
CA VAL D 3 -37.44 -10.97 12.02
C VAL D 3 -36.75 -9.73 12.55
N LYS D 4 -36.99 -9.42 13.82
CA LYS D 4 -36.43 -8.23 14.44
C LYS D 4 -35.01 -8.51 14.97
N VAL D 5 -34.02 -7.80 14.43
CA VAL D 5 -32.63 -8.02 14.81
C VAL D 5 -32.03 -6.85 15.59
N ALA D 6 -31.27 -7.16 16.62
CA ALA D 6 -30.52 -6.15 17.33
C ALA D 6 -29.04 -6.47 17.25
N ILE D 7 -28.24 -5.45 16.97
CA ILE D 7 -26.80 -5.62 16.90
C ILE D 7 -26.09 -4.93 18.04
N ASN D 8 -25.42 -5.71 18.87
CA ASN D 8 -24.63 -5.18 19.96
C ASN D 8 -23.18 -4.99 19.50
N GLY D 9 -22.73 -3.75 19.40
CA GLY D 9 -21.39 -3.47 18.91
C GLY D 9 -21.32 -3.15 17.44
N PHE D 10 -21.04 -1.90 17.09
CA PHE D 10 -21.19 -1.48 15.71
C PHE D 10 -19.83 -1.27 15.06
N GLY D 11 -18.95 -2.25 15.28
CA GLY D 11 -17.65 -2.31 14.67
C GLY D 11 -17.80 -2.81 13.25
N ARG D 12 -16.73 -3.33 12.69
CA ARG D 12 -16.77 -3.76 11.29
C ARG D 12 -17.82 -4.81 11.06
N ILE D 13 -17.80 -5.85 11.89
CA ILE D 13 -18.74 -6.95 11.79
C ILE D 13 -20.19 -6.50 11.90
N GLY D 14 -20.46 -5.58 12.82
CA GLY D 14 -21.81 -5.12 13.05
C GLY D 14 -22.35 -4.21 11.98
N ARG D 15 -21.48 -3.41 11.37
CA ARG D 15 -21.90 -2.49 10.33
C ARG D 15 -22.05 -3.21 9.03
N LEU D 16 -21.33 -4.31 8.89
CA LEU D 16 -21.44 -5.08 7.67
C LEU D 16 -22.67 -5.95 7.75
N ALA D 17 -22.97 -6.42 8.96
CA ALA D 17 -24.17 -7.19 9.21
C ALA D 17 -25.38 -6.33 9.00
N PHE D 18 -25.26 -5.06 9.31
CA PHE D 18 -26.33 -4.14 9.03
C PHE D 18 -26.56 -4.09 7.53
N ARG D 19 -25.48 -3.87 6.79
CA ARG D 19 -25.55 -3.70 5.34
C ARG D 19 -26.14 -4.92 4.63
N ARG D 20 -25.67 -6.10 4.99
CA ARG D 20 -26.12 -7.32 4.37
C ARG D 20 -27.60 -7.59 4.63
N ILE D 21 -28.07 -7.26 5.83
CA ILE D 21 -29.45 -7.45 6.21
C ILE D 21 -30.35 -6.53 5.36
N GLN D 22 -29.79 -5.47 4.82
CA GLN D 22 -30.53 -4.63 3.89
C GLN D 22 -30.87 -5.35 2.59
N GLU D 23 -30.23 -6.49 2.37
CA GLU D 23 -30.38 -7.21 1.11
C GLU D 23 -31.08 -8.53 1.33
N VAL D 24 -31.51 -8.77 2.55
CA VAL D 24 -32.27 -9.95 2.83
C VAL D 24 -33.68 -9.55 3.19
N GLU D 25 -34.65 -10.06 2.45
CA GLU D 25 -36.05 -9.78 2.72
C GLU D 25 -36.50 -10.57 3.92
N GLY D 26 -37.25 -9.93 4.80
CA GLY D 26 -37.76 -10.61 5.97
C GLY D 26 -36.88 -10.42 7.16
N LEU D 27 -35.77 -9.70 6.96
CA LEU D 27 -34.87 -9.34 8.04
C LEU D 27 -34.81 -7.84 8.25
N GLU D 28 -34.85 -7.44 9.51
CA GLU D 28 -34.83 -6.03 9.89
C GLU D 28 -33.97 -5.73 11.12
N VAL D 29 -33.11 -4.72 11.00
CA VAL D 29 -32.39 -4.24 12.17
C VAL D 29 -33.14 -3.08 12.78
N VAL D 30 -33.58 -3.26 14.02
CA VAL D 30 -34.39 -2.25 14.68
C VAL D 30 -33.65 -1.53 15.81
N ALA D 31 -32.52 -2.09 16.23
CA ALA D 31 -31.73 -1.44 17.26
C ALA D 31 -30.27 -1.77 17.12
N VAL D 32 -29.43 -0.78 17.42
CA VAL D 32 -27.98 -0.93 17.49
C VAL D 32 -27.46 -0.38 18.83
N ASN D 33 -26.66 -1.15 19.54
CA ASN D 33 -25.99 -0.67 20.74
C ASN D 33 -24.49 -0.53 20.51
N ASP D 34 -23.94 0.61 20.92
CA ASP D 34 -22.51 0.87 20.87
C ASP D 34 -22.20 2.12 21.69
N LEU D 35 -21.05 2.13 22.34
CA LEU D 35 -20.67 3.19 23.25
C LEU D 35 -20.16 4.44 22.53
N THR D 36 -19.92 4.33 21.24
CA THR D 36 -19.53 5.46 20.43
C THR D 36 -20.75 6.31 20.13
N ASP D 37 -20.57 7.60 19.97
CA ASP D 37 -21.67 8.49 19.62
C ASP D 37 -22.31 8.14 18.28
N ASP D 38 -23.53 8.60 18.07
CA ASP D 38 -24.26 8.26 16.86
C ASP D 38 -23.64 8.90 15.64
N ASP D 39 -23.12 10.10 15.83
CA ASP D 39 -22.60 10.90 14.73
C ASP D 39 -21.42 10.21 14.07
N MET D 40 -20.58 9.60 14.88
CA MET D 40 -19.44 8.88 14.36
C MET D 40 -19.91 7.57 13.75
N LEU D 41 -20.91 6.93 14.35
CA LEU D 41 -21.37 5.64 13.84
C LEU D 41 -22.09 5.75 12.51
N ALA D 42 -22.88 6.79 12.33
CA ALA D 42 -23.55 7.02 11.06
C ALA D 42 -22.53 7.22 9.97
N HIS D 43 -21.52 8.04 10.26
CA HIS D 43 -20.46 8.35 9.32
C HIS D 43 -19.71 7.10 8.91
N LEU D 44 -19.52 6.19 9.84
CA LEU D 44 -18.85 4.95 9.52
C LEU D 44 -19.76 3.98 8.78
N LEU D 45 -21.07 4.08 8.98
CA LEU D 45 -21.97 3.23 8.22
C LEU D 45 -22.11 3.81 6.83
N LYS D 46 -22.07 5.13 6.76
CA LYS D 46 -22.27 5.83 5.50
C LYS D 46 -21.10 5.64 4.54
N TYR D 47 -19.89 5.62 5.08
CA TYR D 47 -18.67 5.58 4.28
C TYR D 47 -17.77 4.42 4.68
N ASP D 48 -17.42 3.59 3.70
CA ASP D 48 -16.60 2.43 3.98
C ASP D 48 -15.44 2.38 2.99
N THR D 49 -14.25 2.09 3.49
CA THR D 49 -13.06 2.11 2.65
C THR D 49 -13.06 0.93 1.67
N MET D 50 -13.42 -0.25 2.15
CA MET D 50 -13.32 -1.42 1.30
C MET D 50 -14.67 -1.97 0.83
N GLN D 51 -15.76 -1.59 1.48
CA GLN D 51 -17.06 -2.17 1.12
C GLN D 51 -17.97 -1.23 0.34
N GLY D 52 -17.57 0.03 0.22
CA GLY D 52 -18.25 0.97 -0.65
C GLY D 52 -19.17 1.93 0.06
N ARG D 53 -19.55 3.00 -0.63
CA ARG D 53 -20.56 3.93 -0.13
C ARG D 53 -21.76 3.11 0.28
N PHE D 54 -22.41 3.47 1.38
CA PHE D 54 -23.62 2.77 1.79
C PHE D 54 -24.71 2.94 0.76
N THR D 55 -25.36 1.84 0.42
CA THR D 55 -26.45 1.87 -0.55
C THR D 55 -27.72 2.41 0.10
N GLY D 56 -28.04 3.66 -0.19
CA GLY D 56 -29.20 4.28 0.41
C GLY D 56 -28.92 5.61 1.04
N GLU D 57 -29.61 5.91 2.13
CA GLU D 57 -29.45 7.18 2.80
C GLU D 57 -29.41 6.97 4.30
N VAL D 58 -28.39 7.54 4.94
CA VAL D 58 -28.30 7.49 6.39
C VAL D 58 -28.45 8.89 6.92
N GLU D 59 -29.19 9.02 8.02
CA GLU D 59 -29.30 10.28 8.72
C GLU D 59 -29.36 9.98 10.20
N VAL D 60 -28.88 10.91 11.01
CA VAL D 60 -29.07 10.80 12.45
C VAL D 60 -30.38 11.47 12.82
N VAL D 61 -31.31 10.71 13.36
CA VAL D 61 -32.55 11.27 13.87
C VAL D 61 -32.52 11.24 15.39
N ASP D 62 -33.57 11.77 16.01
CA ASP D 62 -33.57 12.00 17.45
C ASP D 62 -33.10 10.78 18.25
N GLY D 63 -33.88 9.70 18.25
CA GLY D 63 -33.53 8.57 19.08
C GLY D 63 -32.62 7.53 18.42
N GLY D 64 -31.95 7.91 17.34
CA GLY D 64 -31.12 6.96 16.64
C GLY D 64 -30.88 7.29 15.19
N PHE D 65 -31.29 6.40 14.29
CA PHE D 65 -31.05 6.59 12.86
C PHE D 65 -32.29 6.35 12.03
N ARG D 66 -32.39 7.02 10.89
CA ARG D 66 -33.31 6.60 9.85
C ARG D 66 -32.52 6.17 8.63
N VAL D 67 -32.69 4.91 8.25
CA VAL D 67 -31.96 4.32 7.14
C VAL D 67 -32.89 3.72 6.11
N ASN D 68 -32.90 4.29 4.91
CA ASN D 68 -33.77 3.82 3.85
C ASN D 68 -35.21 3.91 4.28
N GLY D 69 -35.53 4.97 5.02
CA GLY D 69 -36.88 5.24 5.43
C GLY D 69 -37.34 4.50 6.66
N LYS D 70 -36.45 3.74 7.30
CA LYS D 70 -36.84 3.05 8.52
C LYS D 70 -36.02 3.53 9.71
N GLU D 71 -36.68 3.76 10.84
CA GLU D 71 -35.99 4.18 12.05
CA GLU D 71 -36.00 4.19 12.05
C GLU D 71 -35.26 3.01 12.68
N VAL D 72 -34.11 3.31 13.27
CA VAL D 72 -33.32 2.32 13.98
C VAL D 72 -32.92 2.92 15.31
N LYS D 73 -33.35 2.31 16.40
CA LYS D 73 -33.07 2.89 17.71
C LYS D 73 -31.61 2.70 18.03
N SER D 74 -31.01 3.69 18.67
CA SER D 74 -29.59 3.64 19.00
C SER D 74 -29.36 3.86 20.48
N PHE D 75 -28.59 2.98 21.11
CA PHE D 75 -28.28 3.09 22.53
C PHE D 75 -26.77 3.11 22.79
N SER D 76 -26.36 3.75 23.87
CA SER D 76 -24.98 3.62 24.34
C SER D 76 -24.96 3.06 25.75
N GLU D 77 -25.47 1.84 25.88
CA GLU D 77 -25.68 1.20 27.16
C GLU D 77 -24.64 0.14 27.49
N PRO D 78 -23.74 0.44 28.42
CA PRO D 78 -22.73 -0.46 28.95
C PRO D 78 -23.30 -1.81 29.31
N ASP D 79 -24.31 -1.81 30.16
CA ASP D 79 -24.93 -3.03 30.69
C ASP D 79 -25.94 -3.66 29.73
N ALA D 80 -25.62 -4.85 29.24
CA ALA D 80 -26.45 -5.52 28.25
C ALA D 80 -27.85 -5.86 28.75
N SER D 81 -27.96 -6.27 30.00
CA SER D 81 -29.25 -6.74 30.51
C SER D 81 -30.22 -5.61 30.81
N LYS D 82 -29.88 -4.39 30.43
CA LYS D 82 -30.75 -3.25 30.64
C LYS D 82 -31.32 -2.80 29.34
N LEU D 83 -31.00 -3.56 28.30
CA LEU D 83 -31.41 -3.19 26.96
C LEU D 83 -32.87 -3.58 26.70
N PRO D 84 -33.61 -2.65 26.12
CA PRO D 84 -35.04 -2.83 25.87
C PRO D 84 -35.33 -3.85 24.81
N TRP D 85 -34.80 -5.07 24.92
CA TRP D 85 -35.06 -6.07 23.88
C TRP D 85 -36.45 -6.68 24.02
N LYS D 86 -37.00 -6.69 25.23
CA LYS D 86 -38.37 -7.13 25.40
C LYS D 86 -39.33 -6.22 24.65
N ASP D 87 -39.08 -4.92 24.76
CA ASP D 87 -39.94 -3.92 24.15
C ASP D 87 -39.80 -3.83 22.65
N LEU D 88 -38.66 -4.26 22.13
CA LEU D 88 -38.44 -4.18 20.69
C LEU D 88 -38.72 -5.50 20.03
N ASN D 89 -39.18 -6.46 20.84
CA ASN D 89 -39.63 -7.75 20.34
C ASN D 89 -38.51 -8.45 19.63
N ILE D 90 -37.33 -8.40 20.24
CA ILE D 90 -36.13 -8.82 19.57
C ILE D 90 -36.02 -10.34 19.47
N ASP D 91 -36.02 -10.82 18.23
CA ASP D 91 -35.91 -12.26 17.98
C ASP D 91 -34.50 -12.75 18.11
N VAL D 92 -33.58 -12.03 17.48
CA VAL D 92 -32.17 -12.38 17.58
C VAL D 92 -31.31 -11.15 17.87
N VAL D 93 -30.48 -11.26 18.89
CA VAL D 93 -29.40 -10.30 19.08
C VAL D 93 -28.12 -10.80 18.42
N LEU D 94 -27.54 -9.97 17.57
CA LEU D 94 -26.23 -10.27 17.00
C LEU D 94 -25.15 -9.63 17.85
N GLU D 95 -24.46 -10.46 18.60
CA GLU D 95 -23.51 -9.98 19.60
C GLU D 95 -22.10 -9.84 19.02
N CYS D 96 -21.67 -8.59 18.82
CA CYS D 96 -20.43 -8.26 18.13
C CYS D 96 -19.50 -7.30 18.89
N THR D 97 -19.46 -7.37 20.21
CA THR D 97 -18.63 -6.42 20.95
C THR D 97 -17.27 -7.01 21.27
N GLY D 98 -17.20 -8.34 21.38
CA GLY D 98 -15.97 -9.01 21.73
C GLY D 98 -15.93 -9.39 23.19
N PHE D 99 -16.71 -8.73 24.03
CA PHE D 99 -16.62 -9.02 25.46
C PHE D 99 -17.57 -10.12 25.94
N TYR D 100 -18.52 -10.49 25.10
CA TYR D 100 -19.51 -11.48 25.52
C TYR D 100 -19.36 -12.76 24.75
N THR D 101 -18.13 -13.15 24.46
CA THR D 101 -17.85 -14.38 23.72
C THR D 101 -17.90 -15.59 24.62
N ASP D 102 -18.96 -15.67 25.42
CA ASP D 102 -19.17 -16.81 26.28
C ASP D 102 -20.67 -17.05 26.45
N LYS D 103 -21.04 -18.31 26.52
CA LYS D 103 -22.43 -18.71 26.66
C LYS D 103 -23.11 -18.01 27.82
N ASP D 104 -22.47 -18.03 28.98
CA ASP D 104 -23.08 -17.51 30.20
C ASP D 104 -23.07 -15.98 30.24
N LYS D 105 -22.10 -15.37 29.58
CA LYS D 105 -22.03 -13.91 29.50
C LYS D 105 -23.13 -13.38 28.60
N ALA D 106 -23.54 -14.19 27.63
CA ALA D 106 -24.49 -13.76 26.61
C ALA D 106 -25.92 -13.89 27.09
N GLN D 107 -26.11 -14.61 28.18
CA GLN D 107 -27.43 -14.79 28.75
C GLN D 107 -28.05 -13.44 29.11
N ALA D 108 -27.20 -12.43 29.30
CA ALA D 108 -27.66 -11.11 29.65
C ALA D 108 -28.62 -10.56 28.62
N HIS D 109 -28.44 -10.95 27.37
CA HIS D 109 -29.30 -10.49 26.29
C HIS D 109 -30.67 -11.15 26.38
N ILE D 110 -30.67 -12.37 26.89
CA ILE D 110 -31.91 -13.12 27.13
C ILE D 110 -32.60 -12.50 28.34
N GLU D 111 -31.83 -12.28 29.39
CA GLU D 111 -32.32 -11.61 30.57
C GLU D 111 -32.90 -10.22 30.24
N ALA D 112 -32.49 -9.64 29.12
CA ALA D 112 -33.01 -8.36 28.72
C ALA D 112 -34.23 -8.56 27.83
N GLY D 113 -34.54 -9.81 27.53
CA GLY D 113 -35.78 -10.11 26.84
C GLY D 113 -35.70 -10.49 25.37
N ALA D 114 -34.50 -10.52 24.82
CA ALA D 114 -34.33 -10.99 23.45
C ALA D 114 -34.51 -12.49 23.41
N LYS D 115 -34.85 -13.03 22.24
CA LYS D 115 -35.22 -14.44 22.12
C LYS D 115 -34.02 -15.36 21.91
N LYS D 116 -33.13 -14.97 21.01
CA LYS D 116 -31.93 -15.74 20.72
C LYS D 116 -30.73 -14.80 20.58
N VAL D 117 -29.54 -15.29 20.88
CA VAL D 117 -28.32 -14.52 20.62
C VAL D 117 -27.38 -15.30 19.71
N LEU D 118 -26.93 -14.64 18.65
CA LEU D 118 -25.85 -15.17 17.83
C LEU D 118 -24.56 -14.41 18.08
N ILE D 119 -23.54 -15.11 18.58
CA ILE D 119 -22.25 -14.52 18.85
C ILE D 119 -21.34 -14.50 17.62
N SER D 120 -20.86 -13.33 17.23
CA SER D 120 -20.12 -13.17 15.99
C SER D 120 -18.63 -13.34 16.20
N ALA D 121 -18.27 -14.49 16.73
CA ALA D 121 -16.92 -14.81 17.13
C ALA D 121 -16.98 -16.19 17.73
N PRO D 122 -15.83 -16.82 17.92
CA PRO D 122 -15.86 -18.04 18.73
C PRO D 122 -16.27 -17.74 20.16
N ALA D 123 -16.89 -18.70 20.82
CA ALA D 123 -17.27 -18.52 22.21
C ALA D 123 -17.01 -19.77 23.01
N THR D 124 -16.86 -19.58 24.30
CA THR D 124 -16.63 -20.67 25.24
C THR D 124 -17.91 -20.99 25.98
N GLY D 125 -17.89 -22.06 26.77
CA GLY D 125 -19.06 -22.47 27.52
C GLY D 125 -19.84 -23.51 26.75
N ASP D 126 -20.91 -24.04 27.33
CA ASP D 126 -21.68 -25.10 26.71
C ASP D 126 -22.67 -24.57 25.68
N LEU D 127 -22.22 -24.40 24.45
CA LEU D 127 -23.09 -23.98 23.37
C LEU D 127 -22.61 -24.58 22.07
N LYS D 128 -23.20 -24.17 20.95
CA LYS D 128 -22.90 -24.76 19.67
C LYS D 128 -22.21 -23.79 18.74
N THR D 129 -21.27 -24.29 17.96
CA THR D 129 -20.57 -23.48 16.97
C THR D 129 -21.02 -23.85 15.57
N ILE D 130 -21.55 -22.88 14.85
CA ILE D 130 -22.25 -23.19 13.60
C ILE D 130 -21.68 -22.54 12.35
N VAL D 131 -21.41 -23.36 11.35
CA VAL D 131 -21.03 -22.86 10.05
C VAL D 131 -22.13 -23.20 9.08
N PHE D 132 -22.86 -22.20 8.62
CA PHE D 132 -24.03 -22.45 7.82
C PHE D 132 -23.69 -23.28 6.59
N ASN D 133 -24.60 -24.17 6.23
CA ASN D 133 -24.44 -25.12 5.13
C ASN D 133 -23.26 -26.05 5.33
N THR D 134 -22.79 -26.18 6.57
CA THR D 134 -21.84 -27.21 6.94
C THR D 134 -22.37 -28.00 8.13
N ASN D 135 -22.88 -27.32 9.16
CA ASN D 135 -23.40 -28.05 10.32
C ASN D 135 -24.58 -27.38 11.03
N HIS D 136 -25.35 -26.56 10.32
CA HIS D 136 -26.41 -25.82 10.97
C HIS D 136 -27.62 -26.70 11.23
N GLN D 137 -27.58 -27.92 10.71
CA GLN D 137 -28.69 -28.82 10.92
C GLN D 137 -28.61 -29.45 12.29
N GLU D 138 -27.50 -29.22 12.98
CA GLU D 138 -27.36 -29.68 14.34
C GLU D 138 -28.19 -28.78 15.27
N LEU D 139 -28.61 -27.65 14.74
CA LEU D 139 -29.50 -26.77 15.48
C LEU D 139 -30.89 -27.37 15.53
N ASP D 140 -31.39 -27.58 16.74
CA ASP D 140 -32.69 -28.22 16.91
C ASP D 140 -33.76 -27.20 17.26
N GLY D 141 -33.39 -26.19 18.04
CA GLY D 141 -34.29 -25.11 18.35
C GLY D 141 -34.25 -24.74 19.81
N SER D 142 -33.54 -25.55 20.59
CA SER D 142 -33.50 -25.39 22.04
C SER D 142 -32.44 -24.42 22.51
N GLU D 143 -31.68 -23.86 21.58
CA GLU D 143 -30.55 -23.05 21.94
C GLU D 143 -30.94 -21.60 22.05
N THR D 144 -30.42 -20.93 23.06
CA THR D 144 -30.65 -19.51 23.22
C THR D 144 -29.42 -18.73 22.75
N VAL D 145 -28.23 -19.24 23.03
CA VAL D 145 -26.99 -18.64 22.56
C VAL D 145 -26.25 -19.54 21.58
N VAL D 146 -25.76 -18.97 20.49
CA VAL D 146 -24.97 -19.72 19.50
C VAL D 146 -23.71 -18.95 19.03
N SER D 147 -22.69 -19.68 18.63
CA SER D 147 -21.51 -19.08 18.01
C SER D 147 -21.45 -19.37 16.51
N GLY D 148 -21.06 -18.36 15.75
CA GLY D 148 -21.01 -18.50 14.31
C GLY D 148 -19.60 -18.77 13.81
N ALA D 149 -18.77 -19.25 14.72
CA ALA D 149 -17.35 -19.46 14.50
C ALA D 149 -16.67 -18.19 14.04
N SER D 150 -15.49 -18.34 13.46
CA SER D 150 -14.69 -17.22 12.97
C SER D 150 -14.70 -17.15 11.45
N THR D 152 -12.28 -17.32 9.45
CA THR D 152 -11.37 -18.27 8.86
C THR D 152 -11.99 -19.64 8.94
N THR D 153 -12.79 -19.91 9.97
CA THR D 153 -13.48 -21.19 10.09
C THR D 153 -14.47 -21.41 8.96
N ASN D 154 -15.30 -20.42 8.67
CA ASN D 154 -16.29 -20.56 7.61
C ASN D 154 -15.67 -20.79 6.23
N SER D 155 -14.42 -20.42 6.07
CA SER D 155 -13.74 -20.57 4.79
C SER D 155 -13.19 -21.97 4.66
N LEU D 156 -12.72 -22.49 5.77
CA LEU D 156 -12.08 -23.80 5.81
C LEU D 156 -13.04 -24.97 5.90
N ALA D 157 -14.22 -24.74 6.49
CA ALA D 157 -15.11 -25.83 6.88
C ALA D 157 -15.78 -26.58 5.71
N PRO D 158 -16.30 -25.85 4.71
CA PRO D 158 -16.81 -26.62 3.59
C PRO D 158 -15.74 -27.43 2.90
N VAL D 159 -14.55 -26.86 2.79
CA VAL D 159 -13.46 -27.49 2.06
C VAL D 159 -12.98 -28.72 2.77
N ALA D 160 -12.83 -28.63 4.08
CA ALA D 160 -12.32 -29.75 4.83
C ALA D 160 -13.36 -30.86 4.93
N LYS D 161 -14.64 -30.52 4.81
CA LYS D 161 -15.66 -31.55 4.88
C LYS D 161 -15.67 -32.40 3.62
N VAL D 162 -15.64 -31.76 2.46
CA VAL D 162 -15.56 -32.46 1.19
C VAL D 162 -14.30 -33.30 1.12
N LEU D 163 -13.25 -32.85 1.79
CA LEU D 163 -12.04 -33.65 1.81
C LEU D 163 -12.20 -34.87 2.70
N ASN D 164 -12.78 -34.71 3.87
CA ASN D 164 -12.93 -35.84 4.79
C ASN D 164 -14.01 -36.82 4.37
N ASP D 165 -14.99 -36.34 3.63
CA ASP D 165 -16.08 -37.21 3.22
C ASP D 165 -15.65 -38.06 2.04
N ASP D 166 -15.09 -37.44 1.00
CA ASP D 166 -14.80 -38.16 -0.22
C ASP D 166 -13.47 -38.89 -0.20
N PHE D 167 -12.62 -38.51 0.74
CA PHE D 167 -11.38 -39.23 1.00
C PHE D 167 -11.23 -39.17 2.51
N GLY D 168 -10.47 -40.04 3.11
CA GLY D 168 -10.36 -39.88 4.55
C GLY D 168 -9.25 -38.92 4.93
N LEU D 169 -9.55 -37.94 5.76
CA LEU D 169 -8.52 -37.00 6.18
C LEU D 169 -7.68 -37.55 7.30
N VAL D 170 -6.38 -37.64 7.08
CA VAL D 170 -5.50 -38.20 8.08
C VAL D 170 -4.91 -37.08 8.94
N GLU D 171 -4.47 -36.03 8.27
CA GLU D 171 -3.99 -34.85 8.94
C GLU D 171 -3.91 -33.72 7.93
N GLY D 172 -3.57 -32.52 8.40
CA GLY D 172 -3.45 -31.39 7.51
C GLY D 172 -2.96 -30.16 8.21
N LEU D 173 -2.46 -29.22 7.44
CA LEU D 173 -1.95 -27.98 7.97
C LEU D 173 -2.42 -26.84 7.10
N MET D 174 -2.67 -25.69 7.72
CA MET D 174 -3.30 -24.57 7.07
C MET D 174 -2.46 -23.32 7.13
N THR D 175 -2.44 -22.57 6.04
CA THR D 175 -1.93 -21.22 6.08
C THR D 175 -2.94 -20.34 5.40
N THR D 176 -3.37 -19.31 6.11
CA THR D 176 -4.26 -18.37 5.49
C THR D 176 -3.49 -17.09 5.25
N ILE D 177 -3.51 -16.65 4.00
CA ILE D 177 -2.89 -15.42 3.59
C ILE D 177 -3.92 -14.36 3.80
N HIS D 178 -3.82 -13.68 4.94
CA HIS D 178 -4.91 -12.91 5.47
C HIS D 178 -4.75 -11.41 5.27
N ALA D 179 -5.84 -10.71 5.03
CA ALA D 179 -5.84 -9.27 5.04
C ALA D 179 -5.50 -8.80 6.44
N TYR D 180 -4.88 -7.64 6.58
CA TYR D 180 -4.53 -7.18 7.91
C TYR D 180 -5.75 -6.59 8.59
N THR D 181 -5.74 -6.54 9.92
CA THR D 181 -6.94 -6.16 10.64
C THR D 181 -6.70 -5.05 11.64
N GLY D 182 -7.79 -4.49 12.16
CA GLY D 182 -7.72 -3.36 13.06
C GLY D 182 -6.97 -3.61 14.35
N ASP D 183 -6.62 -4.86 14.63
CA ASP D 183 -5.93 -5.20 15.85
C ASP D 183 -4.44 -5.18 15.64
N GLN D 184 -4.04 -4.79 14.44
CA GLN D 184 -2.65 -4.58 14.14
C GLN D 184 -2.32 -3.10 14.18
N ASN D 185 -1.07 -2.77 14.49
CA ASN D 185 -0.70 -1.39 14.66
C ASN D 185 -0.43 -0.70 13.34
N THR D 186 -0.66 0.60 13.29
CA THR D 186 -0.44 1.40 12.10
C THR D 186 1.03 1.67 11.88
N GLN D 187 1.73 1.92 12.98
CA GLN D 187 3.18 2.06 12.94
C GLN D 187 3.76 1.09 13.95
N ASP D 188 5.06 0.84 13.88
CA ASP D 188 5.68 -0.01 14.87
C ASP D 188 5.44 0.63 16.21
N ALA D 189 4.79 -0.08 17.12
CA ALA D 189 4.48 0.48 18.43
C ALA D 189 4.20 -0.66 19.39
N PRO D 190 4.14 -0.38 20.70
CA PRO D 190 3.80 -1.50 21.59
C PRO D 190 2.37 -1.99 21.36
N HIS D 191 2.06 -3.19 21.80
CA HIS D 191 0.78 -3.78 21.47
C HIS D 191 -0.04 -4.27 22.66
N ARG D 192 -1.33 -3.97 22.66
CA ARG D 192 -2.25 -4.29 23.74
C ARG D 192 -1.98 -5.62 24.42
N LYS D 193 -1.83 -6.67 23.63
CA LYS D 193 -1.63 -7.99 24.18
C LYS D 193 -0.19 -8.45 24.09
N GLY D 194 0.73 -7.49 23.97
CA GLY D 194 2.14 -7.78 23.98
C GLY D 194 2.62 -8.64 22.85
N ASP D 195 1.98 -8.52 21.69
CA ASP D 195 2.36 -9.32 20.53
C ASP D 195 3.40 -8.59 19.70
N LYS D 196 4.59 -9.16 19.61
CA LYS D 196 5.69 -8.48 18.94
C LYS D 196 5.49 -8.36 17.45
N ARG D 197 4.51 -9.04 16.89
CA ARG D 197 4.31 -9.01 15.45
C ARG D 197 3.10 -8.16 15.06
N ARG D 198 2.00 -8.28 15.80
CA ARG D 198 0.88 -7.38 15.61
C ARG D 198 1.28 -5.95 15.93
N ALA D 199 2.39 -5.80 16.65
CA ALA D 199 2.94 -4.51 17.00
C ALA D 199 3.54 -3.79 15.81
N ARG D 200 3.71 -4.47 14.69
CA ARG D 200 4.42 -3.88 13.57
C ARG D 200 3.46 -3.28 12.56
N ALA D 201 3.90 -2.28 11.83
CA ALA D 201 3.06 -1.60 10.85
C ALA D 201 2.38 -2.62 9.97
N ALA D 202 1.07 -2.52 9.85
CA ALA D 202 0.26 -3.56 9.22
C ALA D 202 0.37 -3.56 7.71
N ALA D 203 0.39 -2.38 7.13
CA ALA D 203 0.32 -2.25 5.69
C ALA D 203 1.70 -2.21 5.04
N GLU D 204 2.70 -2.71 5.74
CA GLU D 204 4.08 -2.54 5.29
C GLU D 204 4.88 -3.81 5.41
N ASN D 205 4.31 -4.81 6.05
CA ASN D 205 5.01 -6.04 6.31
C ASN D 205 4.23 -7.27 5.90
N ILE D 206 4.93 -8.38 5.83
CA ILE D 206 4.33 -9.69 5.81
C ILE D 206 4.46 -10.11 7.24
N ILE D 207 3.36 -10.43 7.89
CA ILE D 207 3.40 -10.66 9.32
C ILE D 207 2.80 -12.00 9.70
N PRO D 208 3.64 -12.94 10.11
CA PRO D 208 3.17 -14.18 10.70
C PRO D 208 2.27 -13.91 11.89
N ASN D 209 1.24 -14.70 12.09
CA ASN D 209 0.47 -14.60 13.32
C ASN D 209 -0.34 -15.87 13.55
N SER D 210 -0.71 -16.09 14.80
CA SER D 210 -1.39 -17.31 15.17
C SER D 210 -2.84 -17.29 14.77
N THR D 211 -3.37 -18.50 14.62
CA THR D 211 -4.73 -18.67 14.17
C THR D 211 -5.36 -19.65 15.16
N GLY D 212 -6.65 -19.90 15.03
CA GLY D 212 -7.29 -20.85 15.92
C GLY D 212 -8.30 -21.70 15.19
N ALA D 213 -8.71 -21.22 14.02
CA ALA D 213 -9.76 -21.85 13.23
C ALA D 213 -9.48 -23.30 12.88
N ALA D 214 -8.21 -23.70 12.86
CA ALA D 214 -7.85 -25.04 12.43
C ALA D 214 -7.81 -26.00 13.59
N LYS D 215 -7.21 -25.57 14.69
CA LYS D 215 -7.16 -26.40 15.87
C LYS D 215 -8.55 -26.65 16.43
N ALA D 216 -9.47 -25.79 16.04
CA ALA D 216 -10.81 -25.80 16.57
C ALA D 216 -11.86 -26.28 15.56
N ILE D 217 -11.42 -26.94 14.49
CA ILE D 217 -12.34 -27.37 13.44
C ILE D 217 -13.31 -28.40 13.97
N GLY D 218 -12.88 -29.15 14.98
CA GLY D 218 -13.69 -30.21 15.57
C GLY D 218 -15.02 -29.75 16.14
N LYS D 219 -15.16 -28.45 16.37
CA LYS D 219 -16.38 -27.91 16.93
C LYS D 219 -17.48 -27.87 15.90
N VAL D 220 -17.09 -27.90 14.63
CA VAL D 220 -18.01 -27.79 13.52
C VAL D 220 -18.01 -29.09 12.73
N ILE D 221 -16.89 -29.81 12.79
CA ILE D 221 -16.79 -31.13 12.19
C ILE D 221 -16.10 -32.04 13.17
N PRO D 222 -16.88 -32.75 13.98
CA PRO D 222 -16.36 -33.52 15.11
C PRO D 222 -15.55 -34.74 14.72
N GLU D 223 -15.67 -35.22 13.49
CA GLU D 223 -14.99 -36.45 13.11
C GLU D 223 -13.56 -36.22 12.70
N ILE D 224 -13.18 -34.96 12.55
CA ILE D 224 -11.82 -34.61 12.20
C ILE D 224 -11.16 -33.80 13.29
N ASP D 225 -11.74 -33.86 14.49
CA ASP D 225 -11.25 -33.14 15.64
C ASP D 225 -9.77 -33.40 15.89
N GLY D 226 -9.01 -32.33 16.06
CA GLY D 226 -7.58 -32.43 16.34
C GLY D 226 -6.73 -32.97 15.20
N LYS D 227 -7.21 -32.81 13.97
CA LYS D 227 -6.51 -33.35 12.81
C LYS D 227 -6.10 -32.22 11.88
N LEU D 228 -6.32 -31.00 12.33
CA LEU D 228 -5.83 -29.85 11.56
C LEU D 228 -5.08 -28.88 12.45
N ASP D 229 -4.11 -28.19 11.89
CA ASP D 229 -3.49 -27.07 12.58
C ASP D 229 -3.10 -26.05 11.55
N GLY D 230 -2.69 -24.87 12.02
CA GLY D 230 -2.31 -23.81 11.09
C GLY D 230 -1.90 -22.50 11.71
N GLY D 231 -1.75 -21.50 10.86
CA GLY D 231 -1.39 -20.16 11.26
C GLY D 231 -1.80 -19.22 10.16
N ALA D 232 -1.43 -17.95 10.26
CA ALA D 232 -1.76 -17.00 9.21
C ALA D 232 -0.54 -16.23 8.77
N GLN D 233 -0.59 -15.68 7.57
CA GLN D 233 0.35 -14.64 7.18
C GLN D 233 -0.46 -13.42 6.80
N ARG D 234 -0.31 -12.36 7.59
CA ARG D 234 -1.03 -11.12 7.38
C ARG D 234 -0.30 -10.23 6.40
N VAL D 235 -0.94 -9.86 5.29
CA VAL D 235 -0.29 -9.07 4.26
C VAL D 235 -1.04 -7.77 3.98
N PRO D 236 -0.41 -6.84 3.24
CA PRO D 236 -1.08 -5.56 3.02
C PRO D 236 -2.24 -5.45 2.02
N VAL D 237 -3.24 -6.29 2.16
CA VAL D 237 -4.52 -5.97 1.54
C VAL D 237 -5.47 -5.70 2.69
N ALA D 238 -6.35 -4.71 2.55
CA ALA D 238 -7.19 -4.32 3.67
C ALA D 238 -8.36 -5.30 3.90
N THR D 239 -8.80 -5.99 2.87
CA THR D 239 -9.75 -7.06 3.08
C THR D 239 -9.69 -8.05 1.92
N GLY D 240 -9.88 -9.32 2.21
CA GLY D 240 -9.74 -10.36 1.22
C GLY D 240 -8.67 -11.33 1.65
N SER D 241 -9.01 -12.60 1.74
CA SER D 241 -8.05 -13.57 2.23
C SER D 241 -8.03 -14.82 1.39
N LEU D 242 -7.09 -15.68 1.68
CA LEU D 242 -6.96 -16.94 0.98
C LEU D 242 -6.50 -18.00 1.95
N THR D 243 -7.13 -19.15 1.91
CA THR D 243 -6.77 -20.23 2.81
C THR D 243 -6.20 -21.37 2.02
N GLU D 244 -4.99 -21.76 2.35
CA GLU D 244 -4.35 -22.88 1.71
C GLU D 244 -4.33 -24.01 2.70
N LEU D 245 -4.70 -25.19 2.24
CA LEU D 245 -4.80 -26.34 3.11
C LEU D 245 -3.97 -27.44 2.52
N THR D 246 -3.05 -27.98 3.32
CA THR D 246 -2.19 -29.03 2.80
C THR D 246 -2.44 -30.30 3.56
N VAL D 247 -2.98 -31.30 2.86
CA VAL D 247 -3.51 -32.48 3.50
C VAL D 247 -2.91 -33.84 3.10
N VAL D 248 -3.03 -34.79 4.01
CA VAL D 248 -2.71 -36.20 3.78
C VAL D 248 -4.00 -37.00 3.78
N LEU D 249 -4.32 -37.64 2.67
CA LEU D 249 -5.55 -38.42 2.58
C LEU D 249 -5.28 -39.93 2.72
N GLU D 250 -6.30 -40.71 3.08
CA GLU D 250 -6.11 -42.16 3.13
C GLU D 250 -6.50 -42.81 1.81
N LYS D 251 -7.45 -42.22 1.07
CA LYS D 251 -7.69 -42.59 -0.31
C LYS D 251 -6.43 -42.31 -1.10
N GLN D 252 -6.03 -43.20 -2.00
CA GLN D 252 -4.62 -43.23 -2.39
C GLN D 252 -4.20 -42.86 -3.80
N ASP D 253 -5.06 -42.96 -4.80
CA ASP D 253 -4.65 -42.47 -6.11
C ASP D 253 -5.49 -41.29 -6.50
N VAL D 254 -5.51 -40.30 -5.63
CA VAL D 254 -6.29 -39.10 -5.82
C VAL D 254 -5.72 -38.23 -6.94
N THR D 255 -6.60 -37.63 -7.74
CA THR D 255 -6.14 -36.71 -8.76
C THR D 255 -6.72 -35.33 -8.57
N VAL D 256 -6.09 -34.34 -9.20
CA VAL D 256 -6.58 -32.99 -9.18
C VAL D 256 -8.02 -32.93 -9.66
N GLU D 257 -8.36 -33.73 -10.66
CA GLU D 257 -9.72 -33.71 -11.19
C GLU D 257 -10.71 -34.24 -10.18
N GLN D 258 -10.32 -35.30 -9.46
CA GLN D 258 -11.16 -35.87 -8.43
C GLN D 258 -11.48 -34.84 -7.35
N VAL D 259 -10.46 -34.18 -6.85
CA VAL D 259 -10.62 -33.14 -5.82
C VAL D 259 -11.51 -32.02 -6.30
N ASN D 260 -11.19 -31.45 -7.44
CA ASN D 260 -11.95 -30.35 -7.98
C ASN D 260 -13.40 -30.68 -8.20
N GLU D 261 -13.66 -31.89 -8.68
CA GLU D 261 -15.02 -32.30 -8.99
C GLU D 261 -15.82 -32.47 -7.70
N ALA D 262 -15.17 -33.03 -6.70
CA ALA D 262 -15.80 -33.22 -5.40
C ALA D 262 -16.13 -31.89 -4.78
N MET D 263 -15.34 -30.88 -5.12
CA MET D 263 -15.56 -29.56 -4.58
C MET D 263 -16.67 -28.87 -5.35
N LYS D 264 -16.66 -28.99 -6.67
CA LYS D 264 -17.71 -28.39 -7.48
C LYS D 264 -19.10 -28.94 -7.12
N ASN D 265 -19.19 -30.24 -6.89
CA ASN D 265 -20.47 -30.86 -6.65
C ASN D 265 -21.09 -30.40 -5.34
N ALA D 266 -20.24 -30.00 -4.40
CA ALA D 266 -20.70 -29.57 -3.08
C ALA D 266 -20.98 -28.08 -3.05
N SER D 267 -21.00 -27.46 -4.21
CA SER D 267 -21.19 -26.03 -4.27
C SER D 267 -22.60 -25.64 -3.87
N ASN D 268 -22.71 -24.54 -3.12
CA ASN D 268 -24.00 -23.96 -2.78
C ASN D 268 -23.82 -22.48 -2.47
N GLU D 269 -24.83 -21.84 -1.91
CA GLU D 269 -24.79 -20.41 -1.66
C GLU D 269 -23.68 -20.02 -0.71
N SER D 270 -23.30 -20.95 0.16
CA SER D 270 -22.19 -20.74 1.08
C SER D 270 -20.86 -21.12 0.44
N PHE D 271 -20.84 -22.25 -0.25
CA PHE D 271 -19.61 -22.75 -0.85
C PHE D 271 -19.58 -22.46 -2.34
N GLY D 272 -18.72 -21.53 -2.74
CA GLY D 272 -18.57 -21.17 -4.14
C GLY D 272 -17.58 -22.05 -4.86
N TYR D 273 -17.65 -22.06 -6.18
CA TYR D 273 -16.66 -22.77 -6.98
C TYR D 273 -16.24 -21.87 -8.10
N THR D 274 -14.94 -21.77 -8.35
CA THR D 274 -14.48 -21.01 -9.49
C THR D 274 -13.29 -21.68 -10.19
N GLU D 275 -13.11 -21.32 -11.45
CA GLU D 275 -11.96 -21.76 -12.21
C GLU D 275 -11.32 -20.55 -12.90
N ASP D 276 -11.90 -19.38 -12.69
CA ASP D 276 -11.29 -18.12 -13.13
C ASP D 276 -10.05 -17.80 -12.31
N GLU D 277 -9.08 -17.17 -12.95
CA GLU D 277 -7.85 -16.79 -12.28
C GLU D 277 -8.02 -15.43 -11.67
N ILE D 278 -8.62 -15.41 -10.49
CA ILE D 278 -9.03 -14.19 -9.81
C ILE D 278 -8.02 -13.82 -8.77
N VAL D 279 -8.05 -12.58 -8.31
CA VAL D 279 -7.18 -12.17 -7.20
C VAL D 279 -7.98 -11.64 -6.04
N SER D 280 -7.30 -11.24 -4.98
CA SER D 280 -7.97 -11.00 -3.70
C SER D 280 -9.07 -9.95 -3.77
N SER D 281 -8.88 -8.91 -4.57
CA SER D 281 -9.85 -7.83 -4.57
C SER D 281 -11.14 -8.30 -5.21
N ASP D 282 -11.05 -9.37 -5.99
CA ASP D 282 -12.20 -9.89 -6.71
C ASP D 282 -13.24 -10.54 -5.80
N VAL D 283 -12.85 -10.93 -4.59
CA VAL D 283 -13.80 -11.45 -3.63
C VAL D 283 -14.21 -10.45 -2.55
N VAL D 284 -13.73 -9.22 -2.60
CA VAL D 284 -14.16 -8.23 -1.65
C VAL D 284 -15.66 -7.98 -1.80
N GLY D 285 -16.41 -8.23 -0.73
CA GLY D 285 -17.81 -7.89 -0.74
C GLY D 285 -18.74 -9.05 -1.11
N MET D 286 -18.16 -10.17 -1.48
CA MET D 286 -18.94 -11.31 -1.93
C MET D 286 -19.67 -11.92 -0.76
N THR D 287 -20.51 -12.91 -1.04
CA THR D 287 -21.37 -13.47 -0.02
C THR D 287 -21.19 -14.96 0.19
N TYR D 288 -20.28 -15.60 -0.54
CA TYR D 288 -19.94 -16.98 -0.27
C TYR D 288 -19.16 -17.01 1.02
N GLY D 289 -19.37 -18.01 1.87
CA GLY D 289 -18.58 -18.08 3.09
C GLY D 289 -17.18 -18.58 2.82
N SER D 290 -16.93 -18.92 1.56
CA SER D 290 -15.76 -19.65 1.13
C SER D 290 -15.86 -19.88 -0.36
N LEU D 291 -14.84 -19.51 -1.12
CA LEU D 291 -14.87 -19.69 -2.56
C LEU D 291 -13.73 -20.57 -3.00
N PHE D 292 -14.03 -21.80 -3.38
CA PHE D 292 -13.00 -22.76 -3.76
C PHE D 292 -12.35 -22.38 -5.08
N ASP D 293 -11.02 -22.35 -5.10
CA ASP D 293 -10.28 -22.01 -6.29
C ASP D 293 -9.64 -23.26 -6.89
N ALA D 294 -10.13 -23.66 -8.05
CA ALA D 294 -9.74 -24.93 -8.65
C ALA D 294 -8.36 -24.82 -9.25
N THR D 295 -8.08 -23.70 -9.90
CA THR D 295 -6.77 -23.42 -10.46
C THR D 295 -5.61 -23.56 -9.47
N GLN D 296 -5.91 -23.72 -8.19
CA GLN D 296 -4.86 -23.82 -7.20
C GLN D 296 -4.65 -25.22 -6.68
N THR D 297 -5.42 -26.18 -7.17
CA THR D 297 -5.36 -27.53 -6.62
C THR D 297 -4.06 -28.19 -7.05
N ARG D 298 -3.45 -28.93 -6.13
CA ARG D 298 -2.18 -29.59 -6.39
C ARG D 298 -2.07 -30.92 -5.70
N VAL D 299 -1.58 -31.92 -6.43
CA VAL D 299 -1.34 -33.23 -5.86
C VAL D 299 0.11 -33.65 -6.07
N MET D 300 0.82 -33.91 -4.98
CA MET D 300 2.20 -34.36 -5.09
C MET D 300 2.28 -35.86 -4.85
N SER D 301 2.75 -36.60 -5.83
CA SER D 301 2.80 -38.05 -5.74
C SER D 301 4.22 -38.56 -5.86
N VAL D 302 4.73 -39.21 -4.83
CA VAL D 302 6.03 -39.83 -4.90
C VAL D 302 5.87 -41.26 -4.42
N GLY D 303 5.81 -42.18 -5.37
CA GLY D 303 5.45 -43.55 -5.08
C GLY D 303 3.96 -43.67 -4.74
N ASP D 304 3.67 -44.47 -3.73
CA ASP D 304 2.29 -44.62 -3.29
C ASP D 304 1.90 -43.61 -2.23
N ARG D 305 2.73 -42.59 -2.02
CA ARG D 305 2.46 -41.58 -1.01
C ARG D 305 2.12 -40.24 -1.65
N GLN D 306 1.00 -39.65 -1.26
CA GLN D 306 0.58 -38.38 -1.83
C GLN D 306 0.62 -37.23 -0.85
N LEU D 307 0.43 -36.04 -1.39
CA LEU D 307 0.17 -34.81 -0.66
C LEU D 307 -0.79 -34.01 -1.51
N VAL D 308 -1.83 -33.46 -0.91
CA VAL D 308 -2.75 -32.67 -1.68
C VAL D 308 -2.79 -31.27 -1.11
N LYS D 309 -2.96 -30.28 -1.98
CA LYS D 309 -3.07 -28.91 -1.57
C LYS D 309 -4.28 -28.31 -2.26
N VAL D 310 -5.14 -27.64 -1.50
CA VAL D 310 -6.26 -26.92 -2.08
C VAL D 310 -6.29 -25.51 -1.53
N ALA D 311 -7.06 -24.63 -2.16
CA ALA D 311 -7.10 -23.24 -1.71
C ALA D 311 -8.45 -22.55 -1.96
N ALA D 312 -8.90 -21.80 -0.97
CA ALA D 312 -10.21 -21.13 -1.07
C ALA D 312 -10.16 -19.66 -0.67
N TRP D 313 -10.80 -18.81 -1.48
CA TRP D 313 -10.91 -17.39 -1.16
C TRP D 313 -12.07 -17.11 -0.23
N TYR D 314 -11.98 -16.01 0.50
CA TYR D 314 -13.08 -15.50 1.30
C TYR D 314 -12.85 -14.06 1.68
N ASP D 315 -13.84 -13.20 1.48
CA ASP D 315 -13.77 -11.86 2.01
C ASP D 315 -13.93 -11.96 3.52
N ASN D 316 -12.81 -11.96 4.25
CA ASN D 316 -12.79 -12.15 5.71
C ASN D 316 -13.78 -11.28 6.45
N GLU D 317 -14.20 -10.19 5.81
CA GLU D 317 -15.27 -9.37 6.35
C GLU D 317 -16.63 -9.89 5.84
N MET D 318 -16.95 -9.64 4.57
CA MET D 318 -18.32 -9.82 4.11
C MET D 318 -18.72 -11.28 3.86
N SER D 319 -17.76 -12.17 3.67
CA SER D 319 -18.09 -13.57 3.59
C SER D 319 -18.57 -14.11 4.92
N TYR D 320 -17.95 -13.65 6.00
CA TYR D 320 -18.32 -14.05 7.35
C TYR D 320 -19.63 -13.37 7.76
N THR D 321 -19.84 -12.18 7.24
CA THR D 321 -21.09 -11.46 7.45
C THR D 321 -22.26 -12.20 6.82
N ALA D 322 -22.07 -12.64 5.59
CA ALA D 322 -23.09 -13.39 4.88
C ALA D 322 -23.41 -14.67 5.64
N GLN D 323 -22.40 -15.35 6.16
CA GLN D 323 -22.63 -16.58 6.90
C GLN D 323 -23.44 -16.36 8.16
N LEU D 324 -23.08 -15.33 8.93
CA LEU D 324 -23.78 -15.00 10.17
C LEU D 324 -25.22 -14.73 9.89
N VAL D 325 -25.48 -13.88 8.90
CA VAL D 325 -26.85 -13.50 8.60
C VAL D 325 -27.66 -14.73 8.23
N ARG D 326 -27.06 -15.62 7.45
CA ARG D 326 -27.69 -16.89 7.12
C ARG D 326 -28.06 -17.68 8.36
N THR D 327 -27.18 -17.73 9.34
CA THR D 327 -27.48 -18.51 10.54
C THR D 327 -28.48 -17.78 11.43
N LEU D 328 -28.48 -16.45 11.36
CA LEU D 328 -29.42 -15.64 12.12
C LEU D 328 -30.84 -15.95 11.66
N ALA D 329 -31.00 -15.98 10.34
CA ALA D 329 -32.28 -16.25 9.72
C ALA D 329 -32.77 -17.62 10.09
N TYR D 330 -31.85 -18.57 10.22
CA TYR D 330 -32.23 -19.92 10.56
C TYR D 330 -32.69 -19.97 12.00
N LEU D 331 -31.95 -19.30 12.87
CA LEU D 331 -32.32 -19.26 14.28
C LEU D 331 -33.72 -18.70 14.51
N ALA D 332 -34.14 -17.82 13.61
CA ALA D 332 -35.42 -17.17 13.74
C ALA D 332 -36.50 -18.00 13.07
N GLU D 333 -36.12 -18.82 12.10
CA GLU D 333 -37.08 -19.68 11.45
C GLU D 333 -37.42 -20.85 12.35
N LEU D 334 -36.78 -20.94 13.51
CA LEU D 334 -37.12 -21.95 14.48
C LEU D 334 -38.15 -21.41 15.46
N SER D 335 -38.98 -20.47 15.00
CA SER D 335 -40.27 -20.23 15.62
C SER D 335 -41.07 -21.49 15.35
N LYS D 336 -40.77 -22.52 16.14
CA LYS D 336 -41.12 -23.92 15.89
C LYS D 336 -41.18 -24.27 14.39
#